data_2CQO
#
_entry.id   2CQO
#
_cell.length_a   1.000
_cell.length_b   1.000
_cell.length_c   1.000
_cell.angle_alpha   90.00
_cell.angle_beta   90.00
_cell.angle_gamma   90.00
#
_symmetry.space_group_name_H-M   'P 1'
#
_entity_poly.entity_id   1
_entity_poly.type   'polypeptide(L)'
_entity_poly.pdbx_seq_one_letter_code
;GSSGSSGMNSGRPETMENLPALYTIFQGEVAMVTDYGAFIKIPGCRKQGLVHRTHMSSCRVDKPSEIVDVGDKVWVKLIG
REMKNDRIKVSLSMKVVNQGTGKDLDPNNVIIESGPSSG
;
_entity_poly.pdbx_strand_id   A
#
# COMPACT_ATOMS: atom_id res chain seq x y z
N GLY A 1 28.29 -18.42 -17.22
CA GLY A 1 27.04 -17.68 -17.10
C GLY A 1 26.28 -18.03 -15.84
N SER A 2 25.21 -17.28 -15.57
CA SER A 2 24.39 -17.50 -14.39
C SER A 2 23.37 -18.59 -14.64
N SER A 3 23.47 -19.69 -13.89
CA SER A 3 22.55 -20.81 -14.03
C SER A 3 21.31 -20.60 -13.16
N GLY A 4 20.15 -20.56 -13.81
CA GLY A 4 18.90 -20.37 -13.10
C GLY A 4 17.72 -20.17 -14.02
N SER A 5 16.52 -20.49 -13.53
CA SER A 5 15.32 -20.35 -14.32
C SER A 5 14.86 -18.89 -14.37
N SER A 6 14.25 -18.51 -15.49
CA SER A 6 13.76 -17.14 -15.67
C SER A 6 12.25 -17.08 -15.54
N GLY A 7 11.57 -17.99 -16.23
CA GLY A 7 10.12 -18.02 -16.18
C GLY A 7 9.54 -19.26 -16.84
N MET A 8 8.49 -19.81 -16.24
CA MET A 8 7.84 -21.00 -16.78
C MET A 8 6.36 -20.75 -17.02
N ASN A 9 5.79 -19.80 -16.28
CA ASN A 9 4.38 -19.48 -16.41
C ASN A 9 4.20 -18.08 -16.99
N SER A 10 3.89 -18.01 -18.28
CA SER A 10 3.70 -16.72 -18.96
C SER A 10 2.22 -16.34 -18.99
N GLY A 11 1.95 -15.05 -18.87
CA GLY A 11 0.58 -14.57 -18.89
C GLY A 11 -0.24 -15.13 -17.75
N ARG A 12 -0.99 -14.27 -17.07
CA ARG A 12 -1.82 -14.69 -15.95
C ARG A 12 -3.23 -14.14 -16.10
N PRO A 13 -4.23 -15.01 -15.87
CA PRO A 13 -5.65 -14.64 -15.97
C PRO A 13 -6.08 -13.70 -14.84
N GLU A 14 -7.38 -13.42 -14.78
CA GLU A 14 -7.91 -12.53 -13.74
C GLU A 14 -8.58 -13.34 -12.64
N THR A 15 -7.84 -13.57 -11.56
CA THR A 15 -8.35 -14.32 -10.42
C THR A 15 -8.54 -13.44 -9.20
N MET A 16 -9.20 -13.97 -8.18
CA MET A 16 -9.44 -13.23 -6.95
C MET A 16 -8.14 -12.66 -6.39
N GLU A 17 -7.02 -13.32 -6.69
CA GLU A 17 -5.72 -12.88 -6.23
C GLU A 17 -5.04 -12.00 -7.28
N ASN A 18 -5.70 -10.91 -7.63
CA ASN A 18 -5.16 -9.98 -8.63
C ASN A 18 -4.19 -8.99 -7.98
N LEU A 19 -4.55 -8.52 -6.79
CA LEU A 19 -3.72 -7.57 -6.06
C LEU A 19 -2.26 -8.03 -6.03
N PRO A 20 -1.34 -7.07 -5.87
CA PRO A 20 0.09 -7.35 -5.81
C PRO A 20 0.49 -8.09 -4.54
N ALA A 21 1.73 -8.57 -4.49
CA ALA A 21 2.23 -9.29 -3.33
C ALA A 21 2.54 -8.33 -2.18
N LEU A 22 2.82 -8.88 -1.02
CA LEU A 22 3.14 -8.07 0.17
C LEU A 22 4.45 -7.33 -0.02
N TYR A 23 4.49 -6.09 0.43
CA TYR A 23 5.69 -5.26 0.32
C TYR A 23 6.07 -5.06 -1.14
N THR A 24 5.08 -5.11 -2.01
CA THR A 24 5.31 -4.94 -3.45
C THR A 24 5.20 -3.47 -3.85
N ILE A 25 6.08 -3.04 -4.75
CA ILE A 25 6.08 -1.66 -5.21
C ILE A 25 5.46 -1.55 -6.60
N PHE A 26 4.55 -0.59 -6.75
CA PHE A 26 3.87 -0.38 -8.03
C PHE A 26 3.47 1.09 -8.18
N GLN A 27 3.03 1.44 -9.39
CA GLN A 27 2.61 2.82 -9.67
C GLN A 27 1.10 2.90 -9.84
N GLY A 28 0.46 3.75 -9.03
CA GLY A 28 -0.98 3.90 -9.11
C GLY A 28 -1.41 5.36 -9.10
N GLU A 29 -2.65 5.61 -9.50
CA GLU A 29 -3.17 6.97 -9.55
C GLU A 29 -4.20 7.20 -8.43
N VAL A 30 -4.25 8.43 -7.93
CA VAL A 30 -5.17 8.78 -6.87
C VAL A 30 -6.61 8.88 -7.39
N ALA A 31 -7.51 8.16 -6.75
CA ALA A 31 -8.92 8.17 -7.15
C ALA A 31 -9.78 8.92 -6.13
N MET A 32 -9.30 8.97 -4.89
CA MET A 32 -10.03 9.65 -3.83
C MET A 32 -9.06 10.29 -2.83
N VAL A 33 -9.39 11.48 -2.36
CA VAL A 33 -8.56 12.20 -1.40
C VAL A 33 -9.33 12.52 -0.13
N THR A 34 -8.80 12.08 1.01
CA THR A 34 -9.44 12.33 2.29
C THR A 34 -8.48 13.00 3.27
N ASP A 35 -9.03 13.61 4.31
CA ASP A 35 -8.23 14.28 5.32
C ASP A 35 -7.51 13.27 6.20
N TYR A 36 -7.69 11.99 5.90
CA TYR A 36 -7.07 10.93 6.67
C TYR A 36 -6.29 9.99 5.76
N GLY A 37 -6.14 10.36 4.51
CA GLY A 37 -5.42 9.55 3.55
C GLY A 37 -5.92 9.71 2.13
N ALA A 38 -5.47 8.83 1.24
CA ALA A 38 -5.89 8.89 -0.15
C ALA A 38 -5.94 7.49 -0.76
N PHE A 39 -6.89 7.28 -1.67
CA PHE A 39 -7.05 5.99 -2.32
C PHE A 39 -6.30 5.94 -3.64
N ILE A 40 -5.60 4.84 -3.87
CA ILE A 40 -4.82 4.67 -5.10
C ILE A 40 -5.28 3.45 -5.87
N LYS A 41 -5.31 3.58 -7.20
CA LYS A 41 -5.73 2.48 -8.07
C LYS A 41 -4.53 1.70 -8.58
N ILE A 42 -4.51 0.40 -8.30
CA ILE A 42 -3.41 -0.45 -8.74
C ILE A 42 -3.65 -0.95 -10.17
N PRO A 43 -2.57 -0.94 -10.97
CA PRO A 43 -2.63 -1.39 -12.36
C PRO A 43 -2.83 -2.90 -12.48
N GLY A 44 -4.01 -3.30 -12.94
CA GLY A 44 -4.30 -4.72 -13.10
C GLY A 44 -4.83 -5.34 -11.82
N CYS A 45 -5.81 -4.69 -11.20
CA CYS A 45 -6.39 -5.18 -9.96
C CYS A 45 -7.91 -5.02 -9.97
N ARG A 46 -8.54 -5.35 -8.85
CA ARG A 46 -9.99 -5.24 -8.74
C ARG A 46 -10.38 -4.32 -7.58
N LYS A 47 -9.53 -4.28 -6.56
CA LYS A 47 -9.78 -3.45 -5.39
C LYS A 47 -8.74 -2.35 -5.27
N GLN A 48 -9.08 -1.29 -4.55
CA GLN A 48 -8.17 -0.16 -4.36
C GLN A 48 -7.66 -0.11 -2.92
N GLY A 49 -6.46 0.44 -2.75
CA GLY A 49 -5.89 0.53 -1.41
C GLY A 49 -5.95 1.94 -0.85
N LEU A 50 -5.91 2.06 0.47
CA LEU A 50 -5.96 3.36 1.12
C LEU A 50 -4.62 3.70 1.77
N VAL A 51 -4.21 4.95 1.63
CA VAL A 51 -2.94 5.41 2.20
C VAL A 51 -3.19 6.43 3.32
N HIS A 52 -3.10 5.97 4.56
CA HIS A 52 -3.31 6.85 5.71
C HIS A 52 -2.47 8.13 5.58
N ARG A 53 -2.94 9.20 6.21
CA ARG A 53 -2.23 10.47 6.17
C ARG A 53 -0.83 10.35 6.77
N THR A 54 -0.69 9.46 7.75
CA THR A 54 0.59 9.24 8.41
C THR A 54 1.62 8.68 7.43
N HIS A 55 1.14 7.94 6.45
CA HIS A 55 2.02 7.34 5.44
C HIS A 55 2.09 8.21 4.19
N MET A 56 1.06 9.03 3.99
CA MET A 56 1.00 9.91 2.84
C MET A 56 2.29 10.72 2.69
N SER A 57 2.90 11.05 3.83
CA SER A 57 4.14 11.82 3.82
C SER A 57 4.94 11.56 5.10
N SER A 58 6.22 11.24 4.94
CA SER A 58 7.10 10.97 6.07
C SER A 58 7.02 12.09 7.10
N CYS A 59 7.32 13.31 6.67
CA CYS A 59 7.29 14.46 7.55
C CYS A 59 5.90 14.67 8.12
N ARG A 60 5.73 15.73 8.91
CA ARG A 60 4.45 16.04 9.52
C ARG A 60 3.39 16.32 8.45
N VAL A 61 2.22 15.71 8.61
CA VAL A 61 1.12 15.89 7.66
C VAL A 61 -0.02 16.66 8.29
N ASP A 62 -0.25 17.89 7.82
CA ASP A 62 -1.32 18.71 8.34
C ASP A 62 -2.50 18.75 7.37
N LYS A 63 -2.20 18.85 6.08
CA LYS A 63 -3.24 18.89 5.05
C LYS A 63 -2.90 17.93 3.90
N PRO A 64 -3.34 16.67 4.04
CA PRO A 64 -3.09 15.65 3.03
C PRO A 64 -3.89 15.89 1.74
N SER A 65 -4.92 16.72 1.85
CA SER A 65 -5.77 17.04 0.71
C SER A 65 -5.07 18.00 -0.24
N GLU A 66 -3.88 18.47 0.16
CA GLU A 66 -3.11 19.40 -0.64
C GLU A 66 -1.86 18.73 -1.20
N ILE A 67 -1.50 17.58 -0.62
CA ILE A 67 -0.32 16.84 -1.05
C ILE A 67 -0.57 16.15 -2.39
N VAL A 68 -1.76 15.57 -2.53
CA VAL A 68 -2.13 14.87 -3.76
C VAL A 68 -3.52 15.27 -4.23
N ASP A 69 -3.88 14.86 -5.43
CA ASP A 69 -5.18 15.18 -6.00
C ASP A 69 -5.56 14.19 -7.10
N VAL A 70 -6.83 13.76 -7.08
CA VAL A 70 -7.31 12.81 -8.08
C VAL A 70 -6.73 13.10 -9.45
N GLY A 71 -6.11 12.09 -10.05
CA GLY A 71 -5.51 12.24 -11.37
C GLY A 71 -4.00 12.18 -11.33
N ASP A 72 -3.43 12.35 -10.14
CA ASP A 72 -1.98 12.30 -9.97
C ASP A 72 -1.51 10.87 -9.76
N LYS A 73 -0.41 10.50 -10.42
CA LYS A 73 0.14 9.17 -10.30
C LYS A 73 1.38 9.17 -9.41
N VAL A 74 1.43 8.23 -8.47
CA VAL A 74 2.56 8.13 -7.55
C VAL A 74 2.92 6.68 -7.28
N TRP A 75 4.05 6.46 -6.63
CA TRP A 75 4.50 5.11 -6.31
C TRP A 75 4.15 4.75 -4.86
N VAL A 76 3.57 3.57 -4.67
CA VAL A 76 3.19 3.11 -3.35
C VAL A 76 3.67 1.68 -3.11
N LYS A 77 3.78 1.30 -1.84
CA LYS A 77 4.22 -0.04 -1.47
C LYS A 77 3.27 -0.66 -0.46
N LEU A 78 2.81 -1.87 -0.76
CA LEU A 78 1.89 -2.58 0.13
C LEU A 78 2.54 -2.84 1.49
N ILE A 79 1.84 -2.45 2.55
CA ILE A 79 2.34 -2.65 3.90
C ILE A 79 1.52 -3.71 4.64
N GLY A 80 0.27 -3.88 4.22
CA GLY A 80 -0.58 -4.87 4.85
C GLY A 80 -1.83 -5.17 4.03
N ARG A 81 -1.97 -6.42 3.63
CA ARG A 81 -3.11 -6.84 2.83
C ARG A 81 -3.90 -7.94 3.54
N GLU A 82 -5.20 -7.71 3.72
CA GLU A 82 -6.05 -8.67 4.39
C GLU A 82 -7.33 -8.92 3.58
N MET A 83 -7.58 -10.18 3.25
CA MET A 83 -8.76 -10.55 2.48
C MET A 83 -9.68 -11.45 3.29
N LYS A 84 -10.87 -10.95 3.61
CA LYS A 84 -11.84 -11.72 4.38
C LYS A 84 -13.12 -11.94 3.58
N ASN A 85 -13.74 -13.09 3.79
CA ASN A 85 -14.97 -13.43 3.09
C ASN A 85 -16.07 -12.40 3.38
N ASP A 86 -15.84 -11.58 4.39
CA ASP A 86 -16.81 -10.55 4.78
C ASP A 86 -16.42 -9.20 4.19
N ARG A 87 -15.12 -8.99 4.00
CA ARG A 87 -14.62 -7.74 3.45
C ARG A 87 -13.11 -7.81 3.23
N ILE A 88 -12.60 -6.97 2.34
CA ILE A 88 -11.18 -6.94 2.03
C ILE A 88 -10.57 -5.58 2.40
N LYS A 89 -9.47 -5.61 3.13
CA LYS A 89 -8.78 -4.39 3.55
C LYS A 89 -7.38 -4.33 2.95
N VAL A 90 -7.06 -3.20 2.32
CA VAL A 90 -5.75 -3.02 1.71
C VAL A 90 -5.10 -1.71 2.20
N SER A 91 -3.87 -1.81 2.68
CA SER A 91 -3.15 -0.65 3.18
C SER A 91 -1.90 -0.38 2.33
N LEU A 92 -1.77 0.85 1.86
CA LEU A 92 -0.62 1.23 1.05
C LEU A 92 0.15 2.37 1.69
N SER A 93 1.45 2.44 1.40
CA SER A 93 2.30 3.48 1.96
C SER A 93 3.05 4.22 0.86
N MET A 94 3.34 5.49 1.10
CA MET A 94 4.04 6.32 0.13
C MET A 94 5.31 6.92 0.74
N LYS A 95 5.28 7.14 2.05
CA LYS A 95 6.42 7.71 2.76
C LYS A 95 7.63 6.77 2.70
N VAL A 96 7.39 5.54 2.25
CA VAL A 96 8.44 4.55 2.14
C VAL A 96 8.76 4.23 0.68
N VAL A 97 8.25 5.07 -0.22
CA VAL A 97 8.48 4.88 -1.65
C VAL A 97 8.77 6.22 -2.34
N ASN A 98 9.84 6.24 -3.14
CA ASN A 98 10.23 7.45 -3.85
C ASN A 98 9.14 7.88 -4.83
N GLN A 99 9.25 9.10 -5.35
CA GLN A 99 8.29 9.62 -6.30
C GLN A 99 8.94 9.92 -7.65
N GLY A 100 10.27 9.91 -7.66
CA GLY A 100 11.01 10.19 -8.89
C GLY A 100 11.30 8.93 -9.68
N THR A 101 11.55 7.83 -8.98
CA THR A 101 11.85 6.56 -9.62
C THR A 101 10.92 5.46 -9.12
N GLY A 102 10.50 5.55 -7.87
CA GLY A 102 9.62 4.55 -7.30
C GLY A 102 10.37 3.43 -6.61
N LYS A 103 11.66 3.66 -6.34
CA LYS A 103 12.48 2.65 -5.69
C LYS A 103 12.18 2.59 -4.19
N ASP A 104 12.27 1.39 -3.62
CA ASP A 104 12.01 1.18 -2.21
C ASP A 104 12.95 2.02 -1.35
N LEU A 105 12.40 2.73 -0.38
CA LEU A 105 13.19 3.56 0.50
C LEU A 105 13.30 2.96 1.90
N ASP A 106 12.40 2.02 2.19
CA ASP A 106 12.38 1.34 3.48
C ASP A 106 12.32 -0.16 3.31
N PRO A 107 13.46 -0.77 2.93
CA PRO A 107 13.56 -2.21 2.72
C PRO A 107 13.47 -3.00 4.03
N ASN A 108 13.35 -2.28 5.14
CA ASN A 108 13.26 -2.90 6.45
C ASN A 108 11.80 -3.20 6.81
N ASN A 109 10.92 -2.24 6.50
CA ASN A 109 9.50 -2.40 6.79
C ASN A 109 9.25 -2.48 8.29
N VAL A 110 9.94 -1.61 9.03
CA VAL A 110 9.79 -1.57 10.48
C VAL A 110 8.89 -0.42 10.92
N ILE A 111 9.01 0.72 10.22
CA ILE A 111 8.22 1.89 10.54
C ILE A 111 6.72 1.61 10.37
N ILE A 112 6.38 0.89 9.30
CA ILE A 112 4.99 0.55 9.04
C ILE A 112 4.38 -0.21 10.19
N GLU A 113 5.23 -0.79 11.03
CA GLU A 113 4.76 -1.55 12.19
C GLU A 113 4.70 -0.67 13.43
N SER A 114 3.52 -0.58 14.03
CA SER A 114 3.31 0.24 15.22
C SER A 114 4.31 -0.15 16.31
N GLY A 115 5.45 0.53 16.34
CA GLY A 115 6.46 0.26 17.33
C GLY A 115 6.72 1.43 18.25
N PRO A 116 7.34 1.17 19.40
CA PRO A 116 7.66 2.20 20.39
C PRO A 116 8.76 3.15 19.91
N SER A 117 8.64 4.42 20.26
CA SER A 117 9.61 5.42 19.87
C SER A 117 9.49 6.67 20.73
N SER A 118 10.50 7.54 20.65
CA SER A 118 10.51 8.77 21.43
C SER A 118 9.83 9.91 20.66
N GLY A 119 9.40 10.93 21.38
CA GLY A 119 8.74 12.06 20.75
C GLY A 119 7.82 11.64 19.62
N GLY A 1 -10.76 -22.53 9.82
CA GLY A 1 -12.18 -22.67 9.55
C GLY A 1 -12.75 -21.45 8.85
N SER A 2 -13.34 -20.55 9.63
CA SER A 2 -13.94 -19.33 9.08
C SER A 2 -13.47 -18.10 9.85
N SER A 3 -13.39 -18.23 11.16
CA SER A 3 -12.96 -17.13 12.02
C SER A 3 -11.62 -17.43 12.67
N GLY A 4 -10.54 -17.16 11.94
CA GLY A 4 -9.21 -17.42 12.47
C GLY A 4 -8.15 -17.43 11.38
N SER A 5 -6.90 -17.67 11.78
CA SER A 5 -5.79 -17.70 10.83
C SER A 5 -5.33 -19.13 10.57
N SER A 6 -5.36 -19.53 9.31
CA SER A 6 -4.95 -20.87 8.92
C SER A 6 -3.62 -20.85 8.17
N GLY A 7 -2.68 -21.67 8.62
CA GLY A 7 -1.38 -21.72 7.97
C GLY A 7 -1.00 -23.13 7.54
N MET A 8 -0.88 -24.03 8.50
CA MET A 8 -0.52 -25.42 8.21
C MET A 8 -1.19 -25.89 6.93
N ASN A 9 -2.50 -25.67 6.84
CA ASN A 9 -3.26 -26.09 5.66
C ASN A 9 -2.47 -25.85 4.38
N SER A 10 -2.32 -26.89 3.58
CA SER A 10 -1.57 -26.81 2.33
C SER A 10 -2.51 -26.64 1.14
N GLY A 11 -2.58 -25.43 0.60
CA GLY A 11 -3.45 -25.17 -0.54
C GLY A 11 -4.56 -24.19 -0.20
N ARG A 12 -5.03 -23.47 -1.21
CA ARG A 12 -6.09 -22.49 -1.03
C ARG A 12 -7.02 -22.46 -2.23
N PRO A 13 -8.32 -22.25 -1.98
CA PRO A 13 -9.34 -22.19 -3.03
C PRO A 13 -9.22 -20.93 -3.89
N GLU A 14 -9.88 -20.94 -5.04
CA GLU A 14 -9.85 -19.81 -5.95
C GLU A 14 -10.38 -18.55 -5.28
N THR A 15 -9.48 -17.64 -4.93
CA THR A 15 -9.86 -16.39 -4.28
C THR A 15 -9.23 -15.20 -4.98
N MET A 16 -9.80 -14.02 -4.74
CA MET A 16 -9.29 -12.79 -5.35
C MET A 16 -7.79 -12.67 -5.16
N GLU A 17 -7.03 -13.11 -6.15
CA GLU A 17 -5.57 -13.07 -6.09
C GLU A 17 -5.02 -12.07 -7.11
N ASN A 18 -5.84 -11.08 -7.47
CA ASN A 18 -5.44 -10.07 -8.44
C ASN A 18 -4.42 -9.11 -7.83
N LEU A 19 -4.71 -8.64 -6.62
CA LEU A 19 -3.83 -7.72 -5.93
C LEU A 19 -2.40 -8.26 -5.86
N PRO A 20 -1.43 -7.35 -5.72
CA PRO A 20 -0.01 -7.72 -5.63
C PRO A 20 0.32 -8.45 -4.33
N ALA A 21 1.62 -8.67 -4.10
CA ALA A 21 2.07 -9.34 -2.89
C ALA A 21 2.44 -8.34 -1.81
N LEU A 22 2.70 -8.84 -0.61
CA LEU A 22 3.07 -7.99 0.52
C LEU A 22 4.41 -7.32 0.28
N TYR A 23 4.51 -6.05 0.67
CA TYR A 23 5.75 -5.29 0.50
C TYR A 23 6.07 -5.11 -0.98
N THR A 24 5.03 -5.13 -1.81
CA THR A 24 5.21 -4.96 -3.25
C THR A 24 5.11 -3.50 -3.65
N ILE A 25 6.03 -3.06 -4.50
CA ILE A 25 6.04 -1.68 -4.96
C ILE A 25 5.45 -1.56 -6.37
N PHE A 26 4.48 -0.66 -6.52
CA PHE A 26 3.83 -0.45 -7.81
C PHE A 26 3.37 1.00 -7.96
N GLN A 27 3.05 1.39 -9.18
CA GLN A 27 2.59 2.74 -9.46
C GLN A 27 1.08 2.80 -9.61
N GLY A 28 0.45 3.71 -8.88
CA GLY A 28 -0.99 3.85 -8.94
C GLY A 28 -1.44 5.30 -9.01
N GLU A 29 -2.69 5.52 -9.40
CA GLU A 29 -3.23 6.86 -9.51
C GLU A 29 -4.29 7.11 -8.43
N VAL A 30 -4.28 8.32 -7.88
CA VAL A 30 -5.23 8.69 -6.84
C VAL A 30 -6.65 8.76 -7.39
N ALA A 31 -7.58 8.10 -6.72
CA ALA A 31 -8.97 8.09 -7.14
C ALA A 31 -9.86 8.77 -6.10
N MET A 32 -9.38 8.83 -4.86
CA MET A 32 -10.13 9.45 -3.78
C MET A 32 -9.20 10.10 -2.77
N VAL A 33 -9.57 11.28 -2.29
CA VAL A 33 -8.76 12.00 -1.32
C VAL A 33 -9.55 12.26 -0.03
N THR A 34 -9.00 11.81 1.09
CA THR A 34 -9.64 11.99 2.38
C THR A 34 -8.72 12.69 3.38
N ASP A 35 -9.31 13.27 4.41
CA ASP A 35 -8.53 13.97 5.43
C ASP A 35 -7.76 12.98 6.30
N TYR A 36 -7.89 11.70 5.99
CA TYR A 36 -7.21 10.66 6.75
C TYR A 36 -6.39 9.77 5.83
N GLY A 37 -6.27 10.17 4.57
CA GLY A 37 -5.51 9.39 3.60
C GLY A 37 -6.04 9.55 2.19
N ALA A 38 -5.54 8.72 1.28
CA ALA A 38 -5.96 8.78 -0.12
C ALA A 38 -6.01 7.38 -0.73
N PHE A 39 -6.92 7.19 -1.68
CA PHE A 39 -7.06 5.90 -2.35
C PHE A 39 -6.23 5.85 -3.62
N ILE A 40 -5.43 4.80 -3.77
CA ILE A 40 -4.59 4.63 -4.95
C ILE A 40 -5.04 3.45 -5.79
N LYS A 41 -5.16 3.67 -7.10
CA LYS A 41 -5.59 2.62 -8.02
C LYS A 41 -4.40 1.76 -8.44
N ILE A 42 -4.52 0.45 -8.25
CA ILE A 42 -3.46 -0.48 -8.62
C ILE A 42 -3.61 -0.93 -10.07
N PRO A 43 -2.49 -0.96 -10.80
CA PRO A 43 -2.47 -1.38 -12.21
C PRO A 43 -2.73 -2.87 -12.38
N GLY A 44 -3.58 -3.21 -13.34
CA GLY A 44 -3.91 -4.61 -13.58
C GLY A 44 -4.66 -5.24 -12.42
N CYS A 45 -5.36 -4.41 -11.66
CA CYS A 45 -6.14 -4.89 -10.52
C CYS A 45 -7.54 -4.30 -10.52
N ARG A 46 -8.39 -4.78 -9.61
CA ARG A 46 -9.76 -4.29 -9.51
C ARG A 46 -9.95 -3.50 -8.22
N LYS A 47 -9.40 -4.01 -7.12
CA LYS A 47 -9.51 -3.35 -5.83
C LYS A 47 -8.40 -2.32 -5.64
N GLN A 48 -8.66 -1.32 -4.80
CA GLN A 48 -7.68 -0.28 -4.54
C GLN A 48 -7.26 -0.28 -3.08
N GLY A 49 -6.20 0.46 -2.77
CA GLY A 49 -5.71 0.52 -1.40
C GLY A 49 -5.77 1.93 -0.83
N LEU A 50 -5.88 2.01 0.49
CA LEU A 50 -5.95 3.30 1.17
C LEU A 50 -4.61 3.66 1.82
N VAL A 51 -4.17 4.89 1.60
CA VAL A 51 -2.90 5.35 2.16
C VAL A 51 -3.14 6.32 3.32
N HIS A 52 -3.02 5.81 4.55
CA HIS A 52 -3.21 6.62 5.74
C HIS A 52 -2.38 7.90 5.67
N ARG A 53 -2.84 8.93 6.35
CA ARG A 53 -2.14 10.21 6.37
C ARG A 53 -0.74 10.06 6.96
N THR A 54 -0.60 9.12 7.90
CA THR A 54 0.67 8.87 8.54
C THR A 54 1.71 8.36 7.55
N HIS A 55 1.24 7.70 6.50
CA HIS A 55 2.12 7.16 5.47
C HIS A 55 2.24 8.13 4.30
N MET A 56 1.24 9.00 4.15
CA MET A 56 1.23 9.97 3.06
C MET A 56 2.55 10.73 3.00
N SER A 57 3.11 11.03 4.17
CA SER A 57 4.37 11.75 4.25
C SER A 57 5.12 11.41 5.54
N SER A 58 6.28 12.03 5.72
CA SER A 58 7.10 11.78 6.90
C SER A 58 7.08 13.00 7.83
N CYS A 59 7.18 14.17 7.24
CA CYS A 59 7.19 15.42 8.01
C CYS A 59 5.82 15.67 8.64
N ARG A 60 5.68 16.83 9.28
CA ARG A 60 4.42 17.18 9.92
C ARG A 60 3.28 17.24 8.91
N VAL A 61 2.42 16.23 8.95
CA VAL A 61 1.28 16.15 8.02
C VAL A 61 0.05 16.84 8.62
N ASP A 62 -0.50 17.80 7.87
CA ASP A 62 -1.67 18.53 8.32
C ASP A 62 -2.80 18.44 7.29
N LYS A 63 -2.51 18.88 6.07
CA LYS A 63 -3.49 18.85 4.99
C LYS A 63 -3.13 17.78 3.96
N PRO A 64 -3.63 16.56 4.16
CA PRO A 64 -3.37 15.44 3.25
C PRO A 64 -4.07 15.61 1.90
N SER A 65 -4.99 16.56 1.84
CA SER A 65 -5.73 16.82 0.62
C SER A 65 -4.91 17.69 -0.34
N GLU A 66 -3.89 18.35 0.20
CA GLU A 66 -3.03 19.21 -0.60
C GLU A 66 -1.78 18.47 -1.06
N ILE A 67 -1.57 17.28 -0.51
CA ILE A 67 -0.42 16.46 -0.87
C ILE A 67 -0.66 15.69 -2.17
N VAL A 68 -1.92 15.31 -2.39
CA VAL A 68 -2.28 14.57 -3.60
C VAL A 68 -3.63 15.04 -4.14
N ASP A 69 -3.97 14.59 -5.34
CA ASP A 69 -5.23 14.96 -5.97
C ASP A 69 -5.61 13.96 -7.06
N VAL A 70 -6.88 13.58 -7.08
CA VAL A 70 -7.37 12.63 -8.07
C VAL A 70 -6.78 12.91 -9.45
N GLY A 71 -6.10 11.92 -10.02
CA GLY A 71 -5.50 12.08 -11.32
C GLY A 71 -3.99 12.02 -11.28
N ASP A 72 -3.43 12.30 -10.11
CA ASP A 72 -1.97 12.29 -9.94
C ASP A 72 -1.48 10.86 -9.66
N LYS A 73 -0.51 10.42 -10.46
CA LYS A 73 0.06 9.08 -10.31
C LYS A 73 1.29 9.12 -9.43
N VAL A 74 1.34 8.20 -8.45
CA VAL A 74 2.47 8.12 -7.54
C VAL A 74 2.83 6.67 -7.24
N TRP A 75 3.97 6.48 -6.59
CA TRP A 75 4.43 5.14 -6.24
C TRP A 75 4.10 4.81 -4.78
N VAL A 76 3.69 3.57 -4.54
CA VAL A 76 3.35 3.13 -3.19
C VAL A 76 3.85 1.72 -2.93
N LYS A 77 3.89 1.33 -1.65
CA LYS A 77 4.34 0.01 -1.26
C LYS A 77 3.38 -0.62 -0.26
N LEU A 78 2.87 -1.80 -0.60
CA LEU A 78 1.94 -2.51 0.28
C LEU A 78 2.60 -2.84 1.61
N ILE A 79 1.90 -2.51 2.70
CA ILE A 79 2.41 -2.79 4.04
C ILE A 79 1.54 -3.80 4.77
N GLY A 80 0.29 -3.90 4.36
CA GLY A 80 -0.63 -4.84 4.99
C GLY A 80 -1.85 -5.11 4.14
N ARG A 81 -1.93 -6.32 3.59
CA ARG A 81 -3.07 -6.69 2.76
C ARG A 81 -3.90 -7.78 3.43
N GLU A 82 -5.20 -7.54 3.54
CA GLU A 82 -6.11 -8.50 4.17
C GLU A 82 -7.40 -8.62 3.37
N MET A 83 -7.73 -9.83 2.96
CA MET A 83 -8.94 -10.09 2.20
C MET A 83 -9.89 -11.02 2.95
N LYS A 84 -11.04 -10.50 3.35
CA LYS A 84 -12.02 -11.28 4.08
C LYS A 84 -13.30 -11.45 3.27
N ASN A 85 -13.90 -12.64 3.36
CA ASN A 85 -15.13 -12.92 2.62
C ASN A 85 -16.24 -11.96 3.02
N ASP A 86 -16.02 -11.23 4.12
CA ASP A 86 -17.00 -10.28 4.61
C ASP A 86 -16.61 -8.85 4.23
N ARG A 87 -15.30 -8.62 4.09
CA ARG A 87 -14.79 -7.30 3.74
C ARG A 87 -13.33 -7.38 3.33
N ILE A 88 -12.88 -6.40 2.56
CA ILE A 88 -11.48 -6.36 2.11
C ILE A 88 -10.84 -5.01 2.44
N LYS A 89 -9.67 -5.06 3.06
CA LYS A 89 -8.94 -3.85 3.43
C LYS A 89 -7.49 -3.93 2.98
N VAL A 90 -7.04 -2.90 2.29
CA VAL A 90 -5.67 -2.84 1.80
C VAL A 90 -4.97 -1.56 2.23
N SER A 91 -3.78 -1.70 2.83
CA SER A 91 -3.03 -0.55 3.30
C SER A 91 -1.77 -0.35 2.45
N LEU A 92 -1.57 0.87 1.98
CA LEU A 92 -0.40 1.20 1.17
C LEU A 92 0.37 2.37 1.76
N SER A 93 1.66 2.44 1.45
CA SER A 93 2.51 3.51 1.95
C SER A 93 3.05 4.36 0.81
N MET A 94 3.31 5.63 1.10
CA MET A 94 3.82 6.55 0.09
C MET A 94 5.15 7.15 0.53
N LYS A 95 5.28 7.40 1.83
CA LYS A 95 6.50 7.98 2.39
C LYS A 95 7.66 7.00 2.28
N VAL A 96 7.35 5.71 2.13
CA VAL A 96 8.37 4.69 2.00
C VAL A 96 8.56 4.27 0.54
N VAL A 97 8.24 5.19 -0.37
CA VAL A 97 8.37 4.92 -1.80
C VAL A 97 8.71 6.19 -2.56
N ASN A 98 9.74 6.11 -3.40
CA ASN A 98 10.17 7.26 -4.19
C ASN A 98 9.11 7.63 -5.23
N GLN A 99 8.80 8.91 -5.31
CA GLN A 99 7.80 9.40 -6.25
C GLN A 99 8.47 9.90 -7.54
N GLY A 100 9.44 9.14 -8.03
CA GLY A 100 10.14 9.52 -9.23
C GLY A 100 10.67 8.33 -10.00
N THR A 101 11.08 7.29 -9.27
CA THR A 101 11.62 6.08 -9.88
C THR A 101 10.88 4.84 -9.40
N GLY A 102 10.29 4.94 -8.22
CA GLY A 102 9.55 3.81 -7.66
C GLY A 102 10.45 2.80 -6.99
N LYS A 103 11.55 3.28 -6.42
CA LYS A 103 12.50 2.41 -5.74
C LYS A 103 12.24 2.37 -4.24
N ASP A 104 12.29 1.18 -3.67
CA ASP A 104 12.05 1.00 -2.24
C ASP A 104 13.00 1.89 -1.43
N LEU A 105 12.43 2.79 -0.64
CA LEU A 105 13.23 3.70 0.19
C LEU A 105 13.48 3.09 1.57
N ASP A 106 12.51 2.33 2.06
CA ASP A 106 12.62 1.69 3.37
C ASP A 106 12.49 0.18 3.24
N PRO A 107 13.57 -0.49 2.82
CA PRO A 107 13.59 -1.95 2.65
C PRO A 107 13.54 -2.68 3.98
N ASN A 108 13.78 -1.95 5.06
CA ASN A 108 13.76 -2.54 6.40
C ASN A 108 12.32 -2.82 6.86
N ASN A 109 11.42 -1.91 6.53
CA ASN A 109 10.01 -2.04 6.89
C ASN A 109 9.86 -2.05 8.41
N VAL A 110 10.47 -1.06 9.07
CA VAL A 110 10.39 -0.95 10.51
C VAL A 110 9.43 0.17 10.93
N ILE A 111 9.40 1.24 10.13
CA ILE A 111 8.53 2.37 10.42
C ILE A 111 7.07 1.95 10.38
N ILE A 112 6.67 1.25 9.32
CA ILE A 112 5.30 0.79 9.17
C ILE A 112 4.84 0.01 10.40
N GLU A 113 5.80 -0.50 11.16
CA GLU A 113 5.49 -1.26 12.36
C GLU A 113 5.26 -0.33 13.55
N SER A 114 4.01 0.04 13.77
CA SER A 114 3.65 0.93 14.88
C SER A 114 2.68 0.24 15.83
N GLY A 115 2.77 0.61 17.11
CA GLY A 115 1.89 0.02 18.10
C GLY A 115 2.62 -0.35 19.37
N PRO A 116 2.97 -1.64 19.51
CA PRO A 116 3.69 -2.15 20.68
C PRO A 116 5.14 -1.66 20.74
N SER A 117 5.78 -1.90 21.87
CA SER A 117 7.16 -1.47 22.06
C SER A 117 7.78 -2.12 23.30
N SER A 118 9.10 -2.05 23.41
CA SER A 118 9.81 -2.63 24.54
C SER A 118 9.77 -1.69 25.75
N GLY A 119 9.95 -2.26 26.94
CA GLY A 119 9.94 -1.46 28.15
C GLY A 119 11.04 -1.85 29.11
N GLY A 1 32.30 -2.05 -6.85
CA GLY A 1 32.34 -1.70 -8.26
C GLY A 1 31.71 -2.76 -9.14
N SER A 2 30.40 -2.94 -9.01
CA SER A 2 29.69 -3.94 -9.80
C SER A 2 28.17 -3.77 -9.63
N SER A 3 27.42 -4.36 -10.54
CA SER A 3 25.96 -4.27 -10.51
C SER A 3 25.35 -5.64 -10.20
N GLY A 4 24.05 -5.63 -9.89
CA GLY A 4 23.36 -6.88 -9.59
C GLY A 4 24.01 -7.63 -8.44
N SER A 5 23.42 -7.53 -7.26
CA SER A 5 23.94 -8.20 -6.07
C SER A 5 23.26 -9.55 -5.86
N SER A 6 21.94 -9.51 -5.71
CA SER A 6 21.17 -10.74 -5.50
C SER A 6 19.94 -10.77 -6.40
N GLY A 7 19.60 -11.94 -6.90
CA GLY A 7 18.45 -12.08 -7.77
C GLY A 7 17.91 -13.49 -7.79
N MET A 8 17.11 -13.84 -6.78
CA MET A 8 16.52 -15.17 -6.69
C MET A 8 15.00 -15.09 -6.56
N ASN A 9 14.41 -14.09 -7.22
CA ASN A 9 12.96 -13.90 -7.17
C ASN A 9 12.26 -14.98 -7.99
N SER A 10 11.21 -15.56 -7.41
CA SER A 10 10.44 -16.60 -8.08
C SER A 10 9.44 -16.00 -9.06
N GLY A 11 8.59 -15.11 -8.55
CA GLY A 11 7.60 -14.47 -9.39
C GLY A 11 6.60 -13.66 -8.59
N ARG A 12 5.32 -14.03 -8.68
CA ARG A 12 4.26 -13.33 -7.96
C ARG A 12 3.15 -14.29 -7.58
N PRO A 13 2.56 -14.06 -6.39
CA PRO A 13 1.46 -14.89 -5.87
C PRO A 13 0.17 -14.71 -6.67
N GLU A 14 -0.49 -15.82 -6.97
CA GLU A 14 -1.74 -15.78 -7.73
C GLU A 14 -2.94 -16.09 -6.83
N THR A 15 -3.68 -15.05 -6.45
CA THR A 15 -4.84 -15.23 -5.58
C THR A 15 -6.12 -14.84 -6.31
N MET A 16 -7.25 -15.01 -5.65
CA MET A 16 -8.55 -14.67 -6.22
C MET A 16 -8.45 -13.39 -7.04
N GLU A 17 -7.56 -12.49 -6.62
CA GLU A 17 -7.37 -11.22 -7.31
C GLU A 17 -5.98 -11.14 -7.95
N ASN A 18 -5.79 -10.14 -8.80
CA ASN A 18 -4.50 -9.95 -9.48
C ASN A 18 -3.63 -8.99 -8.69
N LEU A 19 -3.90 -8.85 -7.39
CA LEU A 19 -3.13 -7.96 -6.54
C LEU A 19 -1.68 -8.43 -6.43
N PRO A 20 -0.77 -7.48 -6.19
CA PRO A 20 0.66 -7.76 -6.05
C PRO A 20 0.97 -8.52 -4.76
N ALA A 21 2.27 -8.70 -4.49
CA ALA A 21 2.69 -9.40 -3.29
C ALA A 21 3.00 -8.42 -2.15
N LEU A 22 3.42 -8.95 -1.01
CA LEU A 22 3.74 -8.12 0.14
C LEU A 22 5.00 -7.30 -0.10
N TYR A 23 5.04 -6.10 0.46
CA TYR A 23 6.18 -5.21 0.30
C TYR A 23 6.48 -4.97 -1.17
N THR A 24 5.45 -5.08 -2.01
CA THR A 24 5.59 -4.88 -3.44
C THR A 24 5.34 -3.43 -3.82
N ILE A 25 6.22 -2.86 -4.62
CA ILE A 25 6.09 -1.47 -5.07
C ILE A 25 5.53 -1.40 -6.48
N PHE A 26 4.62 -0.45 -6.69
CA PHE A 26 4.01 -0.27 -8.00
C PHE A 26 3.54 1.17 -8.19
N GLN A 27 3.26 1.54 -9.44
CA GLN A 27 2.80 2.90 -9.75
C GLN A 27 1.28 2.93 -9.90
N GLY A 28 0.63 3.73 -9.07
CA GLY A 28 -0.82 3.84 -9.13
C GLY A 28 -1.29 5.27 -9.14
N GLU A 29 -2.55 5.48 -9.56
CA GLU A 29 -3.11 6.83 -9.62
C GLU A 29 -4.17 7.02 -8.53
N VAL A 30 -4.18 8.21 -7.94
CA VAL A 30 -5.14 8.53 -6.89
C VAL A 30 -6.56 8.55 -7.42
N ALA A 31 -7.47 7.90 -6.70
CA ALA A 31 -8.87 7.85 -7.10
C ALA A 31 -9.77 8.52 -6.06
N MET A 32 -9.28 8.59 -4.82
CA MET A 32 -10.03 9.21 -3.74
C MET A 32 -9.10 9.88 -2.74
N VAL A 33 -9.51 11.05 -2.25
CA VAL A 33 -8.71 11.80 -1.29
C VAL A 33 -9.49 12.06 -0.01
N THR A 34 -8.94 11.64 1.11
CA THR A 34 -9.59 11.83 2.41
C THR A 34 -8.63 12.43 3.43
N ASP A 35 -9.18 12.98 4.50
CA ASP A 35 -8.37 13.60 5.54
C ASP A 35 -7.66 12.54 6.36
N TYR A 36 -7.88 11.27 6.02
CA TYR A 36 -7.25 10.16 6.73
C TYR A 36 -6.36 9.35 5.80
N GLY A 37 -6.20 9.85 4.57
CA GLY A 37 -5.37 9.16 3.59
C GLY A 37 -5.91 9.29 2.18
N ALA A 38 -5.37 8.48 1.27
CA ALA A 38 -5.80 8.50 -0.12
C ALA A 38 -5.84 7.10 -0.70
N PHE A 39 -6.74 6.88 -1.65
CA PHE A 39 -6.89 5.57 -2.29
C PHE A 39 -6.11 5.53 -3.60
N ILE A 40 -5.22 4.55 -3.71
CA ILE A 40 -4.41 4.39 -4.92
C ILE A 40 -4.89 3.21 -5.75
N LYS A 41 -5.07 3.43 -7.05
CA LYS A 41 -5.52 2.38 -7.96
C LYS A 41 -4.33 1.57 -8.47
N ILE A 42 -4.39 0.25 -8.30
CA ILE A 42 -3.34 -0.63 -8.76
C ILE A 42 -3.54 -1.02 -10.22
N PRO A 43 -2.45 -0.97 -11.01
CA PRO A 43 -2.48 -1.33 -12.43
C PRO A 43 -2.70 -2.83 -12.65
N GLY A 44 -3.67 -3.15 -13.51
CA GLY A 44 -3.96 -4.55 -13.79
C GLY A 44 -4.70 -5.23 -12.65
N CYS A 45 -5.38 -4.44 -11.84
CA CYS A 45 -6.13 -4.97 -10.70
C CYS A 45 -7.53 -4.38 -10.65
N ARG A 46 -8.39 -4.98 -9.82
CA ARG A 46 -9.76 -4.51 -9.68
C ARG A 46 -9.99 -3.89 -8.30
N LYS A 47 -9.11 -4.22 -7.36
CA LYS A 47 -9.21 -3.69 -6.00
C LYS A 47 -8.22 -2.56 -5.78
N GLN A 48 -8.56 -1.64 -4.89
CA GLN A 48 -7.69 -0.50 -4.59
C GLN A 48 -7.28 -0.51 -3.12
N GLY A 49 -6.13 0.08 -2.84
CA GLY A 49 -5.64 0.13 -1.47
C GLY A 49 -5.67 1.54 -0.89
N LEU A 50 -5.86 1.63 0.42
CA LEU A 50 -5.91 2.92 1.09
C LEU A 50 -4.57 3.24 1.76
N VAL A 51 -4.17 4.50 1.68
CA VAL A 51 -2.92 4.95 2.27
C VAL A 51 -3.16 5.91 3.42
N HIS A 52 -3.02 5.42 4.64
CA HIS A 52 -3.22 6.24 5.83
C HIS A 52 -2.45 7.55 5.73
N ARG A 53 -2.95 8.59 6.38
CA ARG A 53 -2.30 9.89 6.36
C ARG A 53 -0.89 9.81 6.94
N THR A 54 -0.71 8.94 7.93
CA THR A 54 0.59 8.77 8.57
C THR A 54 1.62 8.24 7.57
N HIS A 55 1.15 7.55 6.55
CA HIS A 55 2.02 6.98 5.53
C HIS A 55 2.13 7.93 4.33
N MET A 56 1.10 8.74 4.13
CA MET A 56 1.08 9.69 3.02
C MET A 56 2.39 10.46 2.94
N SER A 57 2.87 10.93 4.09
CA SER A 57 4.11 11.69 4.15
C SER A 57 4.86 11.41 5.46
N SER A 58 6.16 11.63 5.44
CA SER A 58 6.99 11.40 6.61
C SER A 58 6.79 12.51 7.64
N CYS A 59 7.07 13.74 7.24
CA CYS A 59 6.93 14.90 8.13
C CYS A 59 5.53 14.95 8.72
N ARG A 60 5.25 16.01 9.48
CA ARG A 60 3.95 16.18 10.10
C ARG A 60 2.84 16.22 9.05
N VAL A 61 1.98 15.20 9.06
CA VAL A 61 0.87 15.13 8.11
C VAL A 61 -0.34 15.88 8.63
N ASP A 62 -0.66 17.00 7.98
CA ASP A 62 -1.81 17.81 8.37
C ASP A 62 -2.82 17.89 7.24
N LYS A 63 -2.36 18.33 6.07
CA LYS A 63 -3.24 18.46 4.91
C LYS A 63 -2.91 17.39 3.87
N PRO A 64 -3.45 16.18 4.08
CA PRO A 64 -3.23 15.05 3.16
C PRO A 64 -3.93 15.25 1.83
N SER A 65 -4.83 16.23 1.76
CA SER A 65 -5.57 16.51 0.54
C SER A 65 -4.83 17.52 -0.32
N GLU A 66 -3.79 18.12 0.24
CA GLU A 66 -2.98 19.10 -0.48
C GLU A 66 -1.71 18.47 -1.03
N ILE A 67 -1.41 17.25 -0.57
CA ILE A 67 -0.22 16.54 -1.00
C ILE A 67 -0.47 15.82 -2.32
N VAL A 68 -1.69 15.33 -2.50
CA VAL A 68 -2.06 14.63 -3.72
C VAL A 68 -3.49 14.95 -4.15
N ASP A 69 -3.88 14.47 -5.32
CA ASP A 69 -5.21 14.73 -5.84
C ASP A 69 -5.60 13.65 -6.85
N VAL A 70 -6.88 13.63 -7.22
CA VAL A 70 -7.39 12.65 -8.17
C VAL A 70 -6.80 12.89 -9.57
N GLY A 71 -6.02 11.93 -10.04
CA GLY A 71 -5.41 12.05 -11.35
C GLY A 71 -3.89 12.02 -11.29
N ASP A 72 -3.34 12.29 -10.11
CA ASP A 72 -1.91 12.29 -9.92
C ASP A 72 -1.39 10.89 -9.61
N LYS A 73 -0.40 10.45 -10.38
CA LYS A 73 0.19 9.13 -10.19
C LYS A 73 1.30 9.16 -9.16
N VAL A 74 1.29 8.19 -8.25
CA VAL A 74 2.30 8.11 -7.20
C VAL A 74 2.71 6.66 -6.95
N TRP A 75 3.92 6.48 -6.39
CA TRP A 75 4.42 5.15 -6.09
C TRP A 75 4.09 4.74 -4.66
N VAL A 76 3.69 3.48 -4.49
CA VAL A 76 3.35 2.97 -3.17
C VAL A 76 3.80 1.52 -3.01
N LYS A 77 3.92 1.07 -1.76
CA LYS A 77 4.34 -0.29 -1.47
C LYS A 77 3.42 -0.93 -0.44
N LEU A 78 2.99 -2.16 -0.72
CA LEU A 78 2.10 -2.89 0.18
C LEU A 78 2.75 -3.09 1.54
N ILE A 79 2.01 -2.82 2.59
CA ILE A 79 2.52 -2.98 3.96
C ILE A 79 1.78 -4.11 4.69
N GLY A 80 0.56 -4.38 4.25
CA GLY A 80 -0.23 -5.44 4.88
C GLY A 80 -1.50 -5.74 4.11
N ARG A 81 -1.80 -7.03 3.97
CA ARG A 81 -2.99 -7.46 3.25
C ARG A 81 -4.02 -8.06 4.20
N GLU A 82 -5.24 -7.52 4.19
CA GLU A 82 -6.30 -8.02 5.06
C GLU A 82 -7.64 -7.98 4.34
N MET A 83 -8.30 -9.13 4.27
CA MET A 83 -9.60 -9.23 3.60
C MET A 83 -10.68 -9.66 4.59
N LYS A 84 -11.78 -8.91 4.63
CA LYS A 84 -12.88 -9.21 5.52
C LYS A 84 -14.06 -9.81 4.76
N ASN A 85 -14.85 -10.62 5.45
CA ASN A 85 -16.01 -11.26 4.83
C ASN A 85 -16.98 -10.21 4.28
N ASP A 86 -16.78 -8.97 4.68
CA ASP A 86 -17.64 -7.87 4.23
C ASP A 86 -17.01 -7.12 3.07
N ARG A 87 -15.68 -7.09 3.05
CA ARG A 87 -14.94 -6.40 2.00
C ARG A 87 -13.44 -6.59 2.17
N ILE A 88 -12.69 -6.44 1.08
CA ILE A 88 -11.24 -6.59 1.11
C ILE A 88 -10.57 -5.28 1.46
N LYS A 89 -9.60 -5.33 2.37
CA LYS A 89 -8.86 -4.14 2.79
C LYS A 89 -7.38 -4.27 2.44
N VAL A 90 -6.84 -3.25 1.78
CA VAL A 90 -5.44 -3.24 1.39
C VAL A 90 -4.72 -2.02 1.93
N SER A 91 -3.60 -2.24 2.61
CA SER A 91 -2.82 -1.15 3.18
C SER A 91 -1.63 -0.81 2.29
N LEU A 92 -1.51 0.47 1.92
CA LEU A 92 -0.42 0.92 1.07
C LEU A 92 0.33 2.08 1.73
N SER A 93 1.61 2.21 1.39
CA SER A 93 2.44 3.27 1.95
C SER A 93 3.00 4.16 0.84
N MET A 94 3.22 5.43 1.16
CA MET A 94 3.76 6.39 0.20
C MET A 94 5.05 7.00 0.71
N LYS A 95 5.11 7.26 2.01
CA LYS A 95 6.29 7.85 2.63
C LYS A 95 7.48 6.90 2.56
N VAL A 96 7.20 5.65 2.21
CA VAL A 96 8.23 4.63 2.11
C VAL A 96 8.54 4.28 0.65
N VAL A 97 8.13 5.18 -0.25
CA VAL A 97 8.36 4.97 -1.67
C VAL A 97 8.62 6.29 -2.39
N ASN A 98 9.53 6.26 -3.35
CA ASN A 98 9.87 7.47 -4.11
C ASN A 98 8.75 7.83 -5.08
N GLN A 99 8.30 9.09 -5.00
CA GLN A 99 7.24 9.56 -5.87
C GLN A 99 7.81 10.15 -7.16
N GLY A 100 8.72 9.41 -7.79
CA GLY A 100 9.32 9.87 -9.02
C GLY A 100 9.98 8.75 -9.80
N THR A 101 10.62 7.84 -9.09
CA THR A 101 11.29 6.71 -9.74
C THR A 101 10.66 5.38 -9.31
N GLY A 102 9.97 5.40 -8.17
CA GLY A 102 9.34 4.20 -7.67
C GLY A 102 10.30 3.29 -6.94
N LYS A 103 11.37 3.87 -6.40
CA LYS A 103 12.38 3.11 -5.68
C LYS A 103 12.09 3.11 -4.18
N ASP A 104 12.17 1.94 -3.56
CA ASP A 104 11.92 1.80 -2.13
C ASP A 104 12.85 2.72 -1.33
N LEU A 105 12.26 3.56 -0.49
CA LEU A 105 13.04 4.48 0.33
C LEU A 105 13.40 3.84 1.68
N ASP A 106 12.54 2.95 2.14
CA ASP A 106 12.76 2.26 3.41
C ASP A 106 12.62 0.75 3.26
N PRO A 107 13.65 0.11 2.67
CA PRO A 107 13.66 -1.33 2.45
C PRO A 107 13.77 -2.12 3.76
N ASN A 108 13.83 -1.41 4.87
CA ASN A 108 13.94 -2.03 6.18
C ASN A 108 12.57 -2.47 6.69
N ASN A 109 11.53 -1.78 6.22
CA ASN A 109 10.16 -2.10 6.63
C ASN A 109 10.06 -2.20 8.14
N VAL A 110 10.56 -1.19 8.83
CA VAL A 110 10.53 -1.17 10.29
C VAL A 110 9.61 -0.06 10.81
N ILE A 111 9.34 0.91 9.95
CA ILE A 111 8.46 2.02 10.31
C ILE A 111 6.99 1.61 10.28
N ILE A 112 6.60 0.94 9.19
CA ILE A 112 5.22 0.49 9.04
C ILE A 112 4.80 -0.38 10.22
N GLU A 113 5.78 -0.96 10.91
CA GLU A 113 5.50 -1.81 12.07
C GLU A 113 5.38 -0.98 13.34
N SER A 114 6.43 -0.23 13.66
CA SER A 114 6.44 0.59 14.86
C SER A 114 5.67 1.89 14.63
N GLY A 115 4.48 1.97 15.21
CA GLY A 115 3.66 3.15 15.05
C GLY A 115 3.19 3.72 16.38
N PRO A 116 2.05 3.24 16.87
CA PRO A 116 1.48 3.69 18.15
C PRO A 116 2.31 3.23 19.34
N SER A 117 1.93 3.71 20.53
CA SER A 117 2.63 3.33 21.75
C SER A 117 1.67 3.27 22.94
N SER A 118 1.69 2.14 23.64
CA SER A 118 0.81 1.94 24.79
C SER A 118 1.25 0.72 25.59
N GLY A 119 0.82 0.68 26.85
CA GLY A 119 1.17 -0.45 27.71
C GLY A 119 0.93 -1.79 27.04
N GLY A 1 14.46 -37.16 18.43
CA GLY A 1 14.01 -36.22 17.42
C GLY A 1 14.82 -36.31 16.14
N SER A 2 14.18 -36.73 15.06
CA SER A 2 14.84 -36.87 13.77
C SER A 2 13.96 -36.36 12.63
N SER A 3 14.59 -35.95 11.55
CA SER A 3 13.86 -35.43 10.39
C SER A 3 14.39 -36.05 9.10
N GLY A 4 13.71 -35.76 7.98
CA GLY A 4 14.12 -36.29 6.70
C GLY A 4 12.96 -36.50 5.76
N SER A 5 12.94 -35.75 4.67
CA SER A 5 11.86 -35.85 3.69
C SER A 5 12.28 -35.24 2.35
N SER A 6 11.80 -35.82 1.26
CA SER A 6 12.13 -35.34 -0.07
C SER A 6 10.87 -35.11 -0.89
N GLY A 7 10.83 -34.00 -1.63
CA GLY A 7 9.67 -33.69 -2.45
C GLY A 7 9.62 -32.22 -2.83
N MET A 8 8.81 -31.90 -3.84
CA MET A 8 8.67 -30.53 -4.30
C MET A 8 7.20 -30.17 -4.49
N ASN A 9 6.80 -29.04 -3.91
CA ASN A 9 5.42 -28.58 -4.01
C ASN A 9 5.33 -27.26 -4.79
N SER A 10 4.83 -27.35 -6.02
CA SER A 10 4.70 -26.17 -6.87
C SER A 10 3.28 -26.05 -7.41
N GLY A 11 2.91 -24.85 -7.84
CA GLY A 11 1.59 -24.62 -8.38
C GLY A 11 0.66 -23.94 -7.38
N ARG A 12 0.41 -22.65 -7.60
CA ARG A 12 -0.45 -21.88 -6.72
C ARG A 12 -1.83 -21.69 -7.35
N PRO A 13 -2.86 -21.60 -6.49
CA PRO A 13 -4.24 -21.41 -6.94
C PRO A 13 -4.49 -20.02 -7.53
N GLU A 14 -5.75 -19.71 -7.81
CA GLU A 14 -6.10 -18.42 -8.38
C GLU A 14 -6.75 -17.52 -7.33
N THR A 15 -6.05 -16.45 -6.96
CA THR A 15 -6.56 -15.51 -5.96
C THR A 15 -7.74 -14.72 -6.50
N MET A 16 -8.51 -14.13 -5.60
CA MET A 16 -9.68 -13.34 -5.99
C MET A 16 -9.32 -12.34 -7.08
N GLU A 17 -8.20 -11.65 -6.89
CA GLU A 17 -7.74 -10.66 -7.87
C GLU A 17 -6.26 -10.83 -8.17
N ASN A 18 -5.77 -10.12 -9.17
CA ASN A 18 -4.36 -10.19 -9.56
C ASN A 18 -3.53 -9.21 -8.76
N LEU A 19 -3.97 -8.93 -7.53
CA LEU A 19 -3.26 -8.00 -6.66
C LEU A 19 -1.81 -8.44 -6.45
N PRO A 20 -0.92 -7.46 -6.21
CA PRO A 20 0.50 -7.72 -5.99
C PRO A 20 0.76 -8.42 -4.67
N ALA A 21 2.02 -8.72 -4.39
CA ALA A 21 2.41 -9.39 -3.15
C ALA A 21 2.67 -8.37 -2.04
N LEU A 22 2.94 -8.88 -0.85
CA LEU A 22 3.21 -8.02 0.30
C LEU A 22 4.53 -7.27 0.12
N TYR A 23 4.57 -6.02 0.59
CA TYR A 23 5.76 -5.20 0.48
C TYR A 23 6.13 -4.97 -0.98
N THR A 24 5.14 -5.06 -1.86
CA THR A 24 5.36 -4.86 -3.29
C THR A 24 5.27 -3.39 -3.66
N ILE A 25 6.00 -3.00 -4.70
CA ILE A 25 6.00 -1.61 -5.16
C ILE A 25 5.37 -1.50 -6.54
N PHE A 26 4.49 -0.51 -6.69
CA PHE A 26 3.82 -0.27 -7.98
C PHE A 26 3.37 1.18 -8.11
N GLN A 27 3.13 1.60 -9.33
CA GLN A 27 2.69 2.97 -9.60
C GLN A 27 1.17 3.05 -9.72
N GLY A 28 0.56 3.93 -8.93
CA GLY A 28 -0.88 4.09 -8.97
C GLY A 28 -1.30 5.54 -8.97
N GLU A 29 -2.54 5.79 -9.41
CA GLU A 29 -3.06 7.15 -9.45
C GLU A 29 -4.17 7.34 -8.42
N VAL A 30 -4.22 8.53 -7.83
CA VAL A 30 -5.23 8.85 -6.83
C VAL A 30 -6.63 8.89 -7.44
N ALA A 31 -7.57 8.22 -6.79
CA ALA A 31 -8.94 8.18 -7.26
C ALA A 31 -9.90 8.79 -6.24
N MET A 32 -9.47 8.82 -4.98
CA MET A 32 -10.28 9.38 -3.91
C MET A 32 -9.42 10.03 -2.84
N VAL A 33 -9.88 11.16 -2.31
CA VAL A 33 -9.14 11.88 -1.29
C VAL A 33 -9.97 12.01 -0.01
N THR A 34 -9.41 11.56 1.11
CA THR A 34 -10.09 11.63 2.39
C THR A 34 -9.28 12.41 3.41
N ASP A 35 -9.93 12.87 4.47
CA ASP A 35 -9.26 13.64 5.51
C ASP A 35 -8.37 12.74 6.36
N TYR A 36 -8.30 11.46 5.98
CA TYR A 36 -7.48 10.50 6.71
C TYR A 36 -6.60 9.71 5.76
N GLY A 37 -6.45 10.20 4.53
CA GLY A 37 -5.64 9.53 3.54
C GLY A 37 -6.20 9.65 2.15
N ALA A 38 -5.73 8.79 1.25
CA ALA A 38 -6.20 8.81 -0.15
C ALA A 38 -6.18 7.40 -0.73
N PHE A 39 -7.06 7.16 -1.70
CA PHE A 39 -7.14 5.87 -2.35
C PHE A 39 -6.31 5.84 -3.63
N ILE A 40 -5.55 4.76 -3.82
CA ILE A 40 -4.71 4.61 -5.00
C ILE A 40 -5.08 3.35 -5.78
N LYS A 41 -5.30 3.51 -7.08
CA LYS A 41 -5.65 2.39 -7.94
C LYS A 41 -4.40 1.64 -8.40
N ILE A 42 -4.42 0.32 -8.27
CA ILE A 42 -3.29 -0.51 -8.67
C ILE A 42 -3.35 -0.84 -10.16
N PRO A 43 -2.21 -0.72 -10.84
CA PRO A 43 -2.10 -1.01 -12.27
C PRO A 43 -2.24 -2.49 -12.58
N GLY A 44 -3.24 -2.83 -13.40
CA GLY A 44 -3.47 -4.22 -13.75
C GLY A 44 -4.28 -4.96 -12.71
N CYS A 45 -5.19 -4.25 -12.05
CA CYS A 45 -6.02 -4.84 -11.02
C CYS A 45 -7.35 -4.11 -10.91
N ARG A 46 -8.20 -4.55 -9.98
CA ARG A 46 -9.51 -3.94 -9.78
C ARG A 46 -9.63 -3.39 -8.36
N LYS A 47 -9.00 -4.06 -7.40
CA LYS A 47 -9.03 -3.63 -6.01
C LYS A 47 -8.23 -2.37 -5.81
N GLN A 48 -8.63 -1.56 -4.83
CA GLN A 48 -7.94 -0.31 -4.54
C GLN A 48 -7.44 -0.28 -3.09
N GLY A 49 -6.27 0.29 -2.88
CA GLY A 49 -5.71 0.37 -1.54
C GLY A 49 -5.78 1.77 -0.96
N LEU A 50 -5.82 1.86 0.36
CA LEU A 50 -5.91 3.14 1.05
C LEU A 50 -4.54 3.55 1.60
N VAL A 51 -4.23 4.83 1.50
CA VAL A 51 -2.96 5.35 1.99
C VAL A 51 -3.16 6.29 3.18
N HIS A 52 -2.86 5.81 4.37
CA HIS A 52 -3.02 6.61 5.58
C HIS A 52 -2.26 7.93 5.45
N ARG A 53 -2.73 8.95 6.18
CA ARG A 53 -2.09 10.26 6.15
C ARG A 53 -0.64 10.17 6.58
N THR A 54 -0.36 9.31 7.56
CA THR A 54 0.99 9.13 8.07
C THR A 54 1.94 8.67 6.96
N HIS A 55 1.37 8.01 5.95
CA HIS A 55 2.16 7.51 4.83
C HIS A 55 2.14 8.49 3.67
N MET A 56 1.23 9.47 3.73
CA MET A 56 1.11 10.47 2.68
C MET A 56 2.27 11.45 2.73
N SER A 57 2.83 11.64 3.92
CA SER A 57 3.96 12.56 4.10
C SER A 57 5.10 11.86 4.83
N SER A 58 6.17 12.61 5.09
CA SER A 58 7.33 12.08 5.77
C SER A 58 7.06 11.94 7.28
N CYS A 59 6.79 13.07 7.92
CA CYS A 59 6.51 13.07 9.36
C CYS A 59 5.23 13.83 9.66
N ARG A 60 5.25 15.14 9.42
CA ARG A 60 4.08 15.98 9.67
C ARG A 60 3.10 15.92 8.50
N VAL A 61 1.83 15.71 8.81
CA VAL A 61 0.80 15.63 7.78
C VAL A 61 -0.32 16.64 8.05
N ASP A 62 -0.13 17.86 7.56
CA ASP A 62 -1.12 18.91 7.75
C ASP A 62 -2.47 18.50 7.16
N LYS A 63 -2.49 18.24 5.86
CA LYS A 63 -3.71 17.83 5.18
C LYS A 63 -3.41 16.89 4.01
N PRO A 64 -4.17 15.80 3.92
CA PRO A 64 -4.00 14.80 2.85
C PRO A 64 -4.42 15.34 1.49
N SER A 65 -5.35 16.28 1.48
CA SER A 65 -5.84 16.87 0.24
C SER A 65 -4.83 17.87 -0.31
N GLU A 66 -3.75 18.07 0.41
CA GLU A 66 -2.70 19.00 -0.01
C GLU A 66 -1.46 18.25 -0.50
N ILE A 67 -1.43 16.95 -0.23
CA ILE A 67 -0.30 16.12 -0.65
C ILE A 67 -0.59 15.44 -1.98
N VAL A 68 -1.80 14.91 -2.11
CA VAL A 68 -2.20 14.23 -3.34
C VAL A 68 -3.56 14.72 -3.82
N ASP A 69 -3.85 14.51 -5.10
CA ASP A 69 -5.12 14.93 -5.68
C ASP A 69 -5.52 14.00 -6.84
N VAL A 70 -6.81 13.73 -6.94
CA VAL A 70 -7.33 12.86 -7.99
C VAL A 70 -6.70 13.20 -9.34
N GLY A 71 -5.95 12.25 -9.90
CA GLY A 71 -5.31 12.47 -11.18
C GLY A 71 -3.80 12.40 -11.09
N ASP A 72 -3.26 12.63 -9.90
CA ASP A 72 -1.82 12.59 -9.68
C ASP A 72 -1.34 11.16 -9.47
N LYS A 73 -0.36 10.75 -10.26
CA LYS A 73 0.19 9.41 -10.16
C LYS A 73 1.43 9.38 -9.28
N VAL A 74 1.48 8.44 -8.35
CA VAL A 74 2.62 8.31 -7.44
C VAL A 74 2.96 6.85 -7.19
N TRP A 75 4.10 6.62 -6.55
CA TRP A 75 4.53 5.26 -6.24
C TRP A 75 4.16 4.88 -4.82
N VAL A 76 3.56 3.69 -4.66
CA VAL A 76 3.15 3.21 -3.35
C VAL A 76 3.63 1.79 -3.12
N LYS A 77 3.74 1.40 -1.85
CA LYS A 77 4.19 0.06 -1.50
C LYS A 77 3.26 -0.57 -0.46
N LEU A 78 2.78 -1.77 -0.74
CA LEU A 78 1.89 -2.48 0.17
C LEU A 78 2.56 -2.72 1.52
N ILE A 79 1.87 -2.35 2.59
CA ILE A 79 2.40 -2.53 3.94
C ILE A 79 1.60 -3.57 4.71
N GLY A 80 0.32 -3.71 4.36
CA GLY A 80 -0.53 -4.68 5.02
C GLY A 80 -1.77 -5.02 4.22
N ARG A 81 -1.91 -6.29 3.85
CA ARG A 81 -3.06 -6.73 3.07
C ARG A 81 -3.85 -7.80 3.83
N GLU A 82 -5.16 -7.59 3.93
CA GLU A 82 -6.03 -8.53 4.63
C GLU A 82 -7.37 -8.66 3.92
N MET A 83 -7.73 -9.90 3.59
CA MET A 83 -9.00 -10.16 2.90
C MET A 83 -9.96 -10.94 3.81
N LYS A 84 -11.06 -10.29 4.18
CA LYS A 84 -12.06 -10.93 5.05
C LYS A 84 -13.33 -11.24 4.27
N ASN A 85 -13.97 -12.34 4.61
CA ASN A 85 -15.21 -12.74 3.95
C ASN A 85 -16.29 -11.68 4.10
N ASP A 86 -16.06 -10.74 5.02
CA ASP A 86 -17.01 -9.66 5.27
C ASP A 86 -16.60 -8.40 4.52
N ARG A 87 -15.30 -8.23 4.30
CA ARG A 87 -14.78 -7.07 3.60
C ARG A 87 -13.27 -7.19 3.39
N ILE A 88 -12.76 -6.47 2.39
CA ILE A 88 -11.34 -6.50 2.09
C ILE A 88 -10.65 -5.23 2.58
N LYS A 89 -9.55 -5.41 3.31
CA LYS A 89 -8.79 -4.28 3.83
C LYS A 89 -7.37 -4.26 3.26
N VAL A 90 -7.01 -3.14 2.64
CA VAL A 90 -5.68 -3.00 2.06
C VAL A 90 -5.06 -1.66 2.43
N SER A 91 -3.80 -1.69 2.85
CA SER A 91 -3.08 -0.48 3.25
C SER A 91 -1.85 -0.28 2.38
N LEU A 92 -1.69 0.95 1.89
CA LEU A 92 -0.54 1.29 1.05
C LEU A 92 0.27 2.42 1.66
N SER A 93 1.54 2.51 1.26
CA SER A 93 2.42 3.55 1.77
C SER A 93 3.07 4.32 0.63
N MET A 94 3.26 5.62 0.83
CA MET A 94 3.88 6.47 -0.18
C MET A 94 5.20 7.05 0.32
N LYS A 95 5.27 7.32 1.62
CA LYS A 95 6.47 7.88 2.22
C LYS A 95 7.63 6.90 2.12
N VAL A 96 7.31 5.62 2.08
CA VAL A 96 8.33 4.58 1.97
C VAL A 96 8.60 4.20 0.52
N VAL A 97 8.25 5.11 -0.39
CA VAL A 97 8.45 4.88 -1.81
C VAL A 97 8.75 6.18 -2.55
N ASN A 98 9.88 6.22 -3.26
CA ASN A 98 10.27 7.40 -4.01
C ASN A 98 9.24 7.73 -5.10
N GLN A 99 8.79 8.99 -5.11
CA GLN A 99 7.81 9.42 -6.10
C GLN A 99 8.49 9.96 -7.35
N GLY A 100 9.50 9.24 -7.82
CA GLY A 100 10.23 9.67 -9.01
C GLY A 100 10.78 8.51 -9.80
N THR A 101 11.21 7.47 -9.10
CA THR A 101 11.76 6.28 -9.75
C THR A 101 11.01 5.02 -9.35
N GLY A 102 10.50 5.01 -8.12
CA GLY A 102 9.76 3.87 -7.64
C GLY A 102 10.64 2.86 -6.93
N LYS A 103 11.71 3.35 -6.32
CA LYS A 103 12.64 2.49 -5.59
C LYS A 103 12.26 2.39 -4.12
N ASP A 104 12.30 1.17 -3.58
CA ASP A 104 11.96 0.94 -2.19
C ASP A 104 12.89 1.70 -1.27
N LEU A 105 12.32 2.53 -0.40
CA LEU A 105 13.11 3.33 0.54
C LEU A 105 13.22 2.62 1.89
N ASP A 106 12.25 1.77 2.18
CA ASP A 106 12.23 1.03 3.45
C ASP A 106 12.45 -0.45 3.21
N PRO A 107 13.70 -0.83 2.92
CA PRO A 107 14.07 -2.23 2.67
C PRO A 107 13.99 -3.09 3.92
N ASN A 108 13.56 -2.49 5.02
CA ASN A 108 13.44 -3.20 6.29
C ASN A 108 11.98 -3.40 6.66
N ASN A 109 11.15 -2.40 6.36
CA ASN A 109 9.72 -2.46 6.67
C ASN A 109 9.49 -2.53 8.17
N VAL A 110 10.20 -1.68 8.91
CA VAL A 110 10.07 -1.62 10.36
C VAL A 110 9.19 -0.46 10.79
N ILE A 111 9.09 0.55 9.93
CA ILE A 111 8.28 1.74 10.22
C ILE A 111 6.81 1.49 9.90
N ILE A 112 6.56 0.81 8.78
CA ILE A 112 5.20 0.51 8.36
C ILE A 112 4.48 -0.32 9.41
N GLU A 113 5.24 -0.98 10.29
CA GLU A 113 4.68 -1.81 11.33
C GLU A 113 4.50 -1.01 12.62
N SER A 114 3.33 -0.41 12.78
CA SER A 114 3.02 0.39 13.97
C SER A 114 1.92 -0.27 14.80
N GLY A 115 2.32 -1.16 15.70
CA GLY A 115 1.35 -1.85 16.54
C GLY A 115 1.64 -1.65 18.02
N PRO A 116 1.46 -0.41 18.49
CA PRO A 116 1.70 -0.06 19.90
C PRO A 116 0.65 -0.68 20.83
N SER A 117 -0.59 -0.71 20.38
CA SER A 117 -1.68 -1.27 21.18
C SER A 117 -2.90 -1.56 20.29
N SER A 118 -3.50 -2.73 20.50
CA SER A 118 -4.67 -3.14 19.73
C SER A 118 -5.82 -3.50 20.65
N GLY A 119 -7.03 -3.49 20.09
CA GLY A 119 -8.21 -3.82 20.88
C GLY A 119 -9.33 -2.82 20.67
N GLY A 1 12.77 -24.94 9.45
CA GLY A 1 12.17 -24.31 8.29
C GLY A 1 12.79 -24.79 6.99
N SER A 2 12.99 -23.85 6.07
CA SER A 2 13.57 -24.18 4.76
C SER A 2 14.90 -24.92 4.94
N SER A 3 15.28 -25.68 3.92
CA SER A 3 16.52 -26.45 3.96
C SER A 3 17.65 -25.67 3.28
N GLY A 4 17.43 -25.29 2.03
CA GLY A 4 18.44 -24.54 1.29
C GLY A 4 18.51 -24.97 -0.17
N SER A 5 17.68 -24.36 -1.00
CA SER A 5 17.65 -24.69 -2.43
C SER A 5 16.88 -23.62 -3.21
N SER A 6 17.16 -23.54 -4.51
CA SER A 6 16.50 -22.56 -5.37
C SER A 6 15.97 -23.22 -6.63
N GLY A 7 14.72 -22.90 -6.98
CA GLY A 7 14.12 -23.48 -8.16
C GLY A 7 12.78 -22.84 -8.50
N MET A 8 11.72 -23.63 -8.45
CA MET A 8 10.38 -23.13 -8.76
C MET A 8 9.33 -23.80 -7.88
N ASN A 9 8.20 -23.13 -7.70
CA ASN A 9 7.12 -23.67 -6.87
C ASN A 9 5.77 -23.40 -7.52
N SER A 10 4.80 -24.26 -7.23
CA SER A 10 3.45 -24.12 -7.78
C SER A 10 2.51 -23.49 -6.76
N GLY A 11 1.56 -22.71 -7.25
CA GLY A 11 0.61 -22.05 -6.37
C GLY A 11 -0.82 -22.18 -6.87
N ARG A 12 -1.77 -22.13 -5.93
CA ARG A 12 -3.18 -22.23 -6.29
C ARG A 12 -3.75 -20.88 -6.69
N PRO A 13 -4.64 -20.90 -7.69
CA PRO A 13 -5.28 -19.68 -8.20
C PRO A 13 -6.25 -19.07 -7.20
N GLU A 14 -6.66 -17.83 -7.45
CA GLU A 14 -7.59 -17.13 -6.57
C GLU A 14 -8.32 -16.02 -7.32
N THR A 15 -9.62 -15.91 -7.08
CA THR A 15 -10.44 -14.89 -7.73
C THR A 15 -9.79 -13.51 -7.61
N MET A 16 -8.88 -13.38 -6.65
CA MET A 16 -8.19 -12.11 -6.43
C MET A 16 -6.68 -12.33 -6.35
N GLU A 17 -6.04 -12.48 -7.50
CA GLU A 17 -4.60 -12.69 -7.55
C GLU A 17 -3.90 -11.50 -8.19
N ASN A 18 -4.56 -10.89 -9.16
CA ASN A 18 -3.99 -9.73 -9.86
C ASN A 18 -3.21 -8.85 -8.90
N LEU A 19 -3.78 -8.61 -7.72
CA LEU A 19 -3.14 -7.79 -6.71
C LEU A 19 -1.69 -8.22 -6.49
N PRO A 20 -0.81 -7.26 -6.22
CA PRO A 20 0.61 -7.51 -5.97
C PRO A 20 0.86 -8.23 -4.65
N ALA A 21 2.10 -8.63 -4.41
CA ALA A 21 2.46 -9.33 -3.19
C ALA A 21 2.76 -8.34 -2.07
N LEU A 22 3.04 -8.86 -0.88
CA LEU A 22 3.34 -8.03 0.28
C LEU A 22 4.66 -7.28 0.08
N TYR A 23 4.70 -6.04 0.56
CA TYR A 23 5.90 -5.23 0.44
C TYR A 23 6.26 -4.99 -1.03
N THR A 24 5.26 -5.05 -1.89
CA THR A 24 5.46 -4.85 -3.32
C THR A 24 5.32 -3.38 -3.69
N ILE A 25 6.11 -2.95 -4.67
CA ILE A 25 6.08 -1.56 -5.12
C ILE A 25 5.45 -1.45 -6.51
N PHE A 26 4.50 -0.54 -6.64
CA PHE A 26 3.82 -0.32 -7.92
C PHE A 26 3.34 1.12 -8.05
N GLN A 27 3.08 1.53 -9.28
CA GLN A 27 2.62 2.89 -9.55
C GLN A 27 1.10 2.93 -9.75
N GLY A 28 0.43 3.77 -8.97
CA GLY A 28 -1.02 3.88 -9.07
C GLY A 28 -1.48 5.32 -9.09
N GLU A 29 -2.73 5.52 -9.51
CA GLU A 29 -3.30 6.87 -9.58
C GLU A 29 -4.33 7.08 -8.48
N VAL A 30 -4.34 8.28 -7.90
CA VAL A 30 -5.28 8.61 -6.84
C VAL A 30 -6.71 8.65 -7.36
N ALA A 31 -7.62 7.98 -6.65
CA ALA A 31 -9.02 7.94 -7.05
C ALA A 31 -9.89 8.66 -6.03
N MET A 32 -9.42 8.71 -4.78
CA MET A 32 -10.15 9.37 -3.71
C MET A 32 -9.20 9.99 -2.69
N VAL A 33 -9.55 11.17 -2.20
CA VAL A 33 -8.73 11.87 -1.22
C VAL A 33 -9.50 12.10 0.07
N THR A 34 -8.94 11.64 1.19
CA THR A 34 -9.56 11.80 2.49
C THR A 34 -8.64 12.50 3.47
N ASP A 35 -9.21 13.11 4.50
CA ASP A 35 -8.43 13.81 5.51
C ASP A 35 -7.66 12.83 6.37
N TYR A 36 -7.82 11.54 6.10
CA TYR A 36 -7.14 10.50 6.86
C TYR A 36 -6.38 9.56 5.93
N GLY A 37 -6.23 9.97 4.68
CA GLY A 37 -5.52 9.15 3.70
C GLY A 37 -6.04 9.35 2.29
N ALA A 38 -5.59 8.49 1.38
CA ALA A 38 -6.01 8.58 -0.01
C ALA A 38 -6.08 7.19 -0.66
N PHE A 39 -7.00 7.02 -1.60
CA PHE A 39 -7.17 5.75 -2.29
C PHE A 39 -6.36 5.72 -3.59
N ILE A 40 -5.57 4.67 -3.77
CA ILE A 40 -4.76 4.51 -4.96
C ILE A 40 -5.17 3.28 -5.76
N LYS A 41 -5.30 3.44 -7.08
CA LYS A 41 -5.68 2.34 -7.95
C LYS A 41 -4.45 1.58 -8.43
N ILE A 42 -4.51 0.26 -8.36
CA ILE A 42 -3.41 -0.59 -8.79
C ILE A 42 -3.55 -0.97 -10.25
N PRO A 43 -2.43 -0.93 -10.99
CA PRO A 43 -2.41 -1.28 -12.42
C PRO A 43 -2.63 -2.76 -12.65
N GLY A 44 -3.66 -3.09 -13.41
CA GLY A 44 -3.97 -4.49 -13.70
C GLY A 44 -4.73 -5.16 -12.58
N CYS A 45 -5.52 -4.38 -11.84
CA CYS A 45 -6.30 -4.91 -10.74
C CYS A 45 -7.63 -4.16 -10.62
N ARG A 46 -8.57 -4.75 -9.87
CA ARG A 46 -9.87 -4.15 -9.68
C ARG A 46 -9.97 -3.47 -8.31
N LYS A 47 -9.44 -4.15 -7.28
CA LYS A 47 -9.47 -3.62 -5.92
C LYS A 47 -8.46 -2.49 -5.77
N GLN A 48 -8.77 -1.53 -4.90
CA GLN A 48 -7.89 -0.40 -4.65
C GLN A 48 -7.38 -0.41 -3.21
N GLY A 49 -6.31 0.35 -2.97
CA GLY A 49 -5.74 0.42 -1.63
C GLY A 49 -5.86 1.80 -1.02
N LEU A 50 -5.73 1.87 0.30
CA LEU A 50 -5.83 3.14 1.01
C LEU A 50 -4.50 3.49 1.68
N VAL A 51 -4.13 4.77 1.62
CA VAL A 51 -2.89 5.23 2.23
C VAL A 51 -3.16 6.15 3.40
N HIS A 52 -3.01 5.62 4.61
CA HIS A 52 -3.24 6.40 5.82
C HIS A 52 -2.54 7.75 5.74
N ARG A 53 -3.09 8.74 6.45
CA ARG A 53 -2.52 10.09 6.45
C ARG A 53 -1.08 10.05 6.96
N THR A 54 -0.79 9.12 7.86
CA THR A 54 0.55 8.99 8.42
C THR A 54 1.56 8.63 7.35
N HIS A 55 1.19 7.71 6.47
CA HIS A 55 2.07 7.27 5.39
C HIS A 55 2.09 8.29 4.26
N MET A 56 1.00 9.05 4.13
CA MET A 56 0.89 10.06 3.09
C MET A 56 2.07 11.02 3.13
N SER A 57 2.62 11.23 4.33
CA SER A 57 3.75 12.12 4.50
C SER A 57 4.93 11.39 5.13
N SER A 58 6.05 12.10 5.27
CA SER A 58 7.26 11.51 5.84
C SER A 58 7.31 11.74 7.35
N CYS A 59 6.99 12.96 7.77
CA CYS A 59 7.01 13.32 9.18
C CYS A 59 5.72 14.04 9.57
N ARG A 60 5.59 15.29 9.16
CA ARG A 60 4.42 16.09 9.47
C ARG A 60 3.37 15.95 8.37
N VAL A 61 2.10 15.88 8.77
CA VAL A 61 1.00 15.74 7.83
C VAL A 61 0.08 16.95 7.88
N ASP A 62 0.58 18.11 7.44
CA ASP A 62 -0.19 19.33 7.44
C ASP A 62 -1.59 19.09 6.87
N LYS A 63 -1.65 18.59 5.64
CA LYS A 63 -2.91 18.31 4.98
C LYS A 63 -2.73 17.29 3.87
N PRO A 64 -3.46 16.16 3.99
CA PRO A 64 -3.39 15.08 3.00
C PRO A 64 -4.04 15.47 1.68
N SER A 65 -4.94 16.44 1.72
CA SER A 65 -5.63 16.89 0.52
C SER A 65 -4.72 17.78 -0.33
N GLU A 66 -3.53 18.06 0.20
CA GLU A 66 -2.57 18.89 -0.52
C GLU A 66 -1.40 18.06 -1.01
N ILE A 67 -1.19 16.91 -0.40
CA ILE A 67 -0.11 16.01 -0.78
C ILE A 67 -0.39 15.34 -2.11
N VAL A 68 -1.65 14.98 -2.33
CA VAL A 68 -2.06 14.32 -3.57
C VAL A 68 -3.39 14.87 -4.07
N ASP A 69 -3.81 14.43 -5.24
CA ASP A 69 -5.07 14.86 -5.83
C ASP A 69 -5.53 13.90 -6.92
N VAL A 70 -6.83 13.64 -6.97
CA VAL A 70 -7.39 12.74 -7.97
C VAL A 70 -6.80 13.02 -9.35
N GLY A 71 -6.26 11.97 -9.97
CA GLY A 71 -5.67 12.11 -11.29
C GLY A 71 -4.15 12.06 -11.26
N ASP A 72 -3.58 12.37 -10.10
CA ASP A 72 -2.13 12.36 -9.94
C ASP A 72 -1.63 10.94 -9.68
N LYS A 73 -0.63 10.53 -10.45
CA LYS A 73 -0.05 9.19 -10.32
C LYS A 73 1.18 9.22 -9.41
N VAL A 74 1.22 8.30 -8.45
CA VAL A 74 2.34 8.21 -7.51
C VAL A 74 2.69 6.76 -7.22
N TRP A 75 3.85 6.56 -6.58
CA TRP A 75 4.31 5.22 -6.24
C TRP A 75 3.94 4.87 -4.80
N VAL A 76 3.55 3.61 -4.60
CA VAL A 76 3.18 3.14 -3.26
C VAL A 76 3.69 1.74 -3.01
N LYS A 77 3.79 1.36 -1.74
CA LYS A 77 4.27 0.04 -1.37
C LYS A 77 3.32 -0.62 -0.37
N LEU A 78 2.92 -1.85 -0.66
CA LEU A 78 2.01 -2.59 0.21
C LEU A 78 2.66 -2.86 1.56
N ILE A 79 1.88 -2.64 2.63
CA ILE A 79 2.37 -2.86 3.98
C ILE A 79 1.60 -3.97 4.68
N GLY A 80 0.33 -4.09 4.36
CA GLY A 80 -0.50 -5.12 4.96
C GLY A 80 -1.72 -5.46 4.12
N ARG A 81 -1.86 -6.73 3.75
CA ARG A 81 -2.98 -7.17 2.94
C ARG A 81 -3.92 -8.07 3.75
N GLU A 82 -5.19 -7.67 3.82
CA GLU A 82 -6.17 -8.44 4.57
C GLU A 82 -7.43 -8.67 3.74
N MET A 83 -7.80 -9.94 3.56
CA MET A 83 -8.98 -10.30 2.78
C MET A 83 -10.01 -11.00 3.65
N LYS A 84 -11.16 -10.34 3.84
CA LYS A 84 -12.24 -10.90 4.66
C LYS A 84 -13.49 -11.13 3.81
N ASN A 85 -14.20 -12.22 4.11
CA ASN A 85 -15.42 -12.55 3.37
C ASN A 85 -16.45 -11.43 3.52
N ASP A 86 -16.22 -10.53 4.45
CA ASP A 86 -17.13 -9.42 4.69
C ASP A 86 -16.65 -8.16 3.95
N ARG A 87 -15.34 -8.05 3.79
CA ARG A 87 -14.76 -6.90 3.10
C ARG A 87 -13.25 -7.07 2.94
N ILE A 88 -12.68 -6.37 1.96
CA ILE A 88 -11.26 -6.46 1.70
C ILE A 88 -10.56 -5.15 2.07
N LYS A 89 -9.49 -5.25 2.85
CA LYS A 89 -8.73 -4.09 3.28
C LYS A 89 -7.30 -4.15 2.77
N VAL A 90 -6.85 -3.08 2.14
CA VAL A 90 -5.49 -3.02 1.60
C VAL A 90 -4.79 -1.73 2.01
N SER A 91 -3.70 -1.84 2.74
CA SER A 91 -2.94 -0.68 3.21
C SER A 91 -1.71 -0.47 2.35
N LEU A 92 -1.48 0.78 1.95
CA LEU A 92 -0.32 1.12 1.12
C LEU A 92 0.48 2.25 1.74
N SER A 93 1.75 2.36 1.36
CA SER A 93 2.62 3.40 1.89
C SER A 93 3.06 4.36 0.78
N MET A 94 3.27 5.62 1.14
CA MET A 94 3.69 6.62 0.18
C MET A 94 4.96 7.31 0.63
N LYS A 95 5.23 7.26 1.94
CA LYS A 95 6.41 7.88 2.51
C LYS A 95 7.63 6.96 2.36
N VAL A 96 7.38 5.67 2.18
CA VAL A 96 8.44 4.69 2.01
C VAL A 96 8.68 4.38 0.54
N VAL A 97 8.05 5.16 -0.33
CA VAL A 97 8.19 4.97 -1.77
C VAL A 97 8.55 6.29 -2.47
N ASN A 98 9.60 6.25 -3.28
CA ASN A 98 10.05 7.43 -4.01
C ASN A 98 9.01 7.85 -5.05
N GLN A 99 8.78 9.16 -5.14
CA GLN A 99 7.82 9.70 -6.09
C GLN A 99 8.52 10.20 -7.35
N GLY A 100 9.42 9.39 -7.89
CA GLY A 100 10.14 9.77 -9.09
C GLY A 100 10.69 8.58 -9.84
N THR A 101 11.16 7.58 -9.11
CA THR A 101 11.71 6.38 -9.72
C THR A 101 10.92 5.13 -9.30
N GLY A 102 10.40 5.15 -8.09
CA GLY A 102 9.63 4.03 -7.60
C GLY A 102 10.48 3.02 -6.86
N LYS A 103 11.57 3.48 -6.26
CA LYS A 103 12.47 2.61 -5.52
C LYS A 103 12.12 2.59 -4.04
N ASP A 104 12.18 1.42 -3.44
CA ASP A 104 11.86 1.26 -2.02
C ASP A 104 12.81 2.09 -1.16
N LEU A 105 12.25 3.07 -0.45
CA LEU A 105 13.05 3.93 0.42
C LEU A 105 13.31 3.27 1.77
N ASP A 106 12.31 2.55 2.28
CA ASP A 106 12.43 1.86 3.55
C ASP A 106 12.30 0.36 3.37
N PRO A 107 13.38 -0.29 2.91
CA PRO A 107 13.40 -1.74 2.69
C PRO A 107 13.37 -2.53 4.00
N ASN A 108 13.57 -1.82 5.11
CA ASN A 108 13.56 -2.47 6.42
C ASN A 108 12.13 -2.81 6.85
N ASN A 109 11.22 -1.88 6.64
CA ASN A 109 9.82 -2.09 7.00
C ASN A 109 9.64 -2.06 8.52
N VAL A 110 10.31 -1.13 9.17
CA VAL A 110 10.23 -1.01 10.62
C VAL A 110 9.33 0.16 11.02
N ILE A 111 9.29 1.19 10.19
CA ILE A 111 8.47 2.36 10.45
C ILE A 111 6.99 2.00 10.45
N ILE A 112 6.51 1.49 9.31
CA ILE A 112 5.11 1.10 9.18
C ILE A 112 4.65 0.31 10.40
N GLU A 113 5.56 -0.44 11.00
CA GLU A 113 5.24 -1.24 12.18
C GLU A 113 5.24 -0.39 13.44
N SER A 114 4.20 -0.52 14.24
CA SER A 114 4.08 0.25 15.48
C SER A 114 4.36 -0.63 16.69
N GLY A 115 5.07 -0.08 17.66
CA GLY A 115 5.39 -0.83 18.87
C GLY A 115 6.22 -0.02 19.85
N PRO A 116 5.99 -0.26 21.15
CA PRO A 116 6.73 0.44 22.21
C PRO A 116 8.19 0.02 22.29
N SER A 117 9.07 0.86 21.75
CA SER A 117 10.50 0.58 21.75
C SER A 117 11.15 1.09 23.04
N SER A 118 12.10 0.32 23.55
CA SER A 118 12.81 0.69 24.78
C SER A 118 14.22 1.17 24.47
N GLY A 119 14.55 2.36 24.94
CA GLY A 119 15.88 2.91 24.71
C GLY A 119 16.14 4.16 25.53
N GLY A 1 7.61 -31.64 -20.34
CA GLY A 1 8.37 -30.43 -20.09
C GLY A 1 8.37 -30.02 -18.63
N SER A 2 7.19 -29.74 -18.09
CA SER A 2 7.06 -29.34 -16.70
C SER A 2 5.72 -29.81 -16.12
N SER A 3 5.63 -29.82 -14.80
CA SER A 3 4.41 -30.25 -14.11
C SER A 3 3.22 -29.45 -14.61
N GLY A 4 2.11 -30.15 -14.88
CA GLY A 4 0.91 -29.49 -15.35
C GLY A 4 0.44 -28.40 -14.41
N SER A 5 0.01 -28.79 -13.22
CA SER A 5 -0.47 -27.83 -12.23
C SER A 5 0.48 -27.75 -11.04
N SER A 6 1.26 -26.67 -10.99
CA SER A 6 2.22 -26.47 -9.91
C SER A 6 2.18 -25.03 -9.41
N GLY A 7 2.16 -24.88 -8.08
CA GLY A 7 2.11 -23.56 -7.49
C GLY A 7 1.53 -23.57 -6.09
N MET A 8 1.22 -22.38 -5.57
CA MET A 8 0.65 -22.25 -4.23
C MET A 8 -0.83 -22.61 -4.23
N ASN A 9 -1.29 -23.20 -3.14
CA ASN A 9 -2.69 -23.60 -3.02
C ASN A 9 -3.01 -24.79 -3.92
N SER A 10 -2.00 -25.61 -4.17
CA SER A 10 -2.16 -26.79 -5.02
C SER A 10 -3.50 -27.47 -4.75
N GLY A 11 -4.09 -28.04 -5.80
CA GLY A 11 -5.37 -28.72 -5.65
C GLY A 11 -6.47 -28.07 -6.46
N ARG A 12 -7.41 -27.43 -5.77
CA ARG A 12 -8.53 -26.76 -6.44
C ARG A 12 -8.50 -25.27 -6.17
N PRO A 13 -7.81 -24.52 -7.04
CA PRO A 13 -7.68 -23.07 -6.92
C PRO A 13 -9.00 -22.35 -7.21
N GLU A 14 -9.68 -21.91 -6.16
CA GLU A 14 -10.95 -21.21 -6.30
C GLU A 14 -10.93 -19.89 -5.56
N THR A 15 -10.21 -18.92 -6.11
CA THR A 15 -10.10 -17.59 -5.50
C THR A 15 -9.84 -16.52 -6.56
N MET A 16 -9.89 -15.27 -6.13
CA MET A 16 -9.65 -14.14 -7.03
C MET A 16 -8.50 -13.27 -6.53
N GLU A 17 -7.36 -13.90 -6.26
CA GLU A 17 -6.19 -13.18 -5.77
C GLU A 17 -5.46 -12.49 -6.92
N ASN A 18 -5.85 -11.25 -7.21
CA ASN A 18 -5.23 -10.48 -8.27
C ASN A 18 -4.22 -9.48 -7.72
N LEU A 19 -4.56 -8.88 -6.58
CA LEU A 19 -3.69 -7.90 -5.94
C LEU A 19 -2.25 -8.40 -5.88
N PRO A 20 -1.29 -7.47 -5.79
CA PRO A 20 0.14 -7.80 -5.72
C PRO A 20 0.51 -8.46 -4.39
N ALA A 21 1.79 -8.82 -4.27
CA ALA A 21 2.28 -9.46 -3.05
C ALA A 21 2.57 -8.42 -1.97
N LEU A 22 2.91 -8.91 -0.78
CA LEU A 22 3.21 -8.03 0.34
C LEU A 22 4.52 -7.28 0.11
N TYR A 23 4.57 -6.03 0.56
CA TYR A 23 5.77 -5.21 0.40
C TYR A 23 6.09 -5.01 -1.08
N THR A 24 5.07 -5.09 -1.92
CA THR A 24 5.25 -4.92 -3.36
C THR A 24 5.12 -3.45 -3.75
N ILE A 25 5.99 -3.00 -4.65
CA ILE A 25 5.98 -1.62 -5.11
C ILE A 25 5.37 -1.52 -6.50
N PHE A 26 4.43 -0.60 -6.67
CA PHE A 26 3.77 -0.39 -7.95
C PHE A 26 3.32 1.06 -8.10
N GLN A 27 3.13 1.48 -9.35
CA GLN A 27 2.69 2.85 -9.63
C GLN A 27 1.18 2.91 -9.81
N GLY A 28 0.52 3.74 -9.01
CA GLY A 28 -0.92 3.87 -9.09
C GLY A 28 -1.36 5.32 -9.14
N GLU A 29 -2.60 5.54 -9.55
CA GLU A 29 -3.15 6.89 -9.65
C GLU A 29 -4.21 7.12 -8.58
N VAL A 30 -4.17 8.29 -7.94
CA VAL A 30 -5.13 8.64 -6.91
C VAL A 30 -6.55 8.67 -7.46
N ALA A 31 -7.48 8.03 -6.75
CA ALA A 31 -8.87 7.99 -7.17
C ALA A 31 -9.77 8.73 -6.17
N MET A 32 -9.30 8.83 -4.93
CA MET A 32 -10.06 9.52 -3.90
C MET A 32 -9.13 10.19 -2.89
N VAL A 33 -9.51 11.38 -2.45
CA VAL A 33 -8.72 12.13 -1.48
C VAL A 33 -9.50 12.41 -0.21
N THR A 34 -8.95 11.99 0.92
CA THR A 34 -9.60 12.21 2.21
C THR A 34 -8.70 12.96 3.17
N ASP A 35 -9.30 13.57 4.19
CA ASP A 35 -8.54 14.32 5.18
C ASP A 35 -7.76 13.38 6.10
N TYR A 36 -7.85 12.08 5.83
CA TYR A 36 -7.15 11.08 6.63
C TYR A 36 -6.34 10.16 5.73
N GLY A 37 -6.19 10.52 4.47
CA GLY A 37 -5.44 9.71 3.54
C GLY A 37 -5.96 9.82 2.11
N ALA A 38 -5.45 8.97 1.22
CA ALA A 38 -5.86 8.98 -0.16
C ALA A 38 -5.92 7.57 -0.73
N PHE A 39 -6.85 7.34 -1.65
CA PHE A 39 -7.01 6.03 -2.27
C PHE A 39 -6.20 5.93 -3.56
N ILE A 40 -5.39 4.88 -3.66
CA ILE A 40 -4.56 4.68 -4.85
C ILE A 40 -5.06 3.48 -5.66
N LYS A 41 -5.04 3.63 -6.98
CA LYS A 41 -5.49 2.57 -7.87
C LYS A 41 -4.31 1.74 -8.36
N ILE A 42 -4.39 0.42 -8.17
CA ILE A 42 -3.33 -0.49 -8.61
C ILE A 42 -3.49 -0.87 -10.07
N PRO A 43 -2.36 -0.87 -10.81
CA PRO A 43 -2.36 -1.23 -12.23
C PRO A 43 -2.64 -2.71 -12.46
N GLY A 44 -3.71 -3.00 -13.20
CA GLY A 44 -4.06 -4.38 -13.48
C GLY A 44 -4.68 -5.07 -12.28
N CYS A 45 -5.59 -4.39 -11.59
CA CYS A 45 -6.25 -4.95 -10.43
C CYS A 45 -7.72 -4.55 -10.39
N ARG A 46 -8.42 -4.97 -9.34
CA ARG A 46 -9.84 -4.65 -9.18
C ARG A 46 -10.07 -3.76 -7.96
N LYS A 47 -9.51 -4.17 -6.83
CA LYS A 47 -9.66 -3.39 -5.59
C LYS A 47 -8.57 -2.35 -5.47
N GLN A 48 -8.85 -1.27 -4.75
CA GLN A 48 -7.89 -0.20 -4.55
C GLN A 48 -7.38 -0.18 -3.11
N GLY A 49 -6.23 0.46 -2.90
CA GLY A 49 -5.66 0.53 -1.58
C GLY A 49 -5.71 1.94 -0.99
N LEU A 50 -5.87 2.02 0.33
CA LEU A 50 -5.95 3.31 1.01
C LEU A 50 -4.61 3.67 1.65
N VAL A 51 -4.21 4.93 1.50
CA VAL A 51 -2.95 5.41 2.07
C VAL A 51 -3.20 6.35 3.24
N HIS A 52 -3.05 5.84 4.45
CA HIS A 52 -3.26 6.64 5.66
C HIS A 52 -2.51 7.97 5.55
N ARG A 53 -3.01 8.98 6.27
CA ARG A 53 -2.39 10.30 6.25
C ARG A 53 -0.96 10.23 6.77
N THR A 54 -0.72 9.35 7.74
CA THR A 54 0.61 9.19 8.32
C THR A 54 1.57 8.54 7.33
N HIS A 55 1.00 7.86 6.33
CA HIS A 55 1.82 7.21 5.32
C HIS A 55 1.97 8.09 4.08
N MET A 56 1.08 9.05 3.93
CA MET A 56 1.11 9.97 2.80
C MET A 56 2.40 10.78 2.80
N SER A 57 2.83 11.19 3.99
CA SER A 57 4.05 11.98 4.13
C SER A 57 4.68 11.78 5.51
N SER A 58 6.00 11.76 5.56
CA SER A 58 6.72 11.57 6.81
C SER A 58 6.61 12.81 7.69
N CYS A 59 6.88 13.98 7.10
CA CYS A 59 6.81 15.24 7.83
C CYS A 59 5.47 15.39 8.54
N ARG A 60 5.30 16.49 9.27
CA ARG A 60 4.07 16.74 9.99
C ARG A 60 2.90 16.90 9.04
N VAL A 61 2.15 15.81 8.85
CA VAL A 61 0.99 15.84 7.96
C VAL A 61 -0.16 16.64 8.56
N ASP A 62 -0.52 17.74 7.90
CA ASP A 62 -1.60 18.58 8.38
C ASP A 62 -2.83 18.44 7.48
N LYS A 63 -2.63 18.65 6.19
CA LYS A 63 -3.72 18.55 5.22
C LYS A 63 -3.33 17.65 4.05
N PRO A 64 -3.71 16.37 4.13
CA PRO A 64 -3.41 15.39 3.09
C PRO A 64 -4.21 15.63 1.80
N SER A 65 -5.20 16.50 1.90
CA SER A 65 -6.04 16.83 0.74
C SER A 65 -5.32 17.81 -0.19
N GLU A 66 -4.16 18.30 0.26
CA GLU A 66 -3.38 19.24 -0.54
C GLU A 66 -2.09 18.59 -1.03
N ILE A 67 -1.75 17.45 -0.44
CA ILE A 67 -0.54 16.72 -0.82
C ILE A 67 -0.72 16.05 -2.18
N VAL A 68 -1.94 15.65 -2.49
CA VAL A 68 -2.24 15.00 -3.76
C VAL A 68 -3.63 15.39 -4.26
N ASP A 69 -3.96 14.95 -5.47
CA ASP A 69 -5.25 15.24 -6.07
C ASP A 69 -5.61 14.23 -7.14
N VAL A 70 -6.84 13.74 -7.12
CA VAL A 70 -7.30 12.76 -8.10
C VAL A 70 -6.68 13.01 -9.46
N GLY A 71 -5.97 12.01 -9.98
CA GLY A 71 -5.34 12.14 -11.28
C GLY A 71 -3.82 12.08 -11.20
N ASP A 72 -3.28 12.36 -10.01
CA ASP A 72 -1.84 12.33 -9.81
C ASP A 72 -1.36 10.90 -9.58
N LYS A 73 -0.37 10.48 -10.36
CA LYS A 73 0.18 9.14 -10.24
C LYS A 73 1.43 9.13 -9.35
N VAL A 74 1.48 8.21 -8.40
CA VAL A 74 2.62 8.10 -7.50
C VAL A 74 2.97 6.64 -7.23
N TRP A 75 4.10 6.42 -6.58
CA TRP A 75 4.55 5.08 -6.26
C TRP A 75 4.24 4.73 -4.81
N VAL A 76 3.62 3.58 -4.59
CA VAL A 76 3.27 3.14 -3.24
C VAL A 76 3.73 1.71 -3.01
N LYS A 77 3.87 1.34 -1.74
CA LYS A 77 4.29 0.00 -1.37
C LYS A 77 3.32 -0.62 -0.38
N LEU A 78 2.95 -1.88 -0.62
CA LEU A 78 2.02 -2.60 0.24
C LEU A 78 2.63 -2.81 1.63
N ILE A 79 1.91 -2.41 2.67
CA ILE A 79 2.38 -2.57 4.03
C ILE A 79 1.56 -3.61 4.78
N GLY A 80 0.32 -3.81 4.34
CA GLY A 80 -0.55 -4.78 4.97
C GLY A 80 -1.75 -5.13 4.11
N ARG A 81 -1.86 -6.40 3.74
CA ARG A 81 -2.96 -6.87 2.92
C ARG A 81 -3.78 -7.93 3.64
N GLU A 82 -5.09 -7.73 3.73
CA GLU A 82 -5.97 -8.67 4.40
C GLU A 82 -7.27 -8.85 3.62
N MET A 83 -7.58 -10.08 3.26
CA MET A 83 -8.80 -10.39 2.51
C MET A 83 -9.75 -11.24 3.34
N LYS A 84 -10.91 -10.67 3.68
CA LYS A 84 -11.90 -11.37 4.47
C LYS A 84 -13.19 -11.54 3.69
N ASN A 85 -13.86 -12.68 3.89
CA ASN A 85 -15.11 -12.97 3.19
C ASN A 85 -16.17 -11.92 3.53
N ASP A 86 -15.91 -11.13 4.56
CA ASP A 86 -16.83 -10.09 4.98
C ASP A 86 -16.43 -8.73 4.39
N ARG A 87 -15.13 -8.56 4.16
CA ARG A 87 -14.62 -7.32 3.61
C ARG A 87 -13.12 -7.41 3.33
N ILE A 88 -12.63 -6.58 2.42
CA ILE A 88 -11.22 -6.58 2.07
C ILE A 88 -10.54 -5.29 2.52
N LYS A 89 -9.39 -5.43 3.18
CA LYS A 89 -8.64 -4.28 3.66
C LYS A 89 -7.25 -4.23 3.02
N VAL A 90 -6.91 -3.08 2.46
CA VAL A 90 -5.61 -2.90 1.83
C VAL A 90 -4.95 -1.59 2.28
N SER A 91 -3.71 -1.70 2.77
CA SER A 91 -2.98 -0.53 3.24
C SER A 91 -1.77 -0.26 2.34
N LEU A 92 -1.67 0.98 1.87
CA LEU A 92 -0.56 1.36 1.00
C LEU A 92 0.23 2.52 1.62
N SER A 93 1.52 2.55 1.33
CA SER A 93 2.40 3.60 1.86
C SER A 93 3.05 4.39 0.72
N MET A 94 3.32 5.66 0.98
CA MET A 94 3.94 6.52 -0.02
C MET A 94 5.25 7.12 0.52
N LYS A 95 5.27 7.39 1.82
CA LYS A 95 6.46 7.95 2.45
C LYS A 95 7.63 6.99 2.36
N VAL A 96 7.34 5.71 2.19
CA VAL A 96 8.38 4.69 2.08
C VAL A 96 8.65 4.32 0.63
N VAL A 97 8.12 5.13 -0.28
CA VAL A 97 8.30 4.90 -1.71
C VAL A 97 8.67 6.18 -2.44
N ASN A 98 9.72 6.12 -3.25
CA ASN A 98 10.17 7.28 -4.01
C ASN A 98 9.18 7.64 -5.10
N GLN A 99 8.72 8.88 -5.09
CA GLN A 99 7.76 9.35 -6.09
C GLN A 99 8.49 9.91 -7.32
N GLY A 100 9.55 9.22 -7.74
CA GLY A 100 10.30 9.65 -8.90
C GLY A 100 10.84 8.50 -9.72
N THR A 101 11.18 7.40 -9.03
CA THR A 101 11.72 6.22 -9.69
C THR A 101 10.95 4.96 -9.29
N GLY A 102 10.41 4.98 -8.07
CA GLY A 102 9.67 3.84 -7.58
C GLY A 102 10.53 2.85 -6.83
N LYS A 103 11.60 3.36 -6.22
CA LYS A 103 12.53 2.51 -5.47
C LYS A 103 12.11 2.45 -4.00
N ASP A 104 12.19 1.25 -3.42
CA ASP A 104 11.83 1.06 -2.02
C ASP A 104 12.76 1.86 -1.11
N LEU A 105 12.19 2.81 -0.38
CA LEU A 105 12.96 3.65 0.53
C LEU A 105 13.19 2.93 1.86
N ASP A 106 12.34 1.96 2.16
CA ASP A 106 12.46 1.20 3.40
C ASP A 106 12.49 -0.30 3.11
N PRO A 107 13.66 -0.79 2.68
CA PRO A 107 13.85 -2.21 2.36
C PRO A 107 13.82 -3.10 3.61
N ASN A 108 13.62 -2.47 4.77
CA ASN A 108 13.58 -3.20 6.03
C ASN A 108 12.13 -3.45 6.46
N ASN A 109 11.27 -2.47 6.21
CA ASN A 109 9.86 -2.59 6.57
C ASN A 109 9.70 -2.73 8.08
N VAL A 110 10.31 -1.82 8.84
CA VAL A 110 10.23 -1.84 10.29
C VAL A 110 9.42 -0.66 10.81
N ILE A 111 9.18 0.32 9.95
CA ILE A 111 8.41 1.50 10.32
C ILE A 111 6.92 1.25 10.19
N ILE A 112 6.50 0.85 8.98
CA ILE A 112 5.09 0.57 8.72
C ILE A 112 4.48 -0.28 9.82
N GLU A 113 5.33 -1.08 10.48
CA GLU A 113 4.87 -1.94 11.57
C GLU A 113 4.75 -1.17 12.87
N SER A 114 3.52 -0.80 13.22
CA SER A 114 3.27 -0.05 14.44
C SER A 114 3.64 -0.87 15.67
N GLY A 115 3.68 -0.21 16.82
CA GLY A 115 4.03 -0.90 18.06
C GLY A 115 5.35 -1.63 17.97
N PRO A 116 6.45 -0.90 18.20
CA PRO A 116 7.79 -1.47 18.15
C PRO A 116 8.07 -2.44 19.29
N SER A 117 8.84 -3.48 19.01
CA SER A 117 9.18 -4.48 20.02
C SER A 117 9.78 -3.83 21.26
N SER A 118 9.63 -4.48 22.40
CA SER A 118 10.14 -3.96 23.66
C SER A 118 11.11 -4.95 24.29
N GLY A 119 12.30 -4.47 24.65
CA GLY A 119 13.30 -5.32 25.26
C GLY A 119 13.06 -5.52 26.75
N GLY A 1 -31.24 -30.98 -29.10
CA GLY A 1 -30.63 -31.71 -30.21
C GLY A 1 -29.43 -30.97 -30.77
N SER A 2 -29.67 -29.84 -31.42
CA SER A 2 -28.60 -29.04 -32.02
C SER A 2 -27.65 -28.53 -30.95
N SER A 3 -28.20 -27.80 -29.97
CA SER A 3 -27.40 -27.25 -28.89
C SER A 3 -26.81 -28.35 -28.02
N GLY A 4 -27.65 -29.32 -27.67
CA GLY A 4 -27.20 -30.42 -26.84
C GLY A 4 -27.70 -30.33 -25.41
N SER A 5 -27.05 -29.48 -24.61
CA SER A 5 -27.43 -29.30 -23.22
C SER A 5 -27.55 -27.82 -22.88
N SER A 6 -28.15 -27.54 -21.73
CA SER A 6 -28.34 -26.16 -21.29
C SER A 6 -27.34 -25.80 -20.19
N GLY A 7 -26.40 -24.91 -20.53
CA GLY A 7 -25.40 -24.50 -19.55
C GLY A 7 -25.22 -23.00 -19.51
N MET A 8 -24.14 -22.56 -18.88
CA MET A 8 -23.85 -21.13 -18.76
C MET A 8 -22.39 -20.90 -18.41
N ASN A 9 -21.78 -19.91 -19.07
CA ASN A 9 -20.38 -19.59 -18.82
C ASN A 9 -20.22 -18.11 -18.47
N SER A 10 -19.45 -17.85 -17.41
CA SER A 10 -19.22 -16.47 -16.97
C SER A 10 -18.53 -15.65 -18.06
N GLY A 11 -18.88 -14.37 -18.13
CA GLY A 11 -18.29 -13.51 -19.13
C GLY A 11 -16.96 -12.93 -18.69
N ARG A 12 -16.84 -12.62 -17.41
CA ARG A 12 -15.60 -12.07 -16.87
C ARG A 12 -15.19 -12.79 -15.60
N PRO A 13 -14.52 -13.94 -15.77
CA PRO A 13 -14.05 -14.77 -14.64
C PRO A 13 -12.92 -14.10 -13.87
N GLU A 14 -12.33 -14.83 -12.93
CA GLU A 14 -11.24 -14.32 -12.13
C GLU A 14 -11.70 -13.13 -11.28
N THR A 15 -12.92 -13.22 -10.76
CA THR A 15 -13.47 -12.16 -9.93
C THR A 15 -12.41 -11.53 -9.05
N MET A 16 -11.68 -12.36 -8.32
CA MET A 16 -10.63 -11.89 -7.43
C MET A 16 -9.34 -11.63 -8.21
N GLU A 17 -9.07 -10.36 -8.50
CA GLU A 17 -7.87 -9.98 -9.24
C GLU A 17 -6.62 -10.57 -8.58
N ASN A 18 -5.57 -10.73 -9.37
CA ASN A 18 -4.31 -11.28 -8.88
C ASN A 18 -3.49 -10.20 -8.19
N LEU A 19 -4.06 -9.58 -7.16
CA LEU A 19 -3.37 -8.54 -6.41
C LEU A 19 -1.91 -8.90 -6.18
N PRO A 20 -1.08 -7.87 -5.98
CA PRO A 20 0.36 -8.06 -5.74
C PRO A 20 0.65 -8.70 -4.38
N ALA A 21 1.93 -8.92 -4.10
CA ALA A 21 2.34 -9.53 -2.83
C ALA A 21 2.67 -8.46 -1.79
N LEU A 22 3.08 -8.90 -0.61
CA LEU A 22 3.43 -7.99 0.47
C LEU A 22 4.72 -7.23 0.14
N TYR A 23 4.82 -6.00 0.63
CA TYR A 23 5.99 -5.17 0.40
C TYR A 23 6.26 -5.03 -1.09
N THR A 24 5.21 -5.10 -1.89
CA THR A 24 5.33 -4.98 -3.34
C THR A 24 5.18 -3.53 -3.78
N ILE A 25 6.04 -3.10 -4.70
CA ILE A 25 5.99 -1.74 -5.20
C ILE A 25 5.33 -1.68 -6.58
N PHE A 26 4.37 -0.78 -6.73
CA PHE A 26 3.66 -0.62 -7.99
C PHE A 26 3.22 0.83 -8.19
N GLN A 27 2.94 1.19 -9.44
CA GLN A 27 2.51 2.54 -9.77
C GLN A 27 0.99 2.62 -9.85
N GLY A 28 0.40 3.50 -9.03
CA GLY A 28 -1.04 3.65 -9.02
C GLY A 28 -1.47 5.10 -9.14
N GLU A 29 -2.70 5.32 -9.56
CA GLU A 29 -3.23 6.66 -9.72
C GLU A 29 -4.28 6.97 -8.65
N VAL A 30 -4.18 8.15 -8.05
CA VAL A 30 -5.12 8.57 -7.02
C VAL A 30 -6.54 8.68 -7.57
N ALA A 31 -7.49 8.11 -6.85
CA ALA A 31 -8.89 8.15 -7.27
C ALA A 31 -9.76 8.86 -6.25
N MET A 32 -9.27 8.92 -5.01
CA MET A 32 -9.99 9.58 -3.93
C MET A 32 -9.03 10.21 -2.93
N VAL A 33 -9.37 11.40 -2.45
CA VAL A 33 -8.54 12.10 -1.49
C VAL A 33 -9.33 12.48 -0.23
N THR A 34 -8.82 12.06 0.92
CA THR A 34 -9.49 12.35 2.19
C THR A 34 -8.51 12.95 3.20
N ASP A 35 -9.05 13.60 4.21
CA ASP A 35 -8.24 14.21 5.26
C ASP A 35 -7.59 13.15 6.13
N TYR A 36 -7.85 11.89 5.83
CA TYR A 36 -7.31 10.78 6.59
C TYR A 36 -6.52 9.84 5.70
N GLY A 37 -6.29 10.25 4.46
CA GLY A 37 -5.55 9.43 3.52
C GLY A 37 -6.04 9.60 2.09
N ALA A 38 -5.59 8.71 1.22
CA ALA A 38 -6.00 8.75 -0.19
C ALA A 38 -6.05 7.35 -0.80
N PHE A 39 -6.97 7.14 -1.73
CA PHE A 39 -7.11 5.85 -2.39
C PHE A 39 -6.30 5.81 -3.68
N ILE A 40 -5.58 4.70 -3.88
CA ILE A 40 -4.77 4.54 -5.08
C ILE A 40 -5.18 3.30 -5.86
N LYS A 41 -5.32 3.46 -7.17
CA LYS A 41 -5.72 2.36 -8.04
C LYS A 41 -4.51 1.53 -8.45
N ILE A 42 -4.56 0.23 -8.16
CA ILE A 42 -3.47 -0.68 -8.50
C ILE A 42 -3.42 -0.93 -10.00
N PRO A 43 -2.21 -0.90 -10.56
CA PRO A 43 -1.99 -1.13 -12.00
C PRO A 43 -2.26 -2.58 -12.39
N GLY A 44 -3.11 -2.76 -13.40
CA GLY A 44 -3.44 -4.10 -13.86
C GLY A 44 -4.22 -4.89 -12.84
N CYS A 45 -5.06 -4.21 -12.07
CA CYS A 45 -5.86 -4.86 -11.04
C CYS A 45 -7.25 -4.22 -10.98
N ARG A 46 -8.08 -4.73 -10.07
CA ARG A 46 -9.44 -4.22 -9.89
C ARG A 46 -9.60 -3.56 -8.53
N LYS A 47 -9.18 -4.26 -7.48
CA LYS A 47 -9.28 -3.74 -6.12
C LYS A 47 -8.29 -2.60 -5.91
N GLN A 48 -8.65 -1.69 -5.00
CA GLN A 48 -7.79 -0.54 -4.70
C GLN A 48 -7.33 -0.59 -3.24
N GLY A 49 -6.31 0.21 -2.93
CA GLY A 49 -5.79 0.25 -1.57
C GLY A 49 -5.81 1.65 -0.98
N LEU A 50 -6.05 1.74 0.32
CA LEU A 50 -6.10 3.02 1.00
C LEU A 50 -4.76 3.35 1.65
N VAL A 51 -4.35 4.61 1.55
CA VAL A 51 -3.07 5.05 2.12
C VAL A 51 -3.31 6.02 3.28
N HIS A 52 -3.08 5.55 4.49
CA HIS A 52 -3.27 6.37 5.68
C HIS A 52 -2.48 7.68 5.56
N ARG A 53 -3.00 8.74 6.17
CA ARG A 53 -2.34 10.04 6.12
C ARG A 53 -0.94 9.96 6.73
N THR A 54 -0.78 9.07 7.71
CA THR A 54 0.51 8.90 8.37
C THR A 54 1.55 8.33 7.41
N HIS A 55 1.09 7.55 6.43
CA HIS A 55 1.98 6.95 5.45
C HIS A 55 2.21 7.89 4.27
N MET A 56 1.34 8.89 4.15
CA MET A 56 1.45 9.86 3.06
C MET A 56 2.62 10.80 3.29
N SER A 57 2.73 11.34 4.50
CA SER A 57 3.81 12.25 4.84
C SER A 57 4.84 11.58 5.74
N SER A 58 5.96 12.25 5.96
CA SER A 58 7.03 11.71 6.80
C SER A 58 6.49 11.30 8.17
N CYS A 59 6.11 12.29 8.97
CA CYS A 59 5.58 12.03 10.30
C CYS A 59 4.24 12.75 10.50
N ARG A 60 4.30 14.06 10.62
CA ARG A 60 3.10 14.87 10.81
C ARG A 60 2.34 15.05 9.51
N VAL A 61 1.01 14.93 9.57
CA VAL A 61 0.17 15.07 8.39
C VAL A 61 -0.94 16.08 8.63
N ASP A 62 -0.65 17.35 8.38
CA ASP A 62 -1.63 18.41 8.57
C ASP A 62 -2.81 18.23 7.63
N LYS A 63 -2.56 18.42 6.34
CA LYS A 63 -3.61 18.29 5.33
C LYS A 63 -3.12 17.45 4.14
N PRO A 64 -3.45 16.14 4.17
CA PRO A 64 -3.06 15.21 3.11
C PRO A 64 -3.79 15.48 1.80
N SER A 65 -4.83 16.30 1.87
CA SER A 65 -5.63 16.63 0.69
C SER A 65 -4.92 17.67 -0.16
N GLU A 66 -3.82 18.22 0.36
CA GLU A 66 -3.05 19.23 -0.35
C GLU A 66 -1.73 18.66 -0.85
N ILE A 67 -1.46 17.40 -0.49
CA ILE A 67 -0.22 16.74 -0.89
C ILE A 67 -0.38 16.08 -2.26
N VAL A 68 -1.59 15.60 -2.54
CA VAL A 68 -1.88 14.95 -3.81
C VAL A 68 -3.18 15.46 -4.41
N ASP A 69 -3.59 14.85 -5.52
CA ASP A 69 -4.82 15.25 -6.20
C ASP A 69 -5.29 14.16 -7.15
N VAL A 70 -6.60 13.94 -7.19
CA VAL A 70 -7.18 12.91 -8.06
C VAL A 70 -6.67 13.06 -9.49
N GLY A 71 -6.00 12.01 -9.98
CA GLY A 71 -5.47 12.04 -11.32
C GLY A 71 -3.96 11.92 -11.36
N ASP A 72 -3.32 12.23 -10.23
CA ASP A 72 -1.87 12.16 -10.13
C ASP A 72 -1.42 10.73 -9.82
N LYS A 73 -0.44 10.25 -10.56
CA LYS A 73 0.09 8.91 -10.36
C LYS A 73 1.31 8.92 -9.46
N VAL A 74 1.36 7.99 -8.51
CA VAL A 74 2.48 7.91 -7.58
C VAL A 74 2.85 6.46 -7.30
N TRP A 75 3.99 6.25 -6.65
CA TRP A 75 4.45 4.91 -6.32
C TRP A 75 4.14 4.57 -4.87
N VAL A 76 3.53 3.39 -4.66
CA VAL A 76 3.18 2.95 -3.32
C VAL A 76 3.67 1.53 -3.06
N LYS A 77 3.85 1.18 -1.79
CA LYS A 77 4.32 -0.14 -1.41
C LYS A 77 3.39 -0.76 -0.36
N LEU A 78 2.92 -1.97 -0.64
CA LEU A 78 2.03 -2.67 0.28
C LEU A 78 2.70 -2.89 1.64
N ILE A 79 2.02 -2.48 2.69
CA ILE A 79 2.54 -2.62 4.05
C ILE A 79 1.75 -3.65 4.83
N GLY A 80 0.49 -3.87 4.43
CA GLY A 80 -0.35 -4.84 5.11
C GLY A 80 -1.58 -5.20 4.30
N ARG A 81 -1.78 -6.49 4.08
CA ARG A 81 -2.92 -6.96 3.31
C ARG A 81 -3.82 -7.86 4.17
N GLU A 82 -5.11 -7.57 4.17
CA GLU A 82 -6.06 -8.37 4.95
C GLU A 82 -7.40 -8.45 4.22
N MET A 83 -7.88 -9.68 4.02
CA MET A 83 -9.15 -9.92 3.35
C MET A 83 -10.17 -10.53 4.30
N LYS A 84 -11.24 -9.79 4.58
CA LYS A 84 -12.29 -10.26 5.47
C LYS A 84 -13.49 -10.75 4.68
N ASN A 85 -14.17 -11.76 5.23
CA ASN A 85 -15.35 -12.32 4.57
C ASN A 85 -16.43 -11.26 4.38
N ASP A 86 -16.27 -10.13 5.05
CA ASP A 86 -17.22 -9.04 4.96
C ASP A 86 -16.75 -7.99 3.96
N ARG A 87 -15.44 -7.86 3.82
CA ARG A 87 -14.85 -6.90 2.90
C ARG A 87 -13.33 -7.04 2.85
N ILE A 88 -12.74 -6.59 1.75
CA ILE A 88 -11.29 -6.66 1.58
C ILE A 88 -10.62 -5.36 2.00
N LYS A 89 -9.59 -5.49 2.84
CA LYS A 89 -8.85 -4.33 3.32
C LYS A 89 -7.41 -4.35 2.81
N VAL A 90 -6.97 -3.24 2.23
CA VAL A 90 -5.61 -3.13 1.71
C VAL A 90 -4.95 -1.85 2.18
N SER A 91 -3.76 -1.98 2.76
CA SER A 91 -3.01 -0.83 3.25
C SER A 91 -1.75 -0.59 2.43
N LEU A 92 -1.57 0.65 1.98
CA LEU A 92 -0.42 1.01 1.17
C LEU A 92 0.37 2.14 1.83
N SER A 93 1.62 2.30 1.41
CA SER A 93 2.49 3.34 1.96
C SER A 93 3.10 4.18 0.84
N MET A 94 3.37 5.45 1.13
CA MET A 94 3.96 6.35 0.15
C MET A 94 5.23 6.98 0.69
N LYS A 95 5.26 7.21 2.01
CA LYS A 95 6.42 7.81 2.66
C LYS A 95 7.65 6.90 2.52
N VAL A 96 7.40 5.64 2.17
CA VAL A 96 8.49 4.68 2.02
C VAL A 96 8.76 4.40 0.54
N VAL A 97 8.03 5.09 -0.33
CA VAL A 97 8.19 4.92 -1.77
C VAL A 97 8.40 6.27 -2.46
N ASN A 98 9.40 6.34 -3.33
CA ASN A 98 9.70 7.57 -4.05
C ASN A 98 8.69 7.78 -5.18
N GLN A 99 8.32 9.06 -5.40
CA GLN A 99 7.37 9.40 -6.44
C GLN A 99 8.09 9.89 -7.70
N GLY A 100 9.38 10.16 -7.56
CA GLY A 100 10.16 10.64 -8.68
C GLY A 100 10.73 9.51 -9.52
N THR A 101 10.98 8.37 -8.89
CA THR A 101 11.53 7.21 -9.58
C THR A 101 10.69 5.97 -9.32
N GLY A 102 10.25 5.82 -8.07
CA GLY A 102 9.44 4.66 -7.71
C GLY A 102 10.27 3.54 -7.12
N LYS A 103 11.36 3.90 -6.45
CA LYS A 103 12.24 2.91 -5.84
C LYS A 103 11.96 2.78 -4.34
N ASP A 104 12.16 1.58 -3.81
CA ASP A 104 11.93 1.33 -2.40
C ASP A 104 12.86 2.17 -1.53
N LEU A 105 12.30 2.92 -0.60
CA LEU A 105 13.08 3.77 0.29
C LEU A 105 13.32 3.09 1.63
N ASP A 106 12.34 2.30 2.07
CA ASP A 106 12.45 1.58 3.34
C ASP A 106 12.34 0.07 3.12
N PRO A 107 13.42 -0.53 2.61
CA PRO A 107 13.48 -1.97 2.35
C PRO A 107 13.49 -2.80 3.63
N ASN A 108 13.69 -2.12 4.76
CA ASN A 108 13.72 -2.80 6.05
C ASN A 108 12.32 -3.17 6.51
N ASN A 109 11.35 -2.34 6.15
CA ASN A 109 9.95 -2.59 6.52
C ASN A 109 9.82 -2.75 8.03
N VAL A 110 10.43 -1.84 8.78
CA VAL A 110 10.37 -1.89 10.24
C VAL A 110 9.57 -0.71 10.79
N ILE A 111 9.24 0.24 9.92
CA ILE A 111 8.48 1.41 10.33
C ILE A 111 6.98 1.16 10.19
N ILE A 112 6.58 0.61 9.04
CA ILE A 112 5.17 0.32 8.78
C ILE A 112 4.57 -0.51 9.91
N GLU A 113 5.43 -1.23 10.62
CA GLU A 113 4.98 -2.07 11.72
C GLU A 113 4.66 -1.24 12.96
N SER A 114 3.40 -1.28 13.38
CA SER A 114 2.95 -0.52 14.55
C SER A 114 3.91 -0.72 15.72
N GLY A 115 4.00 -1.95 16.20
CA GLY A 115 4.88 -2.25 17.32
C GLY A 115 4.15 -2.30 18.65
N PRO A 116 4.90 -2.31 19.75
CA PRO A 116 4.33 -2.37 21.10
C PRO A 116 3.61 -1.08 21.49
N SER A 117 4.05 0.03 20.88
CA SER A 117 3.44 1.33 21.17
C SER A 117 1.93 1.19 21.35
N SER A 118 1.46 1.44 22.56
CA SER A 118 0.03 1.34 22.88
C SER A 118 -0.56 2.73 23.10
N GLY A 119 -1.88 2.83 22.94
CA GLY A 119 -2.55 4.10 23.13
C GLY A 119 -2.90 4.35 24.58
N GLY A 1 5.40 -11.00 29.61
CA GLY A 1 6.66 -10.44 29.17
C GLY A 1 7.10 -10.98 27.81
N SER A 2 6.15 -11.13 26.91
CA SER A 2 6.43 -11.65 25.57
C SER A 2 6.93 -10.53 24.66
N SER A 3 7.93 -10.85 23.84
CA SER A 3 8.50 -9.88 22.92
C SER A 3 8.61 -10.46 21.52
N GLY A 4 7.57 -11.18 21.09
CA GLY A 4 7.57 -11.78 19.77
C GLY A 4 6.21 -12.33 19.38
N SER A 5 6.08 -12.77 18.14
CA SER A 5 4.82 -13.31 17.64
C SER A 5 5.03 -14.03 16.32
N SER A 6 4.00 -14.77 15.88
CA SER A 6 4.07 -15.51 14.63
C SER A 6 2.72 -16.13 14.29
N GLY A 7 2.61 -16.66 13.08
CA GLY A 7 1.37 -17.29 12.65
C GLY A 7 1.40 -17.72 11.20
N MET A 8 1.68 -19.00 10.97
CA MET A 8 1.74 -19.54 9.62
C MET A 8 1.19 -20.97 9.58
N ASN A 9 0.27 -21.20 8.65
CA ASN A 9 -0.34 -22.53 8.50
C ASN A 9 -0.22 -23.02 7.06
N SER A 10 -0.58 -24.28 6.85
CA SER A 10 -0.53 -24.87 5.52
C SER A 10 -1.61 -24.29 4.61
N GLY A 11 -1.45 -24.49 3.31
CA GLY A 11 -2.42 -23.98 2.36
C GLY A 11 -2.30 -22.49 2.15
N ARG A 12 -2.46 -22.04 0.91
CA ARG A 12 -2.37 -20.62 0.59
C ARG A 12 -3.45 -19.83 1.32
N PRO A 13 -3.08 -18.64 1.82
CA PRO A 13 -4.01 -17.77 2.53
C PRO A 13 -5.05 -17.15 1.62
N GLU A 14 -6.31 -17.59 1.78
CA GLU A 14 -7.40 -17.08 0.96
C GLU A 14 -7.28 -15.58 0.78
N THR A 15 -6.62 -15.17 -0.31
CA THR A 15 -6.44 -13.76 -0.60
C THR A 15 -6.74 -13.46 -2.07
N MET A 16 -6.89 -12.17 -2.40
CA MET A 16 -7.17 -11.76 -3.76
C MET A 16 -5.92 -11.84 -4.63
N GLU A 17 -5.66 -13.03 -5.18
CA GLU A 17 -4.49 -13.24 -6.02
C GLU A 17 -4.24 -12.03 -6.91
N ASN A 18 -5.29 -11.56 -7.57
CA ASN A 18 -5.18 -10.40 -8.45
C ASN A 18 -4.25 -9.34 -7.86
N LEU A 19 -4.47 -9.02 -6.59
CA LEU A 19 -3.64 -8.03 -5.91
C LEU A 19 -2.20 -8.51 -5.79
N PRO A 20 -1.26 -7.56 -5.65
CA PRO A 20 0.16 -7.87 -5.52
C PRO A 20 0.49 -8.51 -4.17
N ALA A 21 1.78 -8.77 -3.95
CA ALA A 21 2.22 -9.39 -2.71
C ALA A 21 2.53 -8.34 -1.65
N LEU A 22 2.85 -8.80 -0.44
CA LEU A 22 3.16 -7.89 0.66
C LEU A 22 4.47 -7.15 0.40
N TYR A 23 4.51 -5.89 0.79
CA TYR A 23 5.71 -5.07 0.61
C TYR A 23 6.02 -4.89 -0.88
N THR A 24 4.99 -4.99 -1.71
CA THR A 24 5.15 -4.85 -3.15
C THR A 24 5.06 -3.38 -3.57
N ILE A 25 5.97 -2.97 -4.45
CA ILE A 25 5.99 -1.59 -4.93
C ILE A 25 5.38 -1.49 -6.33
N PHE A 26 4.42 -0.59 -6.49
CA PHE A 26 3.76 -0.39 -7.77
C PHE A 26 3.32 1.05 -7.93
N GLN A 27 3.01 1.44 -9.17
CA GLN A 27 2.57 2.80 -9.46
C GLN A 27 1.06 2.86 -9.65
N GLY A 28 0.40 3.71 -8.87
CA GLY A 28 -1.04 3.84 -8.96
C GLY A 28 -1.50 5.29 -8.98
N GLU A 29 -2.71 5.52 -9.49
CA GLU A 29 -3.24 6.87 -9.57
C GLU A 29 -4.28 7.10 -8.47
N VAL A 30 -4.29 8.31 -7.91
CA VAL A 30 -5.21 8.67 -6.85
C VAL A 30 -6.64 8.75 -7.38
N ALA A 31 -7.54 7.99 -6.76
CA ALA A 31 -8.94 7.97 -7.17
C ALA A 31 -9.82 8.69 -6.15
N MET A 32 -9.34 8.79 -4.92
CA MET A 32 -10.07 9.46 -3.85
C MET A 32 -9.12 10.13 -2.86
N VAL A 33 -9.50 11.32 -2.40
CA VAL A 33 -8.67 12.06 -1.45
C VAL A 33 -9.45 12.37 -0.18
N THR A 34 -8.90 11.94 0.95
CA THR A 34 -9.54 12.17 2.24
C THR A 34 -8.57 12.80 3.24
N ASP A 35 -9.12 13.36 4.32
CA ASP A 35 -8.30 14.00 5.34
C ASP A 35 -7.55 12.95 6.17
N TYR A 36 -7.79 11.68 5.86
CA TYR A 36 -7.15 10.59 6.58
C TYR A 36 -6.31 9.74 5.63
N GLY A 37 -6.17 10.20 4.39
CA GLY A 37 -5.41 9.47 3.40
C GLY A 37 -5.99 9.57 2.02
N ALA A 38 -5.47 8.77 1.09
CA ALA A 38 -5.95 8.78 -0.29
C ALA A 38 -5.99 7.37 -0.86
N PHE A 39 -6.91 7.14 -1.79
CA PHE A 39 -7.06 5.82 -2.42
C PHE A 39 -6.24 5.74 -3.71
N ILE A 40 -5.44 4.70 -3.82
CA ILE A 40 -4.60 4.50 -5.01
C ILE A 40 -5.03 3.26 -5.78
N LYS A 41 -5.32 3.44 -7.06
CA LYS A 41 -5.73 2.33 -7.91
C LYS A 41 -4.52 1.56 -8.43
N ILE A 42 -4.50 0.25 -8.18
CA ILE A 42 -3.40 -0.60 -8.62
C ILE A 42 -3.55 -0.96 -10.10
N PRO A 43 -2.43 -0.93 -10.83
CA PRO A 43 -2.41 -1.26 -12.26
C PRO A 43 -2.65 -2.74 -12.52
N GLY A 44 -3.59 -3.04 -13.41
CA GLY A 44 -3.90 -4.42 -13.72
C GLY A 44 -4.59 -5.14 -12.58
N CYS A 45 -5.40 -4.41 -11.83
CA CYS A 45 -6.11 -4.99 -10.69
C CYS A 45 -7.54 -4.46 -10.63
N ARG A 46 -8.30 -4.95 -9.65
CA ARG A 46 -9.69 -4.53 -9.49
C ARG A 46 -9.86 -3.74 -8.19
N LYS A 47 -9.42 -4.32 -7.09
CA LYS A 47 -9.53 -3.67 -5.78
C LYS A 47 -8.49 -2.56 -5.64
N GLN A 48 -8.80 -1.58 -4.80
CA GLN A 48 -7.90 -0.45 -4.58
C GLN A 48 -7.38 -0.44 -3.14
N GLY A 49 -6.33 0.32 -2.89
CA GLY A 49 -5.77 0.41 -1.56
C GLY A 49 -5.80 1.82 -1.00
N LEU A 50 -5.84 1.94 0.32
CA LEU A 50 -5.87 3.24 0.97
C LEU A 50 -4.51 3.58 1.58
N VAL A 51 -4.08 4.81 1.39
CA VAL A 51 -2.79 5.26 1.92
C VAL A 51 -3.00 6.28 3.06
N HIS A 52 -2.58 5.89 4.26
CA HIS A 52 -2.72 6.75 5.43
C HIS A 52 -2.08 8.12 5.16
N ARG A 53 -2.71 9.17 5.68
CA ARG A 53 -2.21 10.53 5.49
C ARG A 53 -0.81 10.67 6.08
N THR A 54 -0.54 9.91 7.14
CA THR A 54 0.76 9.97 7.80
C THR A 54 1.80 9.17 7.00
N HIS A 55 1.34 8.32 6.10
CA HIS A 55 2.22 7.51 5.28
C HIS A 55 2.52 8.20 3.96
N MET A 56 1.60 9.04 3.51
CA MET A 56 1.76 9.77 2.25
C MET A 56 3.07 10.57 2.26
N SER A 57 3.38 11.18 3.39
CA SER A 57 4.59 11.98 3.52
C SER A 57 5.33 11.63 4.82
N SER A 58 6.65 11.68 4.76
CA SER A 58 7.48 11.36 5.92
C SER A 58 7.25 12.38 7.03
N CYS A 59 7.61 13.63 6.77
CA CYS A 59 7.45 14.70 7.76
C CYS A 59 6.01 14.74 8.27
N ARG A 60 5.77 15.62 9.24
CA ARG A 60 4.44 15.76 9.82
C ARG A 60 3.44 16.27 8.78
N VAL A 61 2.28 15.63 8.73
CA VAL A 61 1.24 16.01 7.78
C VAL A 61 0.01 16.55 8.50
N ASP A 62 -0.60 17.59 7.94
CA ASP A 62 -1.79 18.20 8.53
C ASP A 62 -2.90 18.32 7.49
N LYS A 63 -2.51 18.50 6.23
CA LYS A 63 -3.47 18.64 5.14
C LYS A 63 -3.11 17.74 3.97
N PRO A 64 -3.52 16.46 4.06
CA PRO A 64 -3.24 15.47 3.01
C PRO A 64 -4.04 15.73 1.74
N SER A 65 -5.13 16.48 1.87
CA SER A 65 -5.98 16.81 0.73
C SER A 65 -5.27 17.78 -0.21
N GLU A 66 -4.13 18.30 0.23
CA GLU A 66 -3.36 19.23 -0.57
C GLU A 66 -2.09 18.57 -1.10
N ILE A 67 -1.78 17.39 -0.59
CA ILE A 67 -0.60 16.65 -1.01
C ILE A 67 -0.89 15.84 -2.27
N VAL A 68 -2.07 15.24 -2.32
CA VAL A 68 -2.48 14.44 -3.47
C VAL A 68 -3.83 14.88 -4.01
N ASP A 69 -4.08 14.59 -5.29
CA ASP A 69 -5.34 14.97 -5.92
C ASP A 69 -5.71 13.95 -7.00
N VAL A 70 -7.00 13.59 -7.03
CA VAL A 70 -7.48 12.63 -8.02
C VAL A 70 -6.91 12.91 -9.40
N GLY A 71 -6.17 11.95 -9.94
CA GLY A 71 -5.58 12.12 -11.25
C GLY A 71 -4.06 12.05 -11.22
N ASP A 72 -3.49 12.29 -10.04
CA ASP A 72 -2.04 12.25 -9.87
C ASP A 72 -1.55 10.83 -9.63
N LYS A 73 -0.48 10.45 -10.30
CA LYS A 73 0.09 9.11 -10.15
C LYS A 73 1.30 9.13 -9.22
N VAL A 74 1.33 8.20 -8.27
CA VAL A 74 2.43 8.11 -7.32
C VAL A 74 2.79 6.67 -7.04
N TRP A 75 3.94 6.46 -6.39
CA TRP A 75 4.40 5.12 -6.06
C TRP A 75 4.07 4.77 -4.61
N VAL A 76 3.57 3.56 -4.40
CA VAL A 76 3.21 3.11 -3.06
C VAL A 76 3.68 1.68 -2.82
N LYS A 77 3.75 1.29 -1.55
CA LYS A 77 4.18 -0.06 -1.18
C LYS A 77 3.22 -0.68 -0.18
N LEU A 78 2.79 -1.91 -0.47
CA LEU A 78 1.86 -2.62 0.41
C LEU A 78 2.49 -2.86 1.77
N ILE A 79 1.80 -2.45 2.83
CA ILE A 79 2.28 -2.62 4.19
C ILE A 79 1.44 -3.65 4.94
N GLY A 80 0.21 -3.85 4.48
CA GLY A 80 -0.68 -4.81 5.12
C GLY A 80 -1.89 -5.15 4.27
N ARG A 81 -2.01 -6.43 3.91
CA ARG A 81 -3.13 -6.89 3.09
C ARG A 81 -3.97 -7.91 3.84
N GLU A 82 -5.28 -7.68 3.87
CA GLU A 82 -6.19 -8.59 4.55
C GLU A 82 -7.48 -8.77 3.75
N MET A 83 -7.80 -10.02 3.43
CA MET A 83 -9.01 -10.33 2.68
C MET A 83 -9.98 -11.16 3.50
N LYS A 84 -11.13 -10.58 3.82
CA LYS A 84 -12.15 -11.27 4.60
C LYS A 84 -13.43 -11.47 3.80
N ASN A 85 -14.11 -12.58 4.03
CA ASN A 85 -15.35 -12.87 3.33
C ASN A 85 -16.40 -11.78 3.58
N ASP A 86 -16.13 -10.94 4.58
CA ASP A 86 -17.04 -9.85 4.92
C ASP A 86 -16.60 -8.55 4.28
N ARG A 87 -15.29 -8.41 4.08
CA ARG A 87 -14.74 -7.20 3.47
C ARG A 87 -13.24 -7.35 3.25
N ILE A 88 -12.70 -6.57 2.32
CA ILE A 88 -11.27 -6.61 2.01
C ILE A 88 -10.59 -5.32 2.43
N LYS A 89 -9.56 -5.45 3.26
CA LYS A 89 -8.81 -4.29 3.74
C LYS A 89 -7.42 -4.24 3.11
N VAL A 90 -7.08 -3.10 2.52
CA VAL A 90 -5.79 -2.93 1.88
C VAL A 90 -5.14 -1.62 2.31
N SER A 91 -3.90 -1.71 2.81
CA SER A 91 -3.16 -0.53 3.26
C SER A 91 -1.87 -0.36 2.47
N LEU A 92 -1.61 0.86 2.03
CA LEU A 92 -0.41 1.16 1.26
C LEU A 92 0.36 2.32 1.88
N SER A 93 1.64 2.42 1.54
CA SER A 93 2.49 3.48 2.07
C SER A 93 3.27 4.16 0.95
N MET A 94 3.55 5.45 1.14
CA MET A 94 4.29 6.22 0.14
C MET A 94 5.54 6.85 0.75
N LYS A 95 5.59 6.87 2.07
CA LYS A 95 6.74 7.43 2.78
C LYS A 95 7.96 6.53 2.66
N VAL A 96 7.73 5.27 2.29
CA VAL A 96 8.81 4.30 2.13
C VAL A 96 9.14 4.09 0.66
N VAL A 97 8.46 4.84 -0.21
CA VAL A 97 8.68 4.74 -1.65
C VAL A 97 8.89 6.11 -2.28
N ASN A 98 9.96 6.25 -3.05
CA ASN A 98 10.27 7.51 -3.71
C ASN A 98 9.18 7.87 -4.73
N GLN A 99 9.16 9.14 -5.13
CA GLN A 99 8.17 9.61 -6.10
C GLN A 99 8.84 9.98 -7.43
N GLY A 100 10.09 10.41 -7.34
CA GLY A 100 10.83 10.79 -8.54
C GLY A 100 11.11 9.61 -9.45
N THR A 101 11.21 8.42 -8.86
CA THR A 101 11.47 7.21 -9.63
C THR A 101 10.56 6.07 -9.19
N GLY A 102 10.33 5.97 -7.89
CA GLY A 102 9.48 4.92 -7.36
C GLY A 102 10.27 3.77 -6.76
N LYS A 103 11.53 4.02 -6.45
CA LYS A 103 12.40 3.00 -5.88
C LYS A 103 12.17 2.88 -4.37
N ASP A 104 12.28 1.67 -3.86
CA ASP A 104 12.08 1.42 -2.43
C ASP A 104 13.05 2.24 -1.60
N LEU A 105 12.55 2.82 -0.51
CA LEU A 105 13.37 3.64 0.37
C LEU A 105 13.58 2.95 1.72
N ASP A 106 12.65 2.06 2.07
CA ASP A 106 12.73 1.34 3.34
C ASP A 106 12.46 -0.14 3.12
N PRO A 107 13.50 -0.88 2.68
CA PRO A 107 13.42 -2.32 2.43
C PRO A 107 13.27 -3.13 3.72
N ASN A 108 13.30 -2.43 4.85
CA ASN A 108 13.18 -3.08 6.15
C ASN A 108 11.72 -3.37 6.48
N ASN A 109 10.82 -2.53 5.96
CA ASN A 109 9.39 -2.70 6.20
C ASN A 109 9.11 -2.93 7.67
N VAL A 110 9.81 -2.19 8.53
CA VAL A 110 9.64 -2.31 9.98
C VAL A 110 8.95 -1.08 10.55
N ILE A 111 9.24 0.08 9.97
CA ILE A 111 8.65 1.33 10.43
C ILE A 111 7.12 1.23 10.45
N ILE A 112 6.55 0.63 9.41
CA ILE A 112 5.11 0.48 9.32
C ILE A 112 4.54 -0.17 10.58
N GLU A 113 5.38 -0.93 11.28
CA GLU A 113 4.96 -1.60 12.50
C GLU A 113 4.89 -0.61 13.67
N SER A 114 3.71 -0.06 13.88
CA SER A 114 3.50 0.90 14.96
C SER A 114 2.95 0.22 16.20
N GLY A 115 1.82 -0.48 16.03
CA GLY A 115 1.20 -1.17 17.15
C GLY A 115 -0.25 -0.81 17.32
N PRO A 116 -1.15 -1.64 16.76
CA PRO A 116 -2.59 -1.43 16.83
C PRO A 116 -3.14 -1.64 18.24
N SER A 117 -2.24 -1.92 19.17
CA SER A 117 -2.63 -2.15 20.57
C SER A 117 -2.85 -0.83 21.29
N SER A 118 -4.11 -0.43 21.44
CA SER A 118 -4.45 0.82 22.11
C SER A 118 -5.63 0.61 23.05
N GLY A 119 -5.54 1.22 24.23
CA GLY A 119 -6.61 1.10 25.20
C GLY A 119 -7.44 2.36 25.32
N GLY A 1 9.76 -20.80 -17.93
CA GLY A 1 9.74 -22.08 -18.62
C GLY A 1 9.13 -23.18 -17.78
N SER A 2 8.01 -22.88 -17.13
CA SER A 2 7.33 -23.84 -16.28
C SER A 2 6.97 -25.10 -17.07
N SER A 3 7.87 -26.09 -17.04
CA SER A 3 7.64 -27.34 -17.76
C SER A 3 7.18 -28.44 -16.82
N GLY A 4 6.48 -29.43 -17.36
CA GLY A 4 6.00 -30.53 -16.54
C GLY A 4 5.85 -31.81 -17.34
N SER A 5 6.47 -32.87 -16.85
CA SER A 5 6.42 -34.17 -17.52
C SER A 5 5.06 -34.84 -17.29
N SER A 6 4.66 -34.93 -16.02
CA SER A 6 3.39 -35.55 -15.66
C SER A 6 2.26 -34.51 -15.67
N GLY A 7 2.51 -33.37 -15.03
CA GLY A 7 1.51 -32.32 -14.97
C GLY A 7 1.61 -31.35 -16.13
N MET A 8 0.93 -31.67 -17.22
CA MET A 8 0.94 -30.81 -18.41
C MET A 8 -0.17 -29.77 -18.34
N ASN A 9 0.20 -28.54 -18.00
CA ASN A 9 -0.76 -27.45 -17.89
C ASN A 9 -1.86 -27.79 -16.90
N SER A 10 -1.46 -28.31 -15.73
CA SER A 10 -2.41 -28.67 -14.69
C SER A 10 -1.87 -28.33 -13.32
N GLY A 11 -2.55 -27.41 -12.64
CA GLY A 11 -2.13 -27.00 -11.30
C GLY A 11 -1.94 -25.50 -11.20
N ARG A 12 -2.96 -24.82 -10.66
CA ARG A 12 -2.90 -23.37 -10.50
C ARG A 12 -3.46 -22.96 -9.14
N PRO A 13 -2.81 -21.97 -8.52
CA PRO A 13 -3.22 -21.44 -7.22
C PRO A 13 -4.55 -20.68 -7.28
N GLU A 14 -5.33 -20.77 -6.22
CA GLU A 14 -6.62 -20.08 -6.16
C GLU A 14 -6.58 -18.93 -5.15
N THR A 15 -5.94 -17.83 -5.55
CA THR A 15 -5.83 -16.67 -4.68
C THR A 15 -6.14 -15.38 -5.44
N MET A 16 -5.99 -14.25 -4.77
CA MET A 16 -6.25 -12.95 -5.39
C MET A 16 -5.01 -12.43 -6.11
N GLU A 17 -4.44 -13.28 -6.96
CA GLU A 17 -3.24 -12.90 -7.71
C GLU A 17 -3.38 -11.49 -8.28
N ASN A 18 -4.59 -11.15 -8.74
CA ASN A 18 -4.84 -9.84 -9.30
C ASN A 18 -4.08 -8.76 -8.55
N LEU A 19 -4.17 -8.79 -7.21
CA LEU A 19 -3.49 -7.81 -6.37
C LEU A 19 -2.02 -8.20 -6.18
N PRO A 20 -1.18 -7.19 -5.94
CA PRO A 20 0.26 -7.39 -5.73
C PRO A 20 0.55 -8.09 -4.41
N ALA A 21 1.79 -8.54 -4.25
CA ALA A 21 2.21 -9.22 -3.03
C ALA A 21 2.53 -8.23 -1.92
N LEU A 22 2.86 -8.74 -0.75
CA LEU A 22 3.21 -7.90 0.40
C LEU A 22 4.51 -7.15 0.15
N TYR A 23 4.57 -5.91 0.63
CA TYR A 23 5.75 -5.08 0.46
C TYR A 23 6.08 -4.90 -1.01
N THR A 24 5.06 -4.96 -1.85
CA THR A 24 5.23 -4.79 -3.30
C THR A 24 5.14 -3.33 -3.70
N ILE A 25 6.02 -2.90 -4.58
CA ILE A 25 6.03 -1.52 -5.06
C ILE A 25 5.40 -1.42 -6.44
N PHE A 26 4.45 -0.50 -6.58
CA PHE A 26 3.77 -0.28 -7.86
C PHE A 26 3.29 1.15 -7.99
N GLN A 27 3.04 1.58 -9.23
CA GLN A 27 2.58 2.94 -9.49
C GLN A 27 1.06 2.97 -9.66
N GLY A 28 0.41 3.87 -8.92
CA GLY A 28 -1.03 3.99 -9.01
C GLY A 28 -1.49 5.43 -9.07
N GLU A 29 -2.74 5.64 -9.47
CA GLU A 29 -3.30 6.98 -9.57
C GLU A 29 -4.37 7.21 -8.50
N VAL A 30 -4.34 8.38 -7.89
CA VAL A 30 -5.31 8.73 -6.85
C VAL A 30 -6.72 8.80 -7.42
N ALA A 31 -7.65 8.11 -6.77
CA ALA A 31 -9.04 8.10 -7.20
C ALA A 31 -9.94 8.77 -6.17
N MET A 32 -9.47 8.83 -4.93
CA MET A 32 -10.25 9.44 -3.86
C MET A 32 -9.32 10.10 -2.84
N VAL A 33 -9.71 11.29 -2.37
CA VAL A 33 -8.90 12.03 -1.40
C VAL A 33 -9.71 12.30 -0.13
N THR A 34 -9.17 11.86 1.00
CA THR A 34 -9.84 12.05 2.29
C THR A 34 -8.92 12.73 3.29
N ASP A 35 -9.51 13.31 4.33
CA ASP A 35 -8.73 13.99 5.36
C ASP A 35 -7.99 12.98 6.24
N TYR A 36 -8.13 11.71 5.91
CA TYR A 36 -7.47 10.65 6.67
C TYR A 36 -6.63 9.76 5.77
N GLY A 37 -6.45 10.20 4.52
CA GLY A 37 -5.67 9.44 3.57
C GLY A 37 -6.17 9.58 2.15
N ALA A 38 -5.67 8.73 1.25
CA ALA A 38 -6.08 8.78 -0.15
C ALA A 38 -6.12 7.37 -0.74
N PHE A 39 -6.98 7.19 -1.73
CA PHE A 39 -7.13 5.89 -2.38
C PHE A 39 -6.27 5.83 -3.66
N ILE A 40 -5.44 4.81 -3.74
CA ILE A 40 -4.56 4.64 -4.90
C ILE A 40 -4.96 3.40 -5.71
N LYS A 41 -5.35 3.61 -6.96
CA LYS A 41 -5.74 2.53 -7.83
C LYS A 41 -4.53 1.77 -8.36
N ILE A 42 -4.56 0.45 -8.24
CA ILE A 42 -3.46 -0.39 -8.71
C ILE A 42 -3.64 -0.76 -10.18
N PRO A 43 -2.53 -0.70 -10.94
CA PRO A 43 -2.53 -1.03 -12.37
C PRO A 43 -2.74 -2.52 -12.62
N GLY A 44 -3.72 -2.83 -13.48
CA GLY A 44 -4.00 -4.22 -13.79
C GLY A 44 -4.67 -4.95 -12.65
N CYS A 45 -5.51 -4.23 -11.90
CA CYS A 45 -6.22 -4.82 -10.76
C CYS A 45 -7.67 -4.33 -10.72
N ARG A 46 -8.43 -4.85 -9.76
CA ARG A 46 -9.83 -4.47 -9.61
C ARG A 46 -10.06 -3.77 -8.27
N LYS A 47 -9.27 -4.15 -7.27
CA LYS A 47 -9.39 -3.56 -5.94
C LYS A 47 -8.38 -2.43 -5.76
N GLN A 48 -8.71 -1.50 -4.87
CA GLN A 48 -7.83 -0.37 -4.59
C GLN A 48 -7.41 -0.34 -3.13
N GLY A 49 -6.28 0.30 -2.84
CA GLY A 49 -5.79 0.39 -1.49
C GLY A 49 -5.88 1.79 -0.93
N LEU A 50 -5.84 1.90 0.40
CA LEU A 50 -5.92 3.20 1.05
C LEU A 50 -4.57 3.55 1.71
N VAL A 51 -4.19 4.82 1.59
CA VAL A 51 -2.93 5.28 2.18
C VAL A 51 -3.19 6.25 3.32
N HIS A 52 -2.89 5.82 4.53
CA HIS A 52 -3.08 6.64 5.72
C HIS A 52 -2.37 7.98 5.57
N ARG A 53 -2.89 9.00 6.24
CA ARG A 53 -2.30 10.34 6.17
C ARG A 53 -0.87 10.32 6.70
N THR A 54 -0.62 9.51 7.71
CA THR A 54 0.71 9.40 8.30
C THR A 54 1.70 8.77 7.33
N HIS A 55 1.17 7.99 6.38
CA HIS A 55 2.00 7.32 5.39
C HIS A 55 2.09 8.15 4.11
N MET A 56 1.13 9.06 3.93
CA MET A 56 1.10 9.91 2.75
C MET A 56 2.37 10.74 2.65
N SER A 57 3.00 10.99 3.79
CA SER A 57 4.23 11.78 3.83
C SER A 57 4.88 11.70 5.21
N SER A 58 6.21 11.76 5.23
CA SER A 58 6.96 11.70 6.48
C SER A 58 6.87 13.02 7.23
N CYS A 59 7.18 14.11 6.54
CA CYS A 59 7.14 15.43 7.16
C CYS A 59 5.81 15.67 7.85
N ARG A 60 5.68 16.83 8.49
CA ARG A 60 4.46 17.18 9.21
C ARG A 60 3.27 17.22 8.25
N VAL A 61 2.46 16.16 8.27
CA VAL A 61 1.29 16.08 7.41
C VAL A 61 0.16 16.97 7.92
N ASP A 62 0.04 18.17 7.35
CA ASP A 62 -0.99 19.11 7.76
C ASP A 62 -2.33 18.75 7.13
N LYS A 63 -2.31 18.46 5.83
CA LYS A 63 -3.53 18.10 5.11
C LYS A 63 -3.20 17.20 3.91
N PRO A 64 -3.87 16.04 3.85
CA PRO A 64 -3.67 15.07 2.76
C PRO A 64 -4.21 15.58 1.43
N SER A 65 -5.02 16.63 1.49
CA SER A 65 -5.61 17.21 0.30
C SER A 65 -4.57 17.99 -0.51
N GLU A 66 -3.54 18.46 0.17
CA GLU A 66 -2.48 19.22 -0.48
C GLU A 66 -1.32 18.31 -0.88
N ILE A 67 -1.39 17.05 -0.45
CA ILE A 67 -0.35 16.08 -0.75
C ILE A 67 -0.59 15.43 -2.10
N VAL A 68 -1.86 15.22 -2.44
CA VAL A 68 -2.22 14.61 -3.72
C VAL A 68 -3.61 15.05 -4.16
N ASP A 69 -4.04 14.56 -5.32
CA ASP A 69 -5.35 14.91 -5.86
C ASP A 69 -5.75 13.93 -6.96
N VAL A 70 -7.02 13.52 -6.96
CA VAL A 70 -7.53 12.60 -7.95
C VAL A 70 -6.98 12.92 -9.34
N GLY A 71 -6.18 12.02 -9.88
CA GLY A 71 -5.61 12.23 -11.20
C GLY A 71 -4.09 12.17 -11.18
N ASP A 72 -3.50 12.43 -10.03
CA ASP A 72 -2.05 12.42 -9.89
C ASP A 72 -1.55 11.00 -9.66
N LYS A 73 -0.45 10.64 -10.33
CA LYS A 73 0.13 9.31 -10.21
C LYS A 73 1.35 9.34 -9.28
N VAL A 74 1.40 8.41 -8.35
CA VAL A 74 2.52 8.32 -7.41
C VAL A 74 2.90 6.87 -7.13
N TRP A 75 4.02 6.68 -6.47
CA TRP A 75 4.50 5.34 -6.14
C TRP A 75 4.13 4.96 -4.71
N VAL A 76 3.61 3.75 -4.53
CA VAL A 76 3.21 3.27 -3.21
C VAL A 76 3.68 1.84 -3.00
N LYS A 77 3.82 1.45 -1.73
CA LYS A 77 4.25 0.11 -1.38
C LYS A 77 3.31 -0.51 -0.34
N LEU A 78 2.80 -1.70 -0.65
CA LEU A 78 1.90 -2.39 0.27
C LEU A 78 2.57 -2.66 1.60
N ILE A 79 1.91 -2.28 2.69
CA ILE A 79 2.44 -2.49 4.04
C ILE A 79 1.64 -3.55 4.79
N GLY A 80 0.36 -3.66 4.45
CA GLY A 80 -0.48 -4.64 5.12
C GLY A 80 -1.76 -4.91 4.34
N ARG A 81 -1.86 -6.10 3.77
CA ARG A 81 -3.06 -6.48 3.00
C ARG A 81 -3.83 -7.57 3.70
N GLU A 82 -5.13 -7.37 3.86
CA GLU A 82 -5.99 -8.34 4.51
C GLU A 82 -7.28 -8.55 3.73
N MET A 83 -7.55 -9.80 3.36
CA MET A 83 -8.76 -10.13 2.61
C MET A 83 -9.64 -11.09 3.39
N LYS A 84 -10.83 -10.62 3.78
CA LYS A 84 -11.77 -11.43 4.55
C LYS A 84 -13.05 -11.65 3.75
N ASN A 85 -13.64 -12.84 3.91
CA ASN A 85 -14.86 -13.18 3.20
C ASN A 85 -15.98 -12.19 3.56
N ASP A 86 -15.76 -11.41 4.61
CA ASP A 86 -16.74 -10.43 5.05
C ASP A 86 -16.41 -9.04 4.53
N ARG A 87 -15.12 -8.78 4.37
CA ARG A 87 -14.66 -7.48 3.88
C ARG A 87 -13.18 -7.54 3.48
N ILE A 88 -12.77 -6.63 2.61
CA ILE A 88 -11.38 -6.57 2.17
C ILE A 88 -10.73 -5.24 2.54
N LYS A 89 -9.59 -5.31 3.21
CA LYS A 89 -8.86 -4.12 3.62
C LYS A 89 -7.43 -4.13 3.08
N VAL A 90 -7.05 -3.04 2.44
CA VAL A 90 -5.71 -2.91 1.88
C VAL A 90 -5.02 -1.64 2.33
N SER A 91 -3.81 -1.77 2.85
CA SER A 91 -3.05 -0.62 3.33
C SER A 91 -1.82 -0.37 2.45
N LEU A 92 -1.66 0.88 2.04
CA LEU A 92 -0.52 1.26 1.20
C LEU A 92 0.28 2.39 1.83
N SER A 93 1.57 2.44 1.53
CA SER A 93 2.45 3.47 2.06
C SER A 93 3.09 4.28 0.95
N MET A 94 3.41 5.54 1.23
CA MET A 94 4.04 6.42 0.25
C MET A 94 5.31 7.03 0.80
N LYS A 95 5.37 7.17 2.12
CA LYS A 95 6.55 7.74 2.77
C LYS A 95 7.74 6.80 2.67
N VAL A 96 7.47 5.55 2.28
CA VAL A 96 8.52 4.55 2.15
C VAL A 96 8.74 4.18 0.69
N VAL A 97 8.45 5.12 -0.21
CA VAL A 97 8.62 4.89 -1.63
C VAL A 97 8.96 6.18 -2.37
N ASN A 98 9.99 6.13 -3.20
CA ASN A 98 10.41 7.29 -3.97
C ASN A 98 9.36 7.70 -4.99
N GLN A 99 9.04 8.98 -5.02
CA GLN A 99 8.04 9.50 -5.95
C GLN A 99 8.70 10.01 -7.23
N GLY A 100 9.72 9.30 -7.68
CA GLY A 100 10.42 9.68 -8.89
C GLY A 100 10.86 8.49 -9.72
N THR A 101 11.40 7.47 -9.04
CA THR A 101 11.86 6.27 -9.72
C THR A 101 11.10 5.04 -9.25
N GLY A 102 10.54 5.12 -8.04
CA GLY A 102 9.79 4.00 -7.49
C GLY A 102 10.68 3.01 -6.79
N LYS A 103 11.86 3.45 -6.36
CA LYS A 103 12.81 2.59 -5.67
C LYS A 103 12.47 2.48 -4.19
N ASP A 104 12.53 1.27 -3.65
CA ASP A 104 12.23 1.04 -2.24
C ASP A 104 13.15 1.87 -1.35
N LEU A 105 12.56 2.70 -0.51
CA LEU A 105 13.33 3.56 0.40
C LEU A 105 13.49 2.89 1.75
N ASP A 106 12.52 2.05 2.11
CA ASP A 106 12.56 1.34 3.39
C ASP A 106 12.43 -0.16 3.19
N PRO A 107 13.55 -0.80 2.81
CA PRO A 107 13.60 -2.25 2.57
C PRO A 107 13.46 -3.05 3.85
N ASN A 108 13.29 -2.35 4.97
CA ASN A 108 13.15 -3.00 6.27
C ASN A 108 11.67 -3.26 6.58
N ASN A 109 10.81 -2.36 6.14
CA ASN A 109 9.37 -2.48 6.37
C ASN A 109 9.09 -2.82 7.83
N VAL A 110 9.66 -2.03 8.74
CA VAL A 110 9.46 -2.25 10.16
C VAL A 110 8.73 -1.07 10.80
N ILE A 111 8.79 0.08 10.14
CA ILE A 111 8.13 1.28 10.64
C ILE A 111 6.62 1.09 10.74
N ILE A 112 6.03 0.56 9.67
CA ILE A 112 4.59 0.30 9.63
C ILE A 112 4.16 -0.56 10.81
N GLU A 113 5.09 -1.32 11.36
CA GLU A 113 4.81 -2.19 12.49
C GLU A 113 4.73 -1.39 13.79
N SER A 114 3.52 -1.02 14.19
CA SER A 114 3.33 -0.24 15.41
C SER A 114 2.18 -0.83 16.25
N GLY A 115 2.51 -1.23 17.47
CA GLY A 115 1.51 -1.80 18.35
C GLY A 115 1.38 -1.06 19.67
N PRO A 116 0.69 0.10 19.63
CA PRO A 116 0.49 0.93 20.81
C PRO A 116 -0.44 0.28 21.84
N SER A 117 -0.18 0.53 23.12
CA SER A 117 -0.99 -0.04 24.19
C SER A 117 -1.68 1.06 24.98
N SER A 118 -0.93 2.12 25.28
CA SER A 118 -1.48 3.25 26.04
C SER A 118 -1.91 2.80 27.43
N GLY A 119 -1.09 1.96 28.05
CA GLY A 119 -1.40 1.47 29.38
C GLY A 119 -0.25 1.66 30.35
N GLY A 1 -30.94 -27.09 5.81
CA GLY A 1 -30.11 -27.22 4.64
C GLY A 1 -28.71 -27.71 4.97
N SER A 2 -28.62 -28.91 5.51
CA SER A 2 -27.33 -29.49 5.88
C SER A 2 -26.93 -30.61 4.92
N SER A 3 -25.94 -30.34 4.09
CA SER A 3 -25.47 -31.32 3.11
C SER A 3 -24.02 -31.72 3.40
N GLY A 4 -23.16 -30.71 3.62
CA GLY A 4 -21.77 -30.97 3.89
C GLY A 4 -20.84 -30.13 3.04
N SER A 5 -19.54 -30.23 3.30
CA SER A 5 -18.55 -29.47 2.55
C SER A 5 -18.23 -30.16 1.22
N SER A 6 -18.48 -29.47 0.13
CA SER A 6 -18.22 -30.01 -1.20
C SER A 6 -16.73 -30.28 -1.39
N GLY A 7 -16.41 -31.26 -2.23
CA GLY A 7 -15.02 -31.60 -2.49
C GLY A 7 -14.39 -30.70 -3.53
N MET A 8 -13.06 -30.72 -3.60
CA MET A 8 -12.34 -29.90 -4.56
C MET A 8 -12.84 -30.13 -5.97
N ASN A 9 -13.33 -29.08 -6.62
CA ASN A 9 -13.85 -29.18 -7.97
C ASN A 9 -12.70 -29.23 -8.99
N SER A 10 -12.98 -29.79 -10.15
CA SER A 10 -11.98 -29.91 -11.20
C SER A 10 -12.38 -29.10 -12.44
N GLY A 11 -12.04 -27.82 -12.43
CA GLY A 11 -12.37 -26.95 -13.54
C GLY A 11 -11.78 -25.56 -13.39
N ARG A 12 -11.77 -24.80 -14.49
CA ARG A 12 -11.24 -23.45 -14.47
C ARG A 12 -11.49 -22.78 -13.12
N PRO A 13 -10.48 -22.81 -12.24
CA PRO A 13 -10.56 -22.21 -10.91
C PRO A 13 -10.59 -20.69 -10.96
N GLU A 14 -11.56 -20.10 -10.26
CA GLU A 14 -11.70 -18.65 -10.23
C GLU A 14 -10.68 -18.03 -9.27
N THR A 15 -9.64 -17.43 -9.83
CA THR A 15 -8.59 -16.80 -9.03
C THR A 15 -9.01 -15.40 -8.60
N MET A 16 -8.76 -15.09 -7.33
CA MET A 16 -9.11 -13.78 -6.77
C MET A 16 -8.29 -12.68 -7.44
N GLU A 17 -8.70 -11.43 -7.23
CA GLU A 17 -8.00 -10.29 -7.81
C GLU A 17 -6.50 -10.55 -7.87
N ASN A 18 -5.87 -10.08 -8.94
CA ASN A 18 -4.44 -10.27 -9.12
C ASN A 18 -3.65 -9.19 -8.38
N LEU A 19 -3.99 -8.99 -7.10
CA LEU A 19 -3.32 -7.99 -6.28
C LEU A 19 -1.86 -8.36 -6.06
N PRO A 20 -1.02 -7.33 -5.84
CA PRO A 20 0.42 -7.52 -5.62
C PRO A 20 0.71 -8.18 -4.26
N ALA A 21 1.96 -8.59 -4.07
CA ALA A 21 2.37 -9.22 -2.82
C ALA A 21 2.67 -8.19 -1.75
N LEU A 22 2.95 -8.66 -0.55
CA LEU A 22 3.27 -7.77 0.57
C LEU A 22 4.57 -7.01 0.31
N TYR A 23 4.59 -5.73 0.70
CA TYR A 23 5.78 -4.91 0.51
C TYR A 23 6.10 -4.75 -0.97
N THR A 24 5.08 -4.83 -1.80
CA THR A 24 5.25 -4.69 -3.25
C THR A 24 5.11 -3.24 -3.69
N ILE A 25 6.01 -2.81 -4.56
CA ILE A 25 5.99 -1.44 -5.05
C ILE A 25 5.39 -1.36 -6.45
N PHE A 26 4.45 -0.45 -6.63
CA PHE A 26 3.79 -0.28 -7.93
C PHE A 26 3.32 1.17 -8.11
N GLN A 27 3.09 1.55 -9.36
CA GLN A 27 2.64 2.90 -9.68
C GLN A 27 1.11 2.94 -9.82
N GLY A 28 0.49 3.85 -9.09
CA GLY A 28 -0.95 3.99 -9.15
C GLY A 28 -1.41 5.43 -9.17
N GLU A 29 -2.65 5.66 -9.60
CA GLU A 29 -3.19 7.01 -9.67
C GLU A 29 -4.24 7.22 -8.59
N VAL A 30 -4.25 8.41 -8.00
CA VAL A 30 -5.20 8.75 -6.96
C VAL A 30 -6.62 8.83 -7.51
N ALA A 31 -7.56 8.20 -6.81
CA ALA A 31 -8.95 8.20 -7.23
C ALA A 31 -9.84 8.88 -6.18
N MET A 32 -9.38 8.90 -4.94
CA MET A 32 -10.12 9.52 -3.85
C MET A 32 -9.19 10.18 -2.86
N VAL A 33 -9.58 11.34 -2.36
CA VAL A 33 -8.78 12.08 -1.38
C VAL A 33 -9.57 12.38 -0.13
N THR A 34 -9.04 11.98 1.02
CA THR A 34 -9.70 12.21 2.30
C THR A 34 -8.75 12.83 3.31
N ASP A 35 -9.31 13.42 4.36
CA ASP A 35 -8.50 14.05 5.40
C ASP A 35 -7.79 13.01 6.24
N TYR A 36 -8.00 11.74 5.92
CA TYR A 36 -7.38 10.64 6.66
C TYR A 36 -6.48 9.82 5.74
N GLY A 37 -6.41 10.22 4.48
CA GLY A 37 -5.59 9.50 3.52
C GLY A 37 -6.10 9.63 2.10
N ALA A 38 -5.64 8.76 1.22
CA ALA A 38 -6.05 8.77 -0.17
C ALA A 38 -6.05 7.37 -0.78
N PHE A 39 -6.96 7.13 -1.72
CA PHE A 39 -7.06 5.83 -2.37
C PHE A 39 -6.25 5.81 -3.66
N ILE A 40 -5.50 4.73 -3.86
CA ILE A 40 -4.68 4.58 -5.06
C ILE A 40 -5.08 3.33 -5.84
N LYS A 41 -5.33 3.51 -7.13
CA LYS A 41 -5.72 2.40 -8.00
C LYS A 41 -4.49 1.62 -8.46
N ILE A 42 -4.53 0.31 -8.27
CA ILE A 42 -3.42 -0.55 -8.68
C ILE A 42 -3.54 -0.96 -10.13
N PRO A 43 -2.41 -0.90 -10.86
CA PRO A 43 -2.36 -1.26 -12.28
C PRO A 43 -2.55 -2.76 -12.51
N GLY A 44 -3.60 -3.12 -13.25
CA GLY A 44 -3.86 -4.51 -13.52
C GLY A 44 -4.64 -5.18 -12.41
N CYS A 45 -5.57 -4.45 -11.81
CA CYS A 45 -6.39 -4.98 -10.73
C CYS A 45 -7.71 -4.22 -10.62
N ARG A 46 -8.58 -4.68 -9.72
CA ARG A 46 -9.87 -4.04 -9.53
C ARG A 46 -9.94 -3.37 -8.16
N LYS A 47 -9.47 -4.08 -7.13
CA LYS A 47 -9.47 -3.54 -5.78
C LYS A 47 -8.41 -2.48 -5.60
N GLN A 48 -8.71 -1.45 -4.82
CA GLN A 48 -7.78 -0.36 -4.56
C GLN A 48 -7.39 -0.30 -3.09
N GLY A 49 -6.22 0.25 -2.81
CA GLY A 49 -5.75 0.36 -1.44
C GLY A 49 -5.87 1.77 -0.90
N LEU A 50 -5.85 1.89 0.43
CA LEU A 50 -5.97 3.20 1.07
C LEU A 50 -4.66 3.58 1.76
N VAL A 51 -4.24 4.82 1.56
CA VAL A 51 -3.01 5.32 2.16
C VAL A 51 -3.30 6.28 3.30
N HIS A 52 -3.04 5.83 4.52
CA HIS A 52 -3.28 6.65 5.71
C HIS A 52 -2.53 7.99 5.60
N ARG A 53 -3.08 9.02 6.20
CA ARG A 53 -2.48 10.35 6.18
C ARG A 53 -1.08 10.31 6.79
N THR A 54 -0.88 9.41 7.76
CA THR A 54 0.40 9.28 8.43
C THR A 54 1.46 8.74 7.47
N HIS A 55 1.04 7.91 6.53
CA HIS A 55 1.96 7.33 5.55
C HIS A 55 2.06 8.21 4.31
N MET A 56 0.98 8.95 4.02
CA MET A 56 0.95 9.83 2.87
C MET A 56 2.26 10.62 2.75
N SER A 57 2.84 10.95 3.90
CA SER A 57 4.08 11.72 3.92
C SER A 57 4.86 11.43 5.21
N SER A 58 6.16 11.74 5.18
CA SER A 58 7.02 11.52 6.34
C SER A 58 6.94 12.69 7.31
N CYS A 59 7.11 13.90 6.78
CA CYS A 59 7.06 15.11 7.59
C CYS A 59 5.69 15.27 8.24
N ARG A 60 5.54 16.33 9.03
CA ARG A 60 4.27 16.59 9.70
C ARG A 60 3.14 16.77 8.70
N VAL A 61 2.25 15.78 8.63
CA VAL A 61 1.12 15.83 7.72
C VAL A 61 -0.08 16.52 8.36
N ASP A 62 -0.41 17.70 7.86
CA ASP A 62 -1.55 18.46 8.38
C ASP A 62 -2.68 18.53 7.35
N LYS A 63 -2.30 18.62 6.08
CA LYS A 63 -3.28 18.69 5.01
C LYS A 63 -2.92 17.73 3.87
N PRO A 64 -3.40 16.49 3.98
CA PRO A 64 -3.16 15.45 2.97
C PRO A 64 -3.86 15.74 1.66
N SER A 65 -4.91 16.57 1.72
CA SER A 65 -5.68 16.91 0.53
C SER A 65 -4.89 17.85 -0.38
N GLU A 66 -3.79 18.39 0.16
CA GLU A 66 -2.95 19.30 -0.60
C GLU A 66 -1.70 18.61 -1.11
N ILE A 67 -1.51 17.36 -0.70
CA ILE A 67 -0.35 16.58 -1.10
C ILE A 67 -0.60 15.90 -2.45
N VAL A 68 -1.82 15.41 -2.65
CA VAL A 68 -2.18 14.74 -3.89
C VAL A 68 -3.58 15.13 -4.34
N ASP A 69 -3.91 14.79 -5.58
CA ASP A 69 -5.23 15.11 -6.13
C ASP A 69 -5.65 14.08 -7.18
N VAL A 70 -6.92 13.71 -7.16
CA VAL A 70 -7.44 12.74 -8.10
C VAL A 70 -6.92 12.99 -9.52
N GLY A 71 -6.16 12.05 -10.05
CA GLY A 71 -5.61 12.19 -11.39
C GLY A 71 -4.10 12.14 -11.40
N ASP A 72 -3.49 12.35 -10.24
CA ASP A 72 -2.04 12.33 -10.12
C ASP A 72 -1.54 10.90 -9.88
N LYS A 73 -0.46 10.53 -10.56
CA LYS A 73 0.11 9.20 -10.42
C LYS A 73 1.33 9.22 -9.50
N VAL A 74 1.37 8.30 -8.55
CA VAL A 74 2.48 8.21 -7.60
C VAL A 74 2.85 6.76 -7.32
N TRP A 75 3.97 6.56 -6.63
CA TRP A 75 4.43 5.23 -6.30
C TRP A 75 4.09 4.88 -4.85
N VAL A 76 3.47 3.71 -4.66
CA VAL A 76 3.10 3.27 -3.33
C VAL A 76 3.60 1.85 -3.05
N LYS A 77 3.65 1.49 -1.77
CA LYS A 77 4.12 0.16 -1.37
C LYS A 77 3.19 -0.46 -0.35
N LEU A 78 2.71 -1.67 -0.64
CA LEU A 78 1.81 -2.37 0.27
C LEU A 78 2.45 -2.58 1.63
N ILE A 79 1.74 -2.21 2.68
CA ILE A 79 2.24 -2.37 4.04
C ILE A 79 1.43 -3.40 4.82
N GLY A 80 0.19 -3.61 4.40
CA GLY A 80 -0.67 -4.59 5.06
C GLY A 80 -1.89 -4.92 4.24
N ARG A 81 -1.97 -6.17 3.79
CA ARG A 81 -3.11 -6.63 2.99
C ARG A 81 -3.86 -7.74 3.70
N GLU A 82 -5.18 -7.60 3.78
CA GLU A 82 -6.01 -8.60 4.44
C GLU A 82 -7.33 -8.79 3.68
N MET A 83 -7.61 -10.03 3.28
CA MET A 83 -8.83 -10.35 2.56
C MET A 83 -9.72 -11.28 3.37
N LYS A 84 -10.89 -10.77 3.76
CA LYS A 84 -11.83 -11.55 4.55
C LYS A 84 -13.14 -11.73 3.79
N ASN A 85 -13.76 -12.89 3.96
CA ASN A 85 -15.02 -13.19 3.28
C ASN A 85 -16.11 -12.21 3.71
N ASP A 86 -15.84 -11.46 4.77
CA ASP A 86 -16.78 -10.47 5.27
C ASP A 86 -16.42 -9.07 4.81
N ARG A 87 -15.13 -8.85 4.56
CA ARG A 87 -14.65 -7.56 4.10
C ARG A 87 -13.17 -7.61 3.77
N ILE A 88 -12.73 -6.74 2.86
CA ILE A 88 -11.33 -6.69 2.46
C ILE A 88 -10.69 -5.37 2.88
N LYS A 89 -9.54 -5.46 3.54
CA LYS A 89 -8.81 -4.28 4.00
C LYS A 89 -7.41 -4.23 3.39
N VAL A 90 -7.11 -3.13 2.71
CA VAL A 90 -5.80 -2.96 2.09
C VAL A 90 -5.20 -1.61 2.43
N SER A 91 -3.93 -1.61 2.82
CA SER A 91 -3.23 -0.38 3.18
C SER A 91 -1.94 -0.23 2.39
N LEU A 92 -1.65 1.00 1.98
CA LEU A 92 -0.44 1.28 1.21
C LEU A 92 0.34 2.43 1.83
N SER A 93 1.62 2.55 1.45
CA SER A 93 2.47 3.61 1.97
C SER A 93 3.11 4.40 0.82
N MET A 94 3.31 5.70 1.06
CA MET A 94 3.91 6.56 0.05
C MET A 94 5.18 7.21 0.57
N LYS A 95 5.30 7.28 1.90
CA LYS A 95 6.47 7.87 2.53
C LYS A 95 7.65 6.90 2.52
N VAL A 96 7.37 5.65 2.21
CA VAL A 96 8.41 4.62 2.15
C VAL A 96 8.76 4.27 0.72
N VAL A 97 8.31 5.10 -0.22
CA VAL A 97 8.58 4.88 -1.64
C VAL A 97 8.94 6.19 -2.34
N ASN A 98 10.05 6.17 -3.06
CA ASN A 98 10.51 7.36 -3.79
C ASN A 98 9.47 7.79 -4.82
N GLN A 99 9.17 9.08 -4.85
CA GLN A 99 8.20 9.63 -5.79
C GLN A 99 8.90 10.23 -7.01
N GLY A 100 9.81 9.47 -7.60
CA GLY A 100 10.54 9.97 -8.76
C GLY A 100 11.10 8.84 -9.60
N THR A 101 11.53 7.77 -8.96
CA THR A 101 12.09 6.62 -9.65
C THR A 101 11.36 5.34 -9.28
N GLY A 102 10.69 5.35 -8.14
CA GLY A 102 9.96 4.18 -7.68
C GLY A 102 10.85 3.17 -6.99
N LYS A 103 11.92 3.66 -6.38
CA LYS A 103 12.86 2.79 -5.67
C LYS A 103 12.46 2.64 -4.20
N ASP A 104 12.55 1.41 -3.70
CA ASP A 104 12.21 1.13 -2.32
C ASP A 104 13.10 1.92 -1.36
N LEU A 105 12.47 2.60 -0.41
CA LEU A 105 13.20 3.40 0.57
C LEU A 105 13.22 2.70 1.93
N ASP A 106 12.50 1.60 2.04
CA ASP A 106 12.43 0.85 3.29
C ASP A 106 12.67 -0.64 3.03
N PRO A 107 13.95 -1.02 2.92
CA PRO A 107 14.35 -2.41 2.68
C PRO A 107 14.09 -3.31 3.89
N ASN A 108 13.52 -2.72 4.93
CA ASN A 108 13.22 -3.47 6.15
C ASN A 108 11.71 -3.60 6.35
N ASN A 109 10.96 -2.61 5.88
CA ASN A 109 9.51 -2.61 6.01
C ASN A 109 9.09 -2.92 7.44
N VAL A 110 9.64 -2.16 8.39
CA VAL A 110 9.32 -2.35 9.79
C VAL A 110 8.71 -1.08 10.39
N ILE A 111 8.96 0.05 9.75
CA ILE A 111 8.42 1.33 10.20
C ILE A 111 6.91 1.25 10.42
N ILE A 112 6.21 0.66 9.46
CA ILE A 112 4.77 0.52 9.54
C ILE A 112 4.37 -0.36 10.73
N GLU A 113 5.32 -1.14 11.22
CA GLU A 113 5.06 -2.03 12.35
C GLU A 113 4.81 -1.23 13.62
N SER A 114 3.63 -1.42 14.22
CA SER A 114 3.25 -0.71 15.43
C SER A 114 3.51 -1.58 16.66
N GLY A 115 3.25 -1.01 17.84
CA GLY A 115 3.44 -1.75 19.08
C GLY A 115 4.64 -1.24 19.86
N PRO A 116 4.42 -0.17 20.65
CA PRO A 116 5.48 0.43 21.47
C PRO A 116 5.89 -0.47 22.63
N SER A 117 6.83 -1.38 22.36
CA SER A 117 7.31 -2.31 23.39
C SER A 117 8.69 -1.90 23.87
N SER A 118 8.89 -1.96 25.19
CA SER A 118 10.17 -1.59 25.78
C SER A 118 11.25 -2.62 25.44
N GLY A 119 12.49 -2.16 25.31
CA GLY A 119 13.59 -3.05 24.99
C GLY A 119 13.53 -4.34 25.78
N GLY A 1 -4.19 -25.13 6.61
CA GLY A 1 -3.00 -24.90 5.82
C GLY A 1 -1.89 -25.89 6.11
N SER A 2 -0.70 -25.61 5.59
CA SER A 2 0.44 -26.50 5.80
C SER A 2 1.46 -25.86 6.73
N SER A 3 1.80 -24.60 6.46
CA SER A 3 2.77 -23.87 7.27
C SER A 3 3.86 -24.81 7.78
N GLY A 4 4.33 -25.69 6.90
CA GLY A 4 5.38 -26.62 7.28
C GLY A 4 6.73 -26.23 6.74
N SER A 5 7.72 -27.11 6.92
CA SER A 5 9.07 -26.84 6.44
C SER A 5 9.07 -26.44 4.97
N SER A 6 10.01 -25.60 4.58
CA SER A 6 10.11 -25.14 3.21
C SER A 6 10.37 -26.30 2.26
N GLY A 7 9.56 -26.40 1.21
CA GLY A 7 9.73 -27.47 0.25
C GLY A 7 8.43 -27.82 -0.45
N MET A 8 7.45 -28.28 0.32
CA MET A 8 6.15 -28.65 -0.23
C MET A 8 5.39 -27.42 -0.72
N ASN A 9 5.27 -27.28 -2.03
CA ASN A 9 4.57 -26.15 -2.62
C ASN A 9 3.17 -26.00 -2.03
N SER A 10 2.87 -24.81 -1.52
CA SER A 10 1.56 -24.55 -0.92
C SER A 10 0.44 -25.03 -1.84
N GLY A 11 -0.74 -25.23 -1.26
CA GLY A 11 -1.88 -25.69 -2.03
C GLY A 11 -2.44 -24.60 -2.93
N ARG A 12 -3.73 -24.31 -2.77
CA ARG A 12 -4.38 -23.30 -3.58
C ARG A 12 -5.08 -22.27 -2.70
N PRO A 13 -4.33 -21.25 -2.25
CA PRO A 13 -4.86 -20.19 -1.39
C PRO A 13 -5.83 -19.27 -2.14
N GLU A 14 -6.77 -18.68 -1.39
CA GLU A 14 -7.74 -17.79 -1.97
C GLU A 14 -7.24 -16.35 -1.98
N THR A 15 -6.27 -16.07 -2.86
CA THR A 15 -5.70 -14.73 -2.97
C THR A 15 -5.93 -14.15 -4.36
N MET A 16 -6.50 -12.95 -4.39
CA MET A 16 -6.77 -12.27 -5.66
C MET A 16 -5.50 -12.14 -6.49
N GLU A 17 -5.22 -13.16 -7.30
CA GLU A 17 -4.04 -13.15 -8.15
C GLU A 17 -3.78 -11.77 -8.72
N ASN A 18 -4.84 -11.09 -9.13
CA ASN A 18 -4.73 -9.75 -9.69
C ASN A 18 -3.87 -8.86 -8.80
N LEU A 19 -4.22 -8.78 -7.53
CA LEU A 19 -3.48 -7.96 -6.57
C LEU A 19 -2.07 -8.50 -6.37
N PRO A 20 -1.11 -7.59 -6.16
CA PRO A 20 0.30 -7.96 -5.94
C PRO A 20 0.51 -8.66 -4.60
N ALA A 21 1.77 -8.85 -4.23
CA ALA A 21 2.11 -9.50 -2.98
C ALA A 21 2.46 -8.47 -1.91
N LEU A 22 2.87 -8.95 -0.74
CA LEU A 22 3.22 -8.08 0.38
C LEU A 22 4.54 -7.36 0.10
N TYR A 23 4.63 -6.12 0.54
CA TYR A 23 5.84 -5.32 0.34
C TYR A 23 6.13 -5.12 -1.14
N THR A 24 5.07 -5.13 -1.94
CA THR A 24 5.21 -4.96 -3.38
C THR A 24 5.13 -3.49 -3.77
N ILE A 25 6.04 -3.05 -4.62
CA ILE A 25 6.07 -1.66 -5.08
C ILE A 25 5.48 -1.54 -6.48
N PHE A 26 4.52 -0.63 -6.63
CA PHE A 26 3.88 -0.41 -7.93
C PHE A 26 3.42 1.04 -8.05
N GLN A 27 3.18 1.47 -9.29
CA GLN A 27 2.74 2.84 -9.56
C GLN A 27 1.23 2.90 -9.69
N GLY A 28 0.61 3.83 -8.97
CA GLY A 28 -0.83 3.98 -9.01
C GLY A 28 -1.26 5.43 -9.04
N GLU A 29 -2.51 5.67 -9.42
CA GLU A 29 -3.05 7.02 -9.49
C GLU A 29 -4.14 7.23 -8.45
N VAL A 30 -4.16 8.44 -7.86
CA VAL A 30 -5.16 8.76 -6.86
C VAL A 30 -6.56 8.81 -7.45
N ALA A 31 -7.52 8.19 -6.76
CA ALA A 31 -8.90 8.16 -7.21
C ALA A 31 -9.84 8.76 -6.17
N MET A 32 -9.38 8.79 -4.93
CA MET A 32 -10.18 9.34 -3.83
C MET A 32 -9.29 10.02 -2.80
N VAL A 33 -9.76 11.16 -2.27
CA VAL A 33 -8.99 11.89 -1.28
C VAL A 33 -9.80 12.04 0.02
N THR A 34 -9.21 11.58 1.13
CA THR A 34 -9.86 11.66 2.42
C THR A 34 -8.98 12.37 3.45
N ASP A 35 -9.61 12.89 4.50
CA ASP A 35 -8.87 13.58 5.55
C ASP A 35 -8.03 12.61 6.36
N TYR A 36 -8.18 11.32 6.07
CA TYR A 36 -7.42 10.29 6.77
C TYR A 36 -6.49 9.55 5.82
N GLY A 37 -6.41 10.02 4.59
CA GLY A 37 -5.56 9.40 3.60
C GLY A 37 -6.13 9.50 2.19
N ALA A 38 -5.56 8.72 1.27
CA ALA A 38 -6.02 8.73 -0.11
C ALA A 38 -6.01 7.32 -0.70
N PHE A 39 -6.89 7.08 -1.66
CA PHE A 39 -6.98 5.77 -2.31
C PHE A 39 -6.19 5.75 -3.62
N ILE A 40 -5.42 4.69 -3.82
CA ILE A 40 -4.62 4.55 -5.03
C ILE A 40 -5.08 3.35 -5.86
N LYS A 41 -5.28 3.57 -7.15
CA LYS A 41 -5.70 2.50 -8.06
C LYS A 41 -4.51 1.71 -8.57
N ILE A 42 -4.58 0.39 -8.41
CA ILE A 42 -3.49 -0.48 -8.86
C ILE A 42 -3.62 -0.78 -10.35
N PRO A 43 -2.49 -0.68 -11.08
CA PRO A 43 -2.45 -0.93 -12.52
C PRO A 43 -2.64 -2.40 -12.86
N GLY A 44 -3.50 -2.68 -13.83
CA GLY A 44 -3.76 -4.04 -14.23
C GLY A 44 -4.69 -4.76 -13.27
N CYS A 45 -4.96 -4.14 -12.13
CA CYS A 45 -5.84 -4.72 -11.13
C CYS A 45 -7.16 -3.94 -11.04
N ARG A 46 -8.08 -4.44 -10.23
CA ARG A 46 -9.38 -3.80 -10.05
C ARG A 46 -9.52 -3.23 -8.65
N LYS A 47 -9.01 -3.96 -7.67
CA LYS A 47 -9.07 -3.53 -6.28
C LYS A 47 -8.13 -2.36 -6.02
N GLN A 48 -8.54 -1.46 -5.14
CA GLN A 48 -7.72 -0.29 -4.81
C GLN A 48 -7.28 -0.34 -3.35
N GLY A 49 -6.16 0.33 -3.05
CA GLY A 49 -5.64 0.35 -1.70
C GLY A 49 -5.67 1.74 -1.10
N LEU A 50 -5.85 1.81 0.22
CA LEU A 50 -5.90 3.08 0.92
C LEU A 50 -4.54 3.41 1.54
N VAL A 51 -4.16 4.68 1.48
CA VAL A 51 -2.89 5.12 2.04
C VAL A 51 -3.10 6.09 3.19
N HIS A 52 -2.68 5.69 4.38
CA HIS A 52 -2.83 6.53 5.57
C HIS A 52 -2.22 7.91 5.34
N ARG A 53 -2.85 8.93 5.91
CA ARG A 53 -2.38 10.30 5.76
C ARG A 53 -0.96 10.45 6.29
N THR A 54 -0.64 9.66 7.32
CA THR A 54 0.69 9.71 7.92
C THR A 54 1.71 8.95 7.07
N HIS A 55 1.20 8.11 6.16
CA HIS A 55 2.06 7.34 5.28
C HIS A 55 2.30 8.05 3.97
N MET A 56 1.45 9.04 3.67
CA MET A 56 1.57 9.81 2.44
C MET A 56 2.82 10.70 2.46
N SER A 57 3.16 11.19 3.65
CA SER A 57 4.32 12.06 3.81
C SER A 57 4.98 11.84 5.18
N SER A 58 6.30 11.93 5.21
CA SER A 58 7.05 11.73 6.45
C SER A 58 7.00 12.98 7.31
N CYS A 59 7.25 14.13 6.70
CA CYS A 59 7.23 15.41 7.42
C CYS A 59 5.87 15.66 8.05
N ARG A 60 5.72 16.81 8.69
CA ARG A 60 4.47 17.18 9.33
C ARG A 60 3.33 17.21 8.32
N VAL A 61 2.20 16.58 8.68
CA VAL A 61 1.04 16.55 7.80
C VAL A 61 -0.17 17.21 8.46
N ASP A 62 -0.68 18.25 7.82
CA ASP A 62 -1.83 18.98 8.34
C ASP A 62 -3.11 18.53 7.66
N LYS A 63 -3.05 18.39 6.34
CA LYS A 63 -4.21 17.96 5.56
C LYS A 63 -3.78 17.15 4.34
N PRO A 64 -4.27 15.91 4.25
CA PRO A 64 -3.96 15.00 3.15
C PRO A 64 -4.58 15.46 1.83
N SER A 65 -5.53 16.39 1.92
CA SER A 65 -6.21 16.91 0.74
C SER A 65 -5.31 17.86 -0.03
N GLU A 66 -4.27 18.36 0.63
CA GLU A 66 -3.32 19.29 0.00
C GLU A 66 -2.03 18.58 -0.35
N ILE A 67 -2.00 17.26 -0.17
CA ILE A 67 -0.82 16.47 -0.48
C ILE A 67 -1.02 15.67 -1.77
N VAL A 68 -2.24 15.18 -1.98
CA VAL A 68 -2.56 14.40 -3.17
C VAL A 68 -3.86 14.87 -3.80
N ASP A 69 -4.07 14.50 -5.06
CA ASP A 69 -5.28 14.89 -5.78
C ASP A 69 -5.59 13.89 -6.89
N VAL A 70 -6.88 13.61 -7.07
CA VAL A 70 -7.31 12.67 -8.11
C VAL A 70 -6.67 12.99 -9.45
N GLY A 71 -5.93 12.03 -10.01
CA GLY A 71 -5.28 12.22 -11.28
C GLY A 71 -3.77 12.15 -11.17
N ASP A 72 -3.24 12.48 -10.00
CA ASP A 72 -1.80 12.44 -9.78
C ASP A 72 -1.32 11.02 -9.56
N LYS A 73 -0.32 10.59 -10.34
CA LYS A 73 0.23 9.25 -10.22
C LYS A 73 1.45 9.24 -9.30
N VAL A 74 1.47 8.29 -8.36
CA VAL A 74 2.57 8.16 -7.43
C VAL A 74 2.91 6.71 -7.17
N TRP A 75 4.03 6.47 -6.49
CA TRP A 75 4.47 5.12 -6.18
C TRP A 75 4.09 4.74 -4.75
N VAL A 76 3.53 3.54 -4.58
CA VAL A 76 3.12 3.07 -3.27
C VAL A 76 3.62 1.66 -3.03
N LYS A 77 3.77 1.29 -1.75
CA LYS A 77 4.24 -0.04 -1.38
C LYS A 77 3.32 -0.67 -0.34
N LEU A 78 2.84 -1.87 -0.63
CA LEU A 78 1.96 -2.58 0.27
C LEU A 78 2.64 -2.85 1.62
N ILE A 79 1.94 -2.51 2.69
CA ILE A 79 2.49 -2.71 4.03
C ILE A 79 1.63 -3.68 4.83
N GLY A 80 0.39 -3.86 4.40
CA GLY A 80 -0.51 -4.77 5.08
C GLY A 80 -1.79 -5.03 4.30
N ARG A 81 -1.99 -6.26 3.86
CA ARG A 81 -3.17 -6.62 3.09
C ARG A 81 -4.01 -7.65 3.84
N GLU A 82 -5.28 -7.32 4.10
CA GLU A 82 -6.18 -8.22 4.80
C GLU A 82 -7.51 -8.34 4.07
N MET A 83 -7.89 -9.57 3.74
CA MET A 83 -9.14 -9.82 3.04
C MET A 83 -10.07 -10.69 3.87
N LYS A 84 -11.24 -10.16 4.22
CA LYS A 84 -12.21 -10.89 5.01
C LYS A 84 -13.48 -11.15 4.21
N ASN A 85 -14.15 -12.26 4.52
CA ASN A 85 -15.38 -12.64 3.83
C ASN A 85 -16.45 -11.56 4.00
N ASP A 86 -16.21 -10.65 4.93
CA ASP A 86 -17.15 -9.56 5.20
C ASP A 86 -16.71 -8.28 4.50
N ARG A 87 -15.40 -8.14 4.31
CA ARG A 87 -14.85 -6.96 3.65
C ARG A 87 -13.34 -7.10 3.45
N ILE A 88 -12.81 -6.37 2.49
CA ILE A 88 -11.38 -6.41 2.20
C ILE A 88 -10.76 -5.02 2.29
N LYS A 89 -9.68 -4.92 3.05
CA LYS A 89 -8.98 -3.64 3.23
C LYS A 89 -7.50 -3.80 2.95
N VAL A 90 -6.97 -2.92 2.10
CA VAL A 90 -5.55 -2.96 1.74
C VAL A 90 -4.84 -1.69 2.21
N SER A 91 -3.69 -1.86 2.85
CA SER A 91 -2.91 -0.74 3.35
C SER A 91 -1.71 -0.47 2.46
N LEU A 92 -1.54 0.78 2.07
CA LEU A 92 -0.42 1.17 1.21
C LEU A 92 0.37 2.32 1.83
N SER A 93 1.63 2.44 1.44
CA SER A 93 2.50 3.50 1.96
C SER A 93 3.20 4.23 0.83
N MET A 94 3.40 5.54 1.00
CA MET A 94 4.07 6.35 -0.01
C MET A 94 5.32 7.01 0.57
N LYS A 95 5.37 7.13 1.89
CA LYS A 95 6.52 7.73 2.56
C LYS A 95 7.72 6.80 2.53
N VAL A 96 7.50 5.56 2.10
CA VAL A 96 8.56 4.57 2.03
C VAL A 96 8.89 4.22 0.58
N VAL A 97 8.35 5.02 -0.34
CA VAL A 97 8.59 4.79 -1.77
C VAL A 97 8.93 6.11 -2.47
N ASN A 98 9.85 6.03 -3.42
CA ASN A 98 10.27 7.21 -4.19
C ASN A 98 9.23 7.57 -5.24
N GLN A 99 8.78 8.82 -5.20
CA GLN A 99 7.77 9.30 -6.14
C GLN A 99 8.44 9.80 -7.42
N GLY A 100 9.39 9.01 -7.94
CA GLY A 100 10.09 9.39 -9.16
C GLY A 100 10.62 8.20 -9.91
N THR A 101 11.06 7.18 -9.18
CA THR A 101 11.60 5.98 -9.79
C THR A 101 10.87 4.73 -9.30
N GLY A 102 10.31 4.82 -8.10
CA GLY A 102 9.58 3.69 -7.54
C GLY A 102 10.50 2.68 -6.88
N LYS A 103 11.60 3.17 -6.34
CA LYS A 103 12.57 2.29 -5.67
C LYS A 103 12.34 2.27 -4.16
N ASP A 104 12.34 1.08 -3.59
CA ASP A 104 12.13 0.92 -2.14
C ASP A 104 13.12 1.79 -1.36
N LEU A 105 12.58 2.65 -0.51
CA LEU A 105 13.40 3.55 0.30
C LEU A 105 13.69 2.92 1.66
N ASP A 106 12.76 2.11 2.15
CA ASP A 106 12.91 1.45 3.44
C ASP A 106 12.76 -0.06 3.30
N PRO A 107 13.85 -0.72 2.85
CA PRO A 107 13.85 -2.17 2.66
C PRO A 107 13.83 -2.93 3.98
N ASN A 108 13.83 -2.19 5.09
CA ASN A 108 13.79 -2.79 6.42
C ASN A 108 12.36 -3.04 6.86
N ASN A 109 11.44 -2.21 6.36
CA ASN A 109 10.04 -2.34 6.71
C ASN A 109 9.85 -2.31 8.23
N VAL A 110 10.57 -1.43 8.89
CA VAL A 110 10.48 -1.30 10.35
C VAL A 110 9.65 -0.09 10.74
N ILE A 111 9.59 0.91 9.86
CA ILE A 111 8.81 2.12 10.13
C ILE A 111 7.32 1.83 10.10
N ILE A 112 6.89 1.10 9.07
CA ILE A 112 5.47 0.76 8.93
C ILE A 112 4.93 0.13 10.21
N GLU A 113 5.82 -0.47 10.99
CA GLU A 113 5.42 -1.10 12.25
C GLU A 113 4.92 -0.07 13.24
N SER A 114 5.78 0.87 13.61
CA SER A 114 5.43 1.92 14.56
C SER A 114 5.67 3.30 13.96
N GLY A 115 4.60 4.07 13.81
CA GLY A 115 4.71 5.40 13.25
C GLY A 115 5.83 6.20 13.88
N PRO A 116 6.46 7.07 13.07
CA PRO A 116 7.57 7.91 13.54
C PRO A 116 7.11 8.99 14.52
N SER A 117 5.81 9.04 14.76
CA SER A 117 5.24 10.02 15.67
C SER A 117 5.91 9.96 17.04
N SER A 118 6.66 11.00 17.38
CA SER A 118 7.35 11.06 18.65
C SER A 118 6.99 12.33 19.42
N GLY A 119 6.26 12.15 20.52
CA GLY A 119 5.85 13.29 21.34
C GLY A 119 6.22 13.13 22.79
N GLY A 1 14.56 -10.90 17.16
CA GLY A 1 15.29 -12.08 16.69
C GLY A 1 14.91 -12.46 15.28
N SER A 2 15.73 -13.30 14.66
CA SER A 2 15.47 -13.76 13.29
C SER A 2 15.03 -15.21 13.27
N SER A 3 13.84 -15.46 12.74
CA SER A 3 13.30 -16.81 12.66
C SER A 3 12.93 -17.16 11.22
N GLY A 4 13.20 -18.41 10.84
CA GLY A 4 12.89 -18.85 9.49
C GLY A 4 13.22 -20.31 9.27
N SER A 5 12.51 -21.19 9.98
CA SER A 5 12.73 -22.63 9.86
C SER A 5 11.93 -23.20 8.70
N SER A 6 12.31 -24.40 8.26
CA SER A 6 11.64 -25.06 7.15
C SER A 6 10.13 -24.84 7.22
N GLY A 7 9.53 -24.53 6.08
CA GLY A 7 8.10 -24.30 6.03
C GLY A 7 7.48 -24.75 4.72
N MET A 8 7.41 -26.06 4.54
CA MET A 8 6.83 -26.62 3.32
C MET A 8 5.34 -26.87 3.49
N ASN A 9 4.53 -25.91 3.04
CA ASN A 9 3.08 -26.03 3.16
C ASN A 9 2.46 -26.24 1.77
N SER A 10 1.37 -27.00 1.74
CA SER A 10 0.67 -27.28 0.49
C SER A 10 -0.84 -27.11 0.65
N GLY A 11 -1.47 -26.52 -0.35
CA GLY A 11 -2.90 -26.29 -0.31
C GLY A 11 -3.26 -24.96 0.34
N ARG A 12 -3.15 -23.89 -0.44
CA ARG A 12 -3.46 -22.56 0.07
C ARG A 12 -4.94 -22.24 -0.13
N PRO A 13 -5.51 -21.48 0.83
CA PRO A 13 -6.92 -21.09 0.79
C PRO A 13 -7.22 -20.09 -0.32
N GLU A 14 -8.41 -20.19 -0.90
CA GLU A 14 -8.82 -19.28 -1.97
C GLU A 14 -8.84 -17.84 -1.49
N THR A 15 -7.85 -17.06 -1.91
CA THR A 15 -7.76 -15.66 -1.52
C THR A 15 -7.34 -14.79 -2.70
N MET A 16 -7.70 -13.51 -2.64
CA MET A 16 -7.36 -12.57 -3.70
C MET A 16 -5.92 -12.77 -4.16
N GLU A 17 -5.75 -13.21 -5.40
CA GLU A 17 -4.43 -13.44 -5.96
C GLU A 17 -4.02 -12.30 -6.89
N ASN A 18 -4.97 -11.83 -7.69
CA ASN A 18 -4.71 -10.75 -8.63
C ASN A 18 -3.78 -9.70 -8.01
N LEU A 19 -4.24 -9.08 -6.93
CA LEU A 19 -3.46 -8.06 -6.23
C LEU A 19 -2.01 -8.51 -6.07
N PRO A 20 -1.10 -7.55 -5.90
CA PRO A 20 0.33 -7.82 -5.72
C PRO A 20 0.63 -8.47 -4.37
N ALA A 21 1.91 -8.69 -4.11
CA ALA A 21 2.33 -9.30 -2.85
C ALA A 21 2.60 -8.23 -1.78
N LEU A 22 2.98 -8.68 -0.60
CA LEU A 22 3.26 -7.77 0.51
C LEU A 22 4.53 -6.96 0.23
N TYR A 23 4.57 -5.74 0.76
CA TYR A 23 5.73 -4.87 0.57
C TYR A 23 6.04 -4.70 -0.91
N THR A 24 5.02 -4.87 -1.75
CA THR A 24 5.19 -4.73 -3.19
C THR A 24 5.07 -3.27 -3.62
N ILE A 25 5.99 -2.83 -4.46
CA ILE A 25 6.00 -1.46 -4.95
C ILE A 25 5.42 -1.38 -6.36
N PHE A 26 4.45 -0.49 -6.55
CA PHE A 26 3.82 -0.31 -7.86
C PHE A 26 3.37 1.13 -8.05
N GLN A 27 3.08 1.49 -9.30
CA GLN A 27 2.63 2.84 -9.61
C GLN A 27 1.11 2.90 -9.71
N GLY A 28 0.51 3.83 -8.97
CA GLY A 28 -0.93 3.97 -8.99
C GLY A 28 -1.37 5.43 -9.04
N GLU A 29 -2.64 5.65 -9.39
CA GLU A 29 -3.17 6.99 -9.48
C GLU A 29 -4.21 7.24 -8.38
N VAL A 30 -4.26 8.48 -7.90
CA VAL A 30 -5.20 8.86 -6.84
C VAL A 30 -6.62 8.96 -7.40
N ALA A 31 -7.55 8.23 -6.78
CA ALA A 31 -8.94 8.25 -7.20
C ALA A 31 -9.83 8.88 -6.14
N MET A 32 -9.34 8.91 -4.91
CA MET A 32 -10.09 9.49 -3.80
C MET A 32 -9.15 10.14 -2.79
N VAL A 33 -9.52 11.34 -2.34
CA VAL A 33 -8.71 12.08 -1.37
C VAL A 33 -9.49 12.35 -0.10
N THR A 34 -8.94 11.92 1.03
CA THR A 34 -9.59 12.11 2.32
C THR A 34 -8.64 12.74 3.32
N ASP A 35 -9.20 13.32 4.38
CA ASP A 35 -8.39 13.97 5.41
C ASP A 35 -7.63 12.93 6.23
N TYR A 36 -7.92 11.66 5.99
CA TYR A 36 -7.25 10.57 6.70
C TYR A 36 -6.39 9.75 5.75
N GLY A 37 -6.21 10.25 4.53
CA GLY A 37 -5.41 9.54 3.55
C GLY A 37 -5.99 9.65 2.15
N ALA A 38 -5.49 8.81 1.24
CA ALA A 38 -5.96 8.81 -0.14
C ALA A 38 -5.99 7.41 -0.72
N PHE A 39 -6.88 7.18 -1.67
CA PHE A 39 -7.00 5.86 -2.29
C PHE A 39 -6.18 5.79 -3.58
N ILE A 40 -5.41 4.73 -3.72
CA ILE A 40 -4.57 4.54 -4.90
C ILE A 40 -5.04 3.35 -5.73
N LYS A 41 -5.19 3.55 -7.03
CA LYS A 41 -5.62 2.49 -7.93
C LYS A 41 -4.45 1.65 -8.39
N ILE A 42 -4.55 0.33 -8.22
CA ILE A 42 -3.49 -0.58 -8.63
C ILE A 42 -3.64 -0.98 -10.10
N PRO A 43 -2.54 -0.86 -10.86
CA PRO A 43 -2.52 -1.21 -12.28
C PRO A 43 -2.64 -2.71 -12.52
N GLY A 44 -3.69 -3.11 -13.24
CA GLY A 44 -3.89 -4.51 -13.53
C GLY A 44 -4.71 -5.21 -12.45
N CYS A 45 -5.56 -4.45 -11.77
CA CYS A 45 -6.41 -5.00 -10.72
C CYS A 45 -7.75 -4.30 -10.69
N ARG A 46 -8.63 -4.78 -9.80
CA ARG A 46 -9.97 -4.20 -9.67
C ARG A 46 -10.16 -3.55 -8.31
N LYS A 47 -9.39 -4.01 -7.33
CA LYS A 47 -9.46 -3.46 -5.98
C LYS A 47 -8.44 -2.35 -5.78
N GLN A 48 -8.76 -1.42 -4.89
CA GLN A 48 -7.86 -0.31 -4.61
C GLN A 48 -7.47 -0.28 -3.13
N GLY A 49 -6.27 0.22 -2.86
CA GLY A 49 -5.80 0.29 -1.48
C GLY A 49 -5.84 1.70 -0.93
N LEU A 50 -5.89 1.81 0.41
CA LEU A 50 -5.95 3.11 1.07
C LEU A 50 -4.60 3.45 1.69
N VAL A 51 -4.22 4.72 1.60
CA VAL A 51 -2.96 5.19 2.16
C VAL A 51 -3.20 6.13 3.33
N HIS A 52 -2.84 5.67 4.53
CA HIS A 52 -3.02 6.48 5.73
C HIS A 52 -2.34 7.84 5.58
N ARG A 53 -2.90 8.85 6.24
CA ARG A 53 -2.34 10.19 6.17
C ARG A 53 -0.91 10.23 6.70
N THR A 54 -0.63 9.37 7.69
CA THR A 54 0.69 9.31 8.29
C THR A 54 1.69 8.67 7.32
N HIS A 55 1.18 7.89 6.38
CA HIS A 55 2.02 7.21 5.40
C HIS A 55 2.15 8.06 4.12
N MET A 56 1.32 9.10 4.03
CA MET A 56 1.34 9.98 2.86
C MET A 56 2.65 10.78 2.81
N SER A 57 3.13 11.17 3.97
CA SER A 57 4.37 11.95 4.06
C SER A 57 5.07 11.71 5.39
N SER A 58 6.40 11.74 5.36
CA SER A 58 7.19 11.52 6.56
C SER A 58 7.12 12.73 7.49
N CYS A 59 7.26 13.92 6.92
CA CYS A 59 7.21 15.15 7.70
C CYS A 59 5.85 15.31 8.38
N ARG A 60 5.67 16.43 9.07
CA ARG A 60 4.42 16.71 9.77
C ARG A 60 3.25 16.81 8.79
N VAL A 61 2.49 15.73 8.68
CA VAL A 61 1.33 15.70 7.78
C VAL A 61 0.11 16.36 8.42
N ASP A 62 -0.32 17.47 7.85
CA ASP A 62 -1.48 18.19 8.37
C ASP A 62 -2.65 18.13 7.38
N LYS A 63 -2.37 18.43 6.12
CA LYS A 63 -3.38 18.41 5.08
C LYS A 63 -2.96 17.49 3.93
N PRO A 64 -3.48 16.24 3.96
CA PRO A 64 -3.18 15.25 2.92
C PRO A 64 -3.81 15.59 1.57
N SER A 65 -4.73 16.56 1.59
CA SER A 65 -5.42 16.97 0.38
C SER A 65 -4.55 17.93 -0.43
N GLU A 66 -3.57 18.53 0.23
CA GLU A 66 -2.66 19.48 -0.42
C GLU A 66 -1.41 18.76 -0.93
N ILE A 67 -1.31 17.47 -0.64
CA ILE A 67 -0.16 16.68 -1.06
C ILE A 67 -0.44 16.00 -2.41
N VAL A 68 -1.67 15.57 -2.60
CA VAL A 68 -2.07 14.90 -3.84
C VAL A 68 -3.50 15.26 -4.23
N ASP A 69 -3.90 14.83 -5.42
CA ASP A 69 -5.25 15.10 -5.91
C ASP A 69 -5.65 14.09 -6.98
N VAL A 70 -6.94 13.78 -7.04
CA VAL A 70 -7.45 12.83 -8.01
C VAL A 70 -6.92 13.12 -9.41
N GLY A 71 -6.10 12.20 -9.93
CA GLY A 71 -5.52 12.39 -11.25
C GLY A 71 -4.02 12.27 -11.25
N ASP A 72 -3.41 12.54 -10.11
CA ASP A 72 -1.96 12.46 -9.98
C ASP A 72 -1.51 11.02 -9.75
N LYS A 73 -0.45 10.62 -10.45
CA LYS A 73 0.08 9.26 -10.32
C LYS A 73 1.32 9.25 -9.44
N VAL A 74 1.36 8.31 -8.49
CA VAL A 74 2.48 8.19 -7.58
C VAL A 74 2.80 6.73 -7.29
N TRP A 75 3.94 6.49 -6.65
CA TRP A 75 4.36 5.13 -6.32
C TRP A 75 3.99 4.79 -4.87
N VAL A 76 3.41 3.61 -4.69
CA VAL A 76 3.00 3.16 -3.36
C VAL A 76 3.53 1.76 -3.07
N LYS A 77 3.52 1.38 -1.80
CA LYS A 77 3.99 0.06 -1.40
C LYS A 77 3.06 -0.56 -0.36
N LEU A 78 2.59 -1.77 -0.64
CA LEU A 78 1.69 -2.47 0.27
C LEU A 78 2.37 -2.75 1.60
N ILE A 79 1.65 -2.46 2.69
CA ILE A 79 2.19 -2.67 4.03
C ILE A 79 1.33 -3.68 4.80
N GLY A 80 0.08 -3.83 4.39
CA GLY A 80 -0.81 -4.77 5.06
C GLY A 80 -2.01 -5.14 4.19
N ARG A 81 -2.06 -6.40 3.80
CA ARG A 81 -3.16 -6.89 2.96
C ARG A 81 -3.96 -7.97 3.69
N GLU A 82 -5.28 -7.82 3.71
CA GLU A 82 -6.15 -8.78 4.36
C GLU A 82 -7.46 -8.93 3.61
N MET A 83 -7.78 -10.16 3.22
CA MET A 83 -9.01 -10.44 2.49
C MET A 83 -9.94 -11.33 3.30
N LYS A 84 -11.09 -10.77 3.70
CA LYS A 84 -12.06 -11.52 4.48
C LYS A 84 -13.36 -11.70 3.70
N ASN A 85 -14.06 -12.80 3.96
CA ASN A 85 -15.32 -13.09 3.29
C ASN A 85 -16.34 -11.99 3.56
N ASP A 86 -16.05 -11.15 4.55
CA ASP A 86 -16.94 -10.05 4.91
C ASP A 86 -16.54 -8.76 4.20
N ARG A 87 -15.24 -8.61 3.97
CA ARG A 87 -14.72 -7.42 3.30
C ARG A 87 -13.22 -7.53 3.06
N ILE A 88 -12.72 -6.78 2.09
CA ILE A 88 -11.30 -6.81 1.77
C ILE A 88 -10.61 -5.53 2.25
N LYS A 89 -9.64 -5.69 3.15
CA LYS A 89 -8.91 -4.57 3.70
C LYS A 89 -7.51 -4.49 3.09
N VAL A 90 -7.18 -3.34 2.51
CA VAL A 90 -5.88 -3.13 1.90
C VAL A 90 -5.28 -1.79 2.31
N SER A 91 -4.01 -1.81 2.69
CA SER A 91 -3.32 -0.59 3.11
C SER A 91 -2.04 -0.39 2.32
N LEU A 92 -1.82 0.84 1.85
CA LEU A 92 -0.63 1.17 1.08
C LEU A 92 0.12 2.33 1.70
N SER A 93 1.39 2.48 1.33
CA SER A 93 2.23 3.54 1.86
C SER A 93 3.03 4.22 0.75
N MET A 94 3.18 5.53 0.85
CA MET A 94 3.93 6.30 -0.15
C MET A 94 5.21 6.85 0.44
N LYS A 95 5.20 7.13 1.74
CA LYS A 95 6.37 7.67 2.42
C LYS A 95 7.54 6.69 2.35
N VAL A 96 7.23 5.42 2.08
CA VAL A 96 8.26 4.39 1.98
C VAL A 96 8.56 4.06 0.52
N VAL A 97 8.23 4.99 -0.37
CA VAL A 97 8.48 4.79 -1.79
C VAL A 97 8.76 6.11 -2.49
N ASN A 98 9.79 6.11 -3.33
CA ASN A 98 10.17 7.31 -4.06
C ASN A 98 9.13 7.67 -5.12
N GLN A 99 8.61 8.90 -5.05
CA GLN A 99 7.61 9.35 -6.00
C GLN A 99 8.27 9.92 -7.26
N GLY A 100 9.18 9.16 -7.85
CA GLY A 100 9.86 9.60 -9.04
C GLY A 100 10.47 8.44 -9.82
N THR A 101 10.94 7.43 -9.11
CA THR A 101 11.56 6.27 -9.73
C THR A 101 10.88 4.98 -9.29
N GLY A 102 10.37 4.97 -8.06
CA GLY A 102 9.70 3.80 -7.53
C GLY A 102 10.65 2.86 -6.83
N LYS A 103 11.72 3.41 -6.26
CA LYS A 103 12.71 2.61 -5.55
C LYS A 103 12.37 2.52 -4.07
N ASP A 104 12.46 1.31 -3.53
CA ASP A 104 12.16 1.08 -2.11
C ASP A 104 13.02 1.97 -1.22
N LEU A 105 12.37 2.86 -0.49
CA LEU A 105 13.07 3.78 0.41
C LEU A 105 13.28 3.14 1.78
N ASP A 106 12.30 2.36 2.22
CA ASP A 106 12.37 1.70 3.51
C ASP A 106 12.46 0.18 3.34
N PRO A 107 13.65 -0.30 2.97
CA PRO A 107 13.89 -1.74 2.76
C PRO A 107 13.87 -2.52 4.07
N ASN A 108 14.05 -1.81 5.19
CA ASN A 108 14.05 -2.44 6.50
C ASN A 108 12.63 -2.81 6.93
N ASN A 109 11.69 -1.90 6.69
CA ASN A 109 10.30 -2.12 7.04
C ASN A 109 10.13 -2.16 8.57
N VAL A 110 10.80 -1.23 9.25
CA VAL A 110 10.72 -1.14 10.70
C VAL A 110 9.88 0.05 11.14
N ILE A 111 9.67 0.99 10.23
CA ILE A 111 8.89 2.17 10.52
C ILE A 111 7.40 1.87 10.46
N ILE A 112 6.95 1.32 9.34
CA ILE A 112 5.54 0.97 9.16
C ILE A 112 5.01 0.18 10.34
N GLU A 113 5.92 -0.50 11.05
CA GLU A 113 5.54 -1.30 12.21
C GLU A 113 5.33 -0.42 13.43
N SER A 114 4.08 -0.02 13.67
CA SER A 114 3.75 0.82 14.80
C SER A 114 4.54 0.41 16.04
N GLY A 115 5.08 1.39 16.75
CA GLY A 115 5.85 1.11 17.95
C GLY A 115 6.56 2.33 18.49
N PRO A 116 5.80 3.30 18.99
CA PRO A 116 6.34 4.53 19.55
C PRO A 116 7.08 4.31 20.86
N SER A 117 8.40 4.10 20.76
CA SER A 117 9.22 3.88 21.94
C SER A 117 8.80 4.78 23.09
N SER A 118 8.37 4.17 24.20
CA SER A 118 7.92 4.92 25.37
C SER A 118 9.12 5.35 26.21
N GLY A 119 8.92 6.39 27.02
CA GLY A 119 9.99 6.88 27.87
C GLY A 119 11.31 7.03 27.13
N GLY A 1 28.59 -39.00 -6.27
CA GLY A 1 28.93 -38.56 -4.93
C GLY A 1 28.00 -37.48 -4.42
N SER A 2 28.51 -36.25 -4.33
CA SER A 2 27.73 -35.13 -3.85
C SER A 2 26.85 -34.56 -4.97
N SER A 3 25.53 -34.63 -4.77
CA SER A 3 24.58 -34.14 -5.76
C SER A 3 23.24 -33.81 -5.11
N GLY A 4 22.60 -32.75 -5.58
CA GLY A 4 21.32 -32.35 -5.02
C GLY A 4 20.24 -32.28 -6.08
N SER A 5 20.33 -31.30 -6.96
CA SER A 5 19.34 -31.12 -8.03
C SER A 5 17.93 -31.10 -7.45
N SER A 6 17.75 -30.39 -6.34
CA SER A 6 16.46 -30.29 -5.68
C SER A 6 15.67 -29.11 -6.24
N GLY A 7 14.39 -29.35 -6.55
CA GLY A 7 13.54 -28.30 -7.09
C GLY A 7 12.29 -28.09 -6.26
N MET A 8 12.01 -26.84 -5.92
CA MET A 8 10.83 -26.51 -5.13
C MET A 8 9.55 -26.85 -5.90
N ASN A 9 8.46 -27.03 -5.16
CA ASN A 9 7.17 -27.36 -5.77
C ASN A 9 6.37 -26.10 -6.05
N SER A 10 5.19 -26.27 -6.66
CA SER A 10 4.34 -25.15 -7.00
C SER A 10 2.92 -25.62 -7.31
N GLY A 11 1.99 -24.68 -7.44
CA GLY A 11 0.62 -25.02 -7.74
C GLY A 11 -0.37 -24.23 -6.91
N ARG A 12 -1.22 -23.45 -7.58
CA ARG A 12 -2.21 -22.64 -6.89
C ARG A 12 -3.58 -22.77 -7.56
N PRO A 13 -4.63 -22.91 -6.73
CA PRO A 13 -6.00 -23.04 -7.22
C PRO A 13 -6.54 -21.76 -7.84
N GLU A 14 -7.79 -21.79 -8.29
CA GLU A 14 -8.41 -20.63 -8.91
C GLU A 14 -8.83 -19.62 -7.85
N THR A 15 -7.92 -18.71 -7.51
CA THR A 15 -8.20 -17.68 -6.51
C THR A 15 -8.30 -16.31 -7.15
N MET A 16 -8.86 -15.35 -6.41
CA MET A 16 -9.01 -13.99 -6.90
C MET A 16 -7.97 -13.06 -6.27
N GLU A 17 -6.74 -13.56 -6.15
CA GLU A 17 -5.67 -12.77 -5.55
C GLU A 17 -4.95 -11.95 -6.62
N ASN A 18 -5.71 -11.16 -7.36
CA ASN A 18 -5.15 -10.32 -8.41
C ASN A 18 -4.22 -9.25 -7.83
N LEU A 19 -4.51 -8.86 -6.59
CA LEU A 19 -3.71 -7.84 -5.91
C LEU A 19 -2.25 -8.29 -5.79
N PRO A 20 -1.35 -7.32 -5.64
CA PRO A 20 0.09 -7.58 -5.50
C PRO A 20 0.43 -8.26 -4.17
N ALA A 21 1.71 -8.60 -4.00
CA ALA A 21 2.16 -9.25 -2.78
C ALA A 21 2.48 -8.21 -1.71
N LEU A 22 2.76 -8.70 -0.50
CA LEU A 22 3.08 -7.81 0.62
C LEU A 22 4.40 -7.09 0.38
N TYR A 23 4.48 -5.84 0.84
CA TYR A 23 5.69 -5.04 0.67
C TYR A 23 6.04 -4.89 -0.81
N THR A 24 5.02 -4.96 -1.66
CA THR A 24 5.21 -4.82 -3.09
C THR A 24 5.09 -3.37 -3.53
N ILE A 25 6.00 -2.94 -4.41
CA ILE A 25 6.00 -1.56 -4.90
C ILE A 25 5.41 -1.49 -6.30
N PHE A 26 4.51 -0.54 -6.51
CA PHE A 26 3.86 -0.36 -7.80
C PHE A 26 3.40 1.09 -7.98
N GLN A 27 3.09 1.45 -9.22
CA GLN A 27 2.63 2.80 -9.52
C GLN A 27 1.11 2.84 -9.67
N GLY A 28 0.46 3.69 -8.87
CA GLY A 28 -0.99 3.81 -8.94
C GLY A 28 -1.45 5.25 -9.03
N GLU A 29 -2.69 5.44 -9.45
CA GLU A 29 -3.26 6.78 -9.59
C GLU A 29 -4.30 7.05 -8.51
N VAL A 30 -4.27 8.26 -7.95
CA VAL A 30 -5.21 8.64 -6.91
C VAL A 30 -6.62 8.73 -7.44
N ALA A 31 -7.55 8.02 -6.80
CA ALA A 31 -8.94 8.02 -7.22
C ALA A 31 -9.82 8.75 -6.20
N MET A 32 -9.32 8.85 -4.97
CA MET A 32 -10.07 9.51 -3.90
C MET A 32 -9.11 10.19 -2.93
N VAL A 33 -9.48 11.39 -2.48
CA VAL A 33 -8.65 12.14 -1.54
C VAL A 33 -9.44 12.49 -0.28
N THR A 34 -8.90 12.08 0.88
CA THR A 34 -9.55 12.35 2.15
C THR A 34 -8.59 12.99 3.13
N ASP A 35 -9.13 13.64 4.16
CA ASP A 35 -8.31 14.28 5.18
C ASP A 35 -7.61 13.25 6.05
N TYR A 36 -7.94 11.98 5.86
CA TYR A 36 -7.34 10.90 6.63
C TYR A 36 -6.57 9.95 5.73
N GLY A 37 -6.35 10.38 4.48
CA GLY A 37 -5.62 9.55 3.54
C GLY A 37 -6.12 9.70 2.13
N ALA A 38 -5.67 8.83 1.24
CA ALA A 38 -6.08 8.87 -0.16
C ALA A 38 -6.11 7.47 -0.77
N PHE A 39 -7.02 7.26 -1.71
CA PHE A 39 -7.15 5.96 -2.37
C PHE A 39 -6.32 5.91 -3.65
N ILE A 40 -5.60 4.82 -3.84
CA ILE A 40 -4.76 4.65 -5.02
C ILE A 40 -5.17 3.40 -5.80
N LYS A 41 -5.31 3.56 -7.11
CA LYS A 41 -5.70 2.45 -7.98
C LYS A 41 -4.48 1.64 -8.39
N ILE A 42 -4.57 0.32 -8.24
CA ILE A 42 -3.46 -0.56 -8.60
C ILE A 42 -3.59 -1.02 -10.05
N PRO A 43 -2.45 -1.03 -10.76
CA PRO A 43 -2.41 -1.45 -12.17
C PRO A 43 -2.63 -2.94 -12.33
N GLY A 44 -3.65 -3.30 -13.13
CA GLY A 44 -3.96 -4.70 -13.36
C GLY A 44 -4.71 -5.32 -12.20
N CYS A 45 -5.59 -4.54 -11.58
CA CYS A 45 -6.38 -5.02 -10.45
C CYS A 45 -7.77 -4.39 -10.45
N ARG A 46 -8.64 -4.90 -9.59
CA ARG A 46 -10.00 -4.39 -9.49
C ARG A 46 -10.20 -3.63 -8.18
N LYS A 47 -9.58 -4.12 -7.12
CA LYS A 47 -9.68 -3.49 -5.81
C LYS A 47 -8.60 -2.44 -5.62
N GLN A 48 -8.89 -1.43 -4.80
CA GLN A 48 -7.93 -0.35 -4.55
C GLN A 48 -7.51 -0.35 -3.08
N GLY A 49 -6.42 0.36 -2.79
CA GLY A 49 -5.92 0.42 -1.43
C GLY A 49 -5.93 1.84 -0.88
N LEU A 50 -6.08 1.96 0.44
CA LEU A 50 -6.12 3.26 1.08
C LEU A 50 -4.76 3.59 1.71
N VAL A 51 -4.31 4.82 1.49
CA VAL A 51 -3.03 5.27 2.03
C VAL A 51 -3.23 6.22 3.21
N HIS A 52 -2.87 5.75 4.40
CA HIS A 52 -3.01 6.56 5.60
C HIS A 52 -2.26 7.89 5.47
N ARG A 53 -2.82 8.94 6.05
CA ARG A 53 -2.19 10.26 5.99
C ARG A 53 -0.80 10.23 6.59
N THR A 54 -0.61 9.38 7.60
CA THR A 54 0.69 9.26 8.26
C THR A 54 1.75 8.72 7.31
N HIS A 55 1.33 7.88 6.36
CA HIS A 55 2.24 7.31 5.38
C HIS A 55 2.30 8.15 4.12
N MET A 56 1.35 9.08 4.00
CA MET A 56 1.28 9.96 2.83
C MET A 56 2.51 10.86 2.77
N SER A 57 3.14 11.10 3.92
CA SER A 57 4.33 11.94 3.99
C SER A 57 5.07 11.71 5.30
N SER A 58 6.39 11.85 5.24
CA SER A 58 7.23 11.66 6.43
C SER A 58 6.99 12.76 7.45
N CYS A 59 7.36 13.99 7.09
CA CYS A 59 7.19 15.13 7.98
C CYS A 59 5.78 15.14 8.57
N ARG A 60 5.56 16.04 9.52
CA ARG A 60 4.25 16.16 10.17
C ARG A 60 3.17 16.51 9.17
N VAL A 61 2.42 15.51 8.73
CA VAL A 61 1.35 15.71 7.76
C VAL A 61 0.21 16.52 8.37
N ASP A 62 -0.08 17.67 7.78
CA ASP A 62 -1.15 18.53 8.26
C ASP A 62 -2.40 18.37 7.40
N LYS A 63 -2.23 18.37 6.10
CA LYS A 63 -3.34 18.22 5.17
C LYS A 63 -2.96 17.35 3.98
N PRO A 64 -3.43 16.10 3.97
CA PRO A 64 -3.15 15.15 2.90
C PRO A 64 -3.85 15.52 1.59
N SER A 65 -4.88 16.36 1.69
CA SER A 65 -5.62 16.79 0.52
C SER A 65 -4.79 17.76 -0.32
N GLU A 66 -3.68 18.22 0.24
CA GLU A 66 -2.81 19.16 -0.45
C GLU A 66 -1.54 18.47 -0.94
N ILE A 67 -1.44 17.16 -0.68
CA ILE A 67 -0.28 16.39 -1.10
C ILE A 67 -0.48 15.79 -2.48
N VAL A 68 -1.72 15.39 -2.78
CA VAL A 68 -2.05 14.80 -4.07
C VAL A 68 -3.45 15.20 -4.52
N ASP A 69 -3.83 14.77 -5.72
CA ASP A 69 -5.14 15.08 -6.26
C ASP A 69 -5.58 14.03 -7.28
N VAL A 70 -6.84 13.66 -7.23
CA VAL A 70 -7.39 12.66 -8.14
C VAL A 70 -6.81 12.85 -9.55
N GLY A 71 -6.18 11.79 -10.07
CA GLY A 71 -5.60 11.86 -11.40
C GLY A 71 -4.08 11.83 -11.37
N ASP A 72 -3.51 12.22 -10.24
CA ASP A 72 -2.06 12.24 -10.08
C ASP A 72 -1.52 10.83 -9.81
N LYS A 73 -0.50 10.45 -10.56
CA LYS A 73 0.11 9.13 -10.39
C LYS A 73 1.31 9.20 -9.46
N VAL A 74 1.36 8.28 -8.49
CA VAL A 74 2.46 8.24 -7.54
C VAL A 74 2.86 6.80 -7.23
N TRP A 75 3.98 6.64 -6.53
CA TRP A 75 4.47 5.31 -6.17
C TRP A 75 4.11 4.97 -4.73
N VAL A 76 3.57 3.76 -4.53
CA VAL A 76 3.18 3.32 -3.20
C VAL A 76 3.65 1.89 -2.93
N LYS A 77 3.75 1.53 -1.66
CA LYS A 77 4.19 0.19 -1.28
C LYS A 77 3.23 -0.43 -0.28
N LEU A 78 2.81 -1.67 -0.55
CA LEU A 78 1.88 -2.38 0.32
C LEU A 78 2.51 -2.62 1.69
N ILE A 79 1.78 -2.24 2.74
CA ILE A 79 2.26 -2.42 4.10
C ILE A 79 1.46 -3.50 4.83
N GLY A 80 0.19 -3.63 4.46
CA GLY A 80 -0.67 -4.62 5.08
C GLY A 80 -1.88 -4.95 4.25
N ARG A 81 -1.95 -6.19 3.76
CA ARG A 81 -3.07 -6.63 2.94
C ARG A 81 -3.85 -7.75 3.62
N GLU A 82 -5.16 -7.59 3.70
CA GLU A 82 -6.02 -8.59 4.33
C GLU A 82 -7.33 -8.75 3.57
N MET A 83 -7.63 -9.97 3.14
CA MET A 83 -8.85 -10.26 2.40
C MET A 83 -9.73 -11.24 3.17
N LYS A 84 -10.89 -10.77 3.61
CA LYS A 84 -11.83 -11.60 4.36
C LYS A 84 -13.13 -11.77 3.59
N ASN A 85 -13.73 -12.95 3.69
CA ASN A 85 -14.99 -13.24 3.00
C ASN A 85 -16.08 -12.28 3.46
N ASP A 86 -15.83 -11.56 4.54
CA ASP A 86 -16.79 -10.61 5.08
C ASP A 86 -16.46 -9.19 4.63
N ARG A 87 -15.17 -8.93 4.42
CA ARG A 87 -14.72 -7.61 3.99
C ARG A 87 -13.26 -7.66 3.55
N ILE A 88 -12.87 -6.69 2.72
CA ILE A 88 -11.49 -6.62 2.24
C ILE A 88 -10.81 -5.33 2.71
N LYS A 89 -9.63 -5.48 3.29
CA LYS A 89 -8.87 -4.34 3.78
C LYS A 89 -7.49 -4.28 3.13
N VAL A 90 -7.15 -3.11 2.58
CA VAL A 90 -5.86 -2.92 1.94
C VAL A 90 -5.20 -1.62 2.38
N SER A 91 -3.96 -1.70 2.81
CA SER A 91 -3.22 -0.54 3.27
C SER A 91 -1.95 -0.34 2.44
N LEU A 92 -1.73 0.90 2.00
CA LEU A 92 -0.54 1.22 1.20
C LEU A 92 0.24 2.35 1.84
N SER A 93 1.52 2.47 1.45
CA SER A 93 2.38 3.52 1.99
C SER A 93 3.02 4.32 0.86
N MET A 94 3.31 5.59 1.14
CA MET A 94 3.92 6.47 0.15
C MET A 94 5.21 7.08 0.69
N LYS A 95 5.32 7.16 2.01
CA LYS A 95 6.50 7.73 2.65
C LYS A 95 7.68 6.77 2.55
N VAL A 96 7.38 5.49 2.31
CA VAL A 96 8.42 4.47 2.19
C VAL A 96 8.77 4.22 0.72
N VAL A 97 8.19 5.02 -0.16
CA VAL A 97 8.45 4.89 -1.59
C VAL A 97 8.82 6.24 -2.21
N ASN A 98 9.72 6.19 -3.20
CA ASN A 98 10.16 7.41 -3.87
C ASN A 98 9.11 7.88 -4.88
N GLN A 99 9.07 9.19 -5.12
CA GLN A 99 8.12 9.77 -6.06
C GLN A 99 8.81 10.15 -7.37
N GLY A 100 10.14 10.16 -7.35
CA GLY A 100 10.90 10.51 -8.53
C GLY A 100 11.16 9.32 -9.43
N THR A 101 11.62 8.22 -8.83
CA THR A 101 11.92 7.01 -9.59
C THR A 101 11.02 5.86 -9.15
N GLY A 102 10.52 5.94 -7.91
CA GLY A 102 9.65 4.89 -7.40
C GLY A 102 10.44 3.78 -6.72
N LYS A 103 11.69 4.07 -6.37
CA LYS A 103 12.54 3.08 -5.71
C LYS A 103 12.10 2.88 -4.26
N ASP A 104 12.51 1.75 -3.68
CA ASP A 104 12.17 1.43 -2.30
C ASP A 104 13.05 2.22 -1.33
N LEU A 105 12.42 2.91 -0.40
CA LEU A 105 13.13 3.70 0.60
C LEU A 105 13.32 2.91 1.89
N ASP A 106 12.39 2.00 2.17
CA ASP A 106 12.46 1.18 3.37
C ASP A 106 12.27 -0.29 3.03
N PRO A 107 13.32 -0.92 2.50
CA PRO A 107 13.30 -2.34 2.12
C PRO A 107 13.23 -3.26 3.33
N ASN A 108 13.28 -2.67 4.53
CA ASN A 108 13.23 -3.44 5.76
C ASN A 108 11.78 -3.67 6.19
N ASN A 109 10.96 -2.64 6.04
CA ASN A 109 9.55 -2.73 6.42
C ASN A 109 9.40 -2.91 7.92
N VAL A 110 10.05 -2.03 8.69
CA VAL A 110 9.99 -2.08 10.14
C VAL A 110 9.38 -0.81 10.71
N ILE A 111 9.28 0.22 9.88
CA ILE A 111 8.71 1.50 10.30
C ILE A 111 7.20 1.54 10.07
N ILE A 112 6.77 0.93 8.96
CA ILE A 112 5.35 0.90 8.62
C ILE A 112 4.52 0.34 9.77
N GLU A 113 5.18 -0.40 10.66
CA GLU A 113 4.51 -1.00 11.81
C GLU A 113 4.80 -0.21 13.08
N SER A 114 3.96 0.79 13.35
CA SER A 114 4.13 1.62 14.55
C SER A 114 3.17 1.20 15.65
N GLY A 115 3.72 0.97 16.84
CA GLY A 115 2.90 0.56 17.97
C GLY A 115 2.43 1.73 18.80
N PRO A 116 1.73 1.44 19.91
CA PRO A 116 1.21 2.47 20.82
C PRO A 116 2.33 3.17 21.58
N SER A 117 2.64 4.40 21.18
CA SER A 117 3.68 5.18 21.82
C SER A 117 4.96 4.36 21.98
N SER A 118 5.32 3.61 20.93
CA SER A 118 6.51 2.78 20.95
C SER A 118 7.76 3.62 21.24
N GLY A 119 8.81 2.96 21.71
CA GLY A 119 10.04 3.66 22.01
C GLY A 119 10.81 3.00 23.14
N GLY A 1 11.81 -15.45 18.73
CA GLY A 1 11.37 -14.07 18.88
C GLY A 1 9.99 -13.84 18.28
N SER A 2 9.08 -13.32 19.08
CA SER A 2 7.72 -13.05 18.63
C SER A 2 7.68 -11.85 17.69
N SER A 3 8.02 -12.08 16.44
CA SER A 3 8.03 -11.01 15.44
C SER A 3 7.50 -11.51 14.09
N GLY A 4 7.17 -10.58 13.21
CA GLY A 4 6.65 -10.94 11.91
C GLY A 4 7.32 -12.19 11.34
N SER A 5 6.55 -12.98 10.61
CA SER A 5 7.07 -14.22 10.02
C SER A 5 6.90 -14.21 8.50
N SER A 6 7.57 -15.13 7.83
CA SER A 6 7.50 -15.23 6.38
C SER A 6 6.37 -16.17 5.96
N GLY A 7 6.15 -16.26 4.65
CA GLY A 7 5.10 -17.13 4.15
C GLY A 7 5.64 -18.40 3.53
N MET A 8 5.78 -19.44 4.34
CA MET A 8 6.31 -20.72 3.87
C MET A 8 5.16 -21.65 3.47
N ASN A 9 4.68 -21.49 2.25
CA ASN A 9 3.59 -22.32 1.74
C ASN A 9 3.89 -22.80 0.32
N SER A 10 3.47 -24.03 0.02
CA SER A 10 3.69 -24.61 -1.30
C SER A 10 2.89 -23.86 -2.36
N GLY A 11 3.24 -24.08 -3.62
CA GLY A 11 2.55 -23.42 -4.71
C GLY A 11 1.05 -23.56 -4.62
N ARG A 12 0.39 -22.55 -4.07
CA ARG A 12 -1.06 -22.57 -3.93
C ARG A 12 -1.73 -21.83 -5.07
N PRO A 13 -3.01 -22.17 -5.33
CA PRO A 13 -3.79 -21.54 -6.40
C PRO A 13 -4.13 -20.09 -6.11
N GLU A 14 -4.58 -19.36 -7.12
CA GLU A 14 -4.93 -17.96 -6.97
C GLU A 14 -6.33 -17.69 -7.53
N THR A 15 -7.26 -17.32 -6.65
CA THR A 15 -8.63 -17.03 -7.05
C THR A 15 -8.93 -15.54 -6.95
N MET A 16 -8.63 -14.97 -5.79
CA MET A 16 -8.87 -13.54 -5.55
C MET A 16 -8.26 -12.71 -6.67
N GLU A 17 -8.42 -11.38 -6.56
CA GLU A 17 -7.89 -10.47 -7.56
C GLU A 17 -6.41 -10.78 -7.85
N ASN A 18 -5.87 -10.12 -8.87
CA ASN A 18 -4.47 -10.31 -9.25
C ASN A 18 -3.56 -9.37 -8.47
N LEU A 19 -4.05 -8.87 -7.34
CA LEU A 19 -3.28 -7.96 -6.51
C LEU A 19 -1.85 -8.44 -6.36
N PRO A 20 -0.92 -7.49 -6.14
CA PRO A 20 0.50 -7.79 -5.97
C PRO A 20 0.79 -8.52 -4.66
N ALA A 21 2.07 -8.73 -4.37
CA ALA A 21 2.48 -9.41 -3.15
C ALA A 21 2.75 -8.40 -2.03
N LEU A 22 3.01 -8.92 -0.83
CA LEU A 22 3.28 -8.07 0.32
C LEU A 22 4.59 -7.31 0.14
N TYR A 23 4.61 -6.06 0.58
CA TYR A 23 5.80 -5.23 0.47
C TYR A 23 6.17 -4.99 -0.99
N THR A 24 5.16 -5.08 -1.86
CA THR A 24 5.37 -4.88 -3.29
C THR A 24 5.18 -3.42 -3.68
N ILE A 25 6.09 -2.90 -4.49
CA ILE A 25 6.03 -1.52 -4.94
C ILE A 25 5.47 -1.42 -6.35
N PHE A 26 4.43 -0.61 -6.53
CA PHE A 26 3.81 -0.42 -7.82
C PHE A 26 3.37 1.02 -8.03
N GLN A 27 3.13 1.40 -9.27
CA GLN A 27 2.69 2.76 -9.60
C GLN A 27 1.19 2.82 -9.82
N GLY A 28 0.51 3.65 -9.03
CA GLY A 28 -0.93 3.78 -9.15
C GLY A 28 -1.37 5.23 -9.19
N GLU A 29 -2.62 5.45 -9.63
CA GLU A 29 -3.16 6.81 -9.71
C GLU A 29 -4.23 7.02 -8.66
N VAL A 30 -4.21 8.19 -8.03
CA VAL A 30 -5.18 8.52 -6.99
C VAL A 30 -6.59 8.59 -7.57
N ALA A 31 -7.53 7.96 -6.88
CA ALA A 31 -8.92 7.94 -7.32
C ALA A 31 -9.83 8.60 -6.29
N MET A 32 -9.35 8.68 -5.06
CA MET A 32 -10.13 9.29 -3.97
C MET A 32 -9.21 9.96 -2.97
N VAL A 33 -9.62 11.13 -2.48
CA VAL A 33 -8.84 11.87 -1.50
C VAL A 33 -9.63 12.11 -0.23
N THR A 34 -9.08 11.67 0.91
CA THR A 34 -9.73 11.83 2.20
C THR A 34 -8.84 12.59 3.17
N ASP A 35 -9.46 13.16 4.20
CA ASP A 35 -8.71 13.91 5.21
C ASP A 35 -7.92 12.98 6.11
N TYR A 36 -8.00 11.68 5.82
CA TYR A 36 -7.28 10.68 6.61
C TYR A 36 -6.48 9.76 5.71
N GLY A 37 -6.35 10.14 4.44
CA GLY A 37 -5.60 9.34 3.49
C GLY A 37 -6.09 9.51 2.06
N ALA A 38 -5.64 8.63 1.18
CA ALA A 38 -6.04 8.69 -0.22
C ALA A 38 -6.03 7.30 -0.86
N PHE A 39 -6.91 7.09 -1.83
CA PHE A 39 -7.01 5.81 -2.51
C PHE A 39 -6.14 5.80 -3.77
N ILE A 40 -5.43 4.70 -3.98
CA ILE A 40 -4.56 4.56 -5.15
C ILE A 40 -4.96 3.35 -5.99
N LYS A 41 -5.13 3.57 -7.28
CA LYS A 41 -5.50 2.50 -8.20
C LYS A 41 -4.28 1.69 -8.63
N ILE A 42 -4.38 0.37 -8.51
CA ILE A 42 -3.27 -0.51 -8.88
C ILE A 42 -3.35 -0.88 -10.36
N PRO A 43 -2.18 -0.87 -11.03
CA PRO A 43 -2.08 -1.20 -12.45
C PRO A 43 -2.35 -2.68 -12.73
N GLY A 44 -3.45 -2.96 -13.41
CA GLY A 44 -3.79 -4.33 -13.73
C GLY A 44 -4.51 -5.03 -12.59
N CYS A 45 -5.46 -4.33 -11.97
CA CYS A 45 -6.22 -4.89 -10.85
C CYS A 45 -7.62 -4.29 -10.79
N ARG A 46 -8.42 -4.75 -9.84
CA ARG A 46 -9.78 -4.27 -9.68
C ARG A 46 -9.95 -3.57 -8.33
N LYS A 47 -9.28 -4.10 -7.31
CA LYS A 47 -9.36 -3.54 -5.97
C LYS A 47 -8.31 -2.45 -5.78
N GLN A 48 -8.66 -1.42 -5.01
CA GLN A 48 -7.75 -0.31 -4.75
C GLN A 48 -7.26 -0.34 -3.31
N GLY A 49 -6.16 0.35 -3.05
CA GLY A 49 -5.60 0.39 -1.71
C GLY A 49 -5.63 1.78 -1.11
N LEU A 50 -5.90 1.85 0.18
CA LEU A 50 -5.97 3.13 0.88
C LEU A 50 -4.62 3.48 1.51
N VAL A 51 -4.22 4.74 1.39
CA VAL A 51 -2.95 5.20 1.95
C VAL A 51 -3.17 6.12 3.15
N HIS A 52 -2.93 5.60 4.35
CA HIS A 52 -3.11 6.37 5.57
C HIS A 52 -2.37 7.71 5.48
N ARG A 53 -2.94 8.74 6.09
CA ARG A 53 -2.34 10.07 6.08
C ARG A 53 -0.96 10.04 6.72
N THR A 54 -0.79 9.17 7.72
CA THR A 54 0.48 9.05 8.42
C THR A 54 1.57 8.49 7.49
N HIS A 55 1.15 7.79 6.46
CA HIS A 55 2.09 7.20 5.50
C HIS A 55 2.29 8.11 4.30
N MET A 56 1.30 8.98 4.05
CA MET A 56 1.38 9.90 2.93
C MET A 56 2.70 10.66 2.94
N SER A 57 3.02 11.28 4.08
CA SER A 57 4.25 12.04 4.21
C SER A 57 4.97 11.67 5.51
N SER A 58 6.31 11.68 5.46
CA SER A 58 7.11 11.34 6.62
C SER A 58 6.96 12.39 7.71
N CYS A 59 7.28 13.64 7.37
CA CYS A 59 7.18 14.74 8.33
C CYS A 59 5.75 14.91 8.83
N ARG A 60 5.52 15.93 9.65
CA ARG A 60 4.20 16.18 10.20
C ARG A 60 3.18 16.43 9.09
N VAL A 61 1.94 16.01 9.32
CA VAL A 61 0.88 16.18 8.34
C VAL A 61 -0.30 16.93 8.94
N ASP A 62 -0.85 17.89 8.18
CA ASP A 62 -1.98 18.67 8.65
C ASP A 62 -3.21 18.44 7.75
N LYS A 63 -2.97 18.36 6.45
CA LYS A 63 -4.04 18.15 5.48
C LYS A 63 -3.56 17.30 4.31
N PRO A 64 -3.96 16.03 4.29
CA PRO A 64 -3.58 15.10 3.22
C PRO A 64 -4.25 15.43 1.89
N SER A 65 -5.29 16.26 1.95
CA SER A 65 -6.02 16.65 0.75
C SER A 65 -5.22 17.67 -0.06
N GLU A 66 -4.16 18.19 0.54
CA GLU A 66 -3.31 19.18 -0.14
C GLU A 66 -2.01 18.52 -0.61
N ILE A 67 -1.82 17.25 -0.27
CA ILE A 67 -0.63 16.52 -0.67
C ILE A 67 -0.80 15.92 -2.06
N VAL A 68 -1.98 15.38 -2.33
CA VAL A 68 -2.27 14.77 -3.63
C VAL A 68 -3.68 15.13 -4.09
N ASP A 69 -3.98 14.78 -5.34
CA ASP A 69 -5.29 15.06 -5.91
C ASP A 69 -5.65 14.04 -6.99
N VAL A 70 -6.93 13.68 -7.07
CA VAL A 70 -7.39 12.70 -8.05
C VAL A 70 -6.78 12.99 -9.43
N GLY A 71 -6.00 12.04 -9.92
CA GLY A 71 -5.36 12.20 -11.22
C GLY A 71 -3.85 12.11 -11.15
N ASP A 72 -3.30 12.38 -9.97
CA ASP A 72 -1.86 12.32 -9.77
C ASP A 72 -1.40 10.90 -9.50
N LYS A 73 -0.40 10.45 -10.25
CA LYS A 73 0.13 9.10 -10.09
C LYS A 73 1.39 9.11 -9.21
N VAL A 74 1.45 8.17 -8.27
CA VAL A 74 2.59 8.07 -7.36
C VAL A 74 2.95 6.62 -7.10
N TRP A 75 4.10 6.40 -6.47
CA TRP A 75 4.56 5.06 -6.15
C TRP A 75 4.26 4.71 -4.70
N VAL A 76 3.71 3.52 -4.48
CA VAL A 76 3.38 3.06 -3.14
C VAL A 76 3.72 1.59 -2.96
N LYS A 77 3.90 1.18 -1.70
CA LYS A 77 4.23 -0.20 -1.39
C LYS A 77 3.26 -0.78 -0.37
N LEU A 78 2.85 -2.03 -0.59
CA LEU A 78 1.91 -2.69 0.31
C LEU A 78 2.55 -2.94 1.67
N ILE A 79 1.84 -2.56 2.74
CA ILE A 79 2.35 -2.74 4.09
C ILE A 79 1.53 -3.79 4.84
N GLY A 80 0.30 -4.00 4.40
CA GLY A 80 -0.56 -4.97 5.04
C GLY A 80 -1.85 -5.20 4.28
N ARG A 81 -2.01 -6.39 3.72
CA ARG A 81 -3.21 -6.73 2.96
C ARG A 81 -4.07 -7.73 3.72
N GLU A 82 -5.33 -7.37 3.97
CA GLU A 82 -6.25 -8.23 4.69
C GLU A 82 -7.59 -8.33 3.96
N MET A 83 -7.99 -9.56 3.64
CA MET A 83 -9.25 -9.79 2.93
C MET A 83 -10.19 -10.63 3.79
N LYS A 84 -11.38 -10.07 4.07
CA LYS A 84 -12.37 -10.76 4.87
C LYS A 84 -13.64 -11.02 4.06
N ASN A 85 -14.32 -12.12 4.37
CA ASN A 85 -15.55 -12.49 3.67
C ASN A 85 -16.60 -11.39 3.81
N ASP A 86 -16.37 -10.47 4.74
CA ASP A 86 -17.29 -9.37 4.97
C ASP A 86 -16.80 -8.09 4.30
N ARG A 87 -15.48 -7.97 4.15
CA ARG A 87 -14.88 -6.79 3.53
C ARG A 87 -13.38 -6.96 3.40
N ILE A 88 -12.79 -6.27 2.42
CA ILE A 88 -11.34 -6.34 2.20
C ILE A 88 -10.70 -4.98 2.36
N LYS A 89 -9.73 -4.89 3.27
CA LYS A 89 -9.03 -3.63 3.52
C LYS A 89 -7.55 -3.75 3.15
N VAL A 90 -7.07 -2.80 2.36
CA VAL A 90 -5.68 -2.80 1.93
C VAL A 90 -4.97 -1.52 2.36
N SER A 91 -3.82 -1.67 3.02
CA SER A 91 -3.05 -0.53 3.49
C SER A 91 -1.80 -0.33 2.63
N LEU A 92 -1.60 0.90 2.18
CA LEU A 92 -0.43 1.22 1.36
C LEU A 92 0.35 2.38 1.95
N SER A 93 1.61 2.51 1.54
CA SER A 93 2.47 3.57 2.05
C SER A 93 3.13 4.33 0.89
N MET A 94 3.48 5.58 1.13
CA MET A 94 4.11 6.41 0.12
C MET A 94 5.43 6.98 0.63
N LYS A 95 5.48 7.30 1.91
CA LYS A 95 6.68 7.85 2.52
C LYS A 95 7.84 6.86 2.44
N VAL A 96 7.53 5.62 2.06
CA VAL A 96 8.53 4.58 1.94
C VAL A 96 8.79 4.22 0.48
N VAL A 97 8.42 5.14 -0.41
CA VAL A 97 8.61 4.92 -1.85
C VAL A 97 8.93 6.23 -2.56
N ASN A 98 9.82 6.17 -3.55
CA ASN A 98 10.22 7.35 -4.30
C ASN A 98 9.14 7.72 -5.32
N GLN A 99 8.74 8.98 -5.32
CA GLN A 99 7.72 9.47 -6.25
C GLN A 99 8.35 9.95 -7.55
N GLY A 100 9.38 9.24 -8.00
CA GLY A 100 10.05 9.61 -9.24
C GLY A 100 10.59 8.40 -9.98
N THR A 101 11.07 7.42 -9.24
CA THR A 101 11.62 6.21 -9.84
C THR A 101 10.90 4.96 -9.33
N GLY A 102 10.26 5.08 -8.18
CA GLY A 102 9.54 3.97 -7.60
C GLY A 102 10.45 3.01 -6.86
N LYS A 103 11.62 3.50 -6.44
CA LYS A 103 12.58 2.69 -5.71
C LYS A 103 12.24 2.66 -4.22
N ASP A 104 12.34 1.46 -3.63
CA ASP A 104 12.05 1.30 -2.21
C ASP A 104 12.97 2.17 -1.36
N LEU A 105 12.38 2.95 -0.47
CA LEU A 105 13.15 3.83 0.41
C LEU A 105 13.39 3.18 1.76
N ASP A 106 12.63 2.13 2.05
CA ASP A 106 12.75 1.41 3.31
C ASP A 106 12.88 -0.09 3.07
N PRO A 107 14.10 -0.52 2.70
CA PRO A 107 14.39 -1.93 2.43
C PRO A 107 14.38 -2.78 3.70
N ASN A 108 14.08 -2.14 4.83
CA ASN A 108 14.04 -2.83 6.11
C ASN A 108 12.60 -3.16 6.49
N ASN A 109 11.69 -2.25 6.19
CA ASN A 109 10.28 -2.44 6.50
C ASN A 109 10.08 -2.58 8.02
N VAL A 110 10.69 -1.68 8.78
CA VAL A 110 10.57 -1.70 10.23
C VAL A 110 9.77 -0.51 10.74
N ILE A 111 9.55 0.46 9.85
CA ILE A 111 8.81 1.66 10.21
C ILE A 111 7.31 1.43 10.10
N ILE A 112 6.89 0.82 9.00
CA ILE A 112 5.48 0.54 8.77
C ILE A 112 4.91 -0.36 9.86
N GLU A 113 5.80 -1.04 10.57
CA GLU A 113 5.38 -1.93 11.65
C GLU A 113 5.12 -1.15 12.94
N SER A 114 3.85 -0.85 13.19
CA SER A 114 3.47 -0.10 14.38
C SER A 114 3.91 -0.83 15.64
N GLY A 115 3.35 -2.01 15.87
CA GLY A 115 3.70 -2.79 17.04
C GLY A 115 2.69 -2.63 18.17
N PRO A 116 3.11 -2.94 19.40
CA PRO A 116 2.26 -2.85 20.58
C PRO A 116 1.94 -1.39 20.95
N SER A 117 2.49 -0.46 20.17
CA SER A 117 2.27 0.96 20.42
C SER A 117 0.85 1.21 20.93
N SER A 118 -0.13 0.76 20.15
CA SER A 118 -1.54 0.93 20.53
C SER A 118 -1.77 0.55 21.99
N GLY A 119 -2.75 1.18 22.61
CA GLY A 119 -3.06 0.90 23.99
C GLY A 119 -3.41 2.14 24.79
N GLY A 1 9.58 -21.37 18.95
CA GLY A 1 9.04 -20.17 18.36
C GLY A 1 10.12 -19.26 17.79
N SER A 2 10.01 -17.96 18.07
CA SER A 2 10.99 -17.00 17.58
C SER A 2 11.39 -17.31 16.14
N SER A 3 10.40 -17.66 15.32
CA SER A 3 10.65 -17.98 13.92
C SER A 3 9.52 -17.49 13.03
N GLY A 4 9.87 -16.95 11.87
CA GLY A 4 8.86 -16.45 10.95
C GLY A 4 9.03 -17.02 9.55
N SER A 5 9.25 -18.32 9.46
CA SER A 5 9.44 -18.98 8.18
C SER A 5 8.22 -18.77 7.28
N SER A 6 8.31 -19.24 6.04
CA SER A 6 7.22 -19.10 5.09
C SER A 6 6.53 -20.44 4.85
N GLY A 7 5.23 -20.40 4.56
CA GLY A 7 4.48 -21.61 4.31
C GLY A 7 3.06 -21.53 4.83
N MET A 8 2.77 -22.27 5.89
CA MET A 8 1.43 -22.28 6.47
C MET A 8 0.86 -20.86 6.55
N ASN A 9 1.52 -20.01 7.34
CA ASN A 9 1.08 -18.63 7.49
C ASN A 9 0.70 -18.02 6.15
N SER A 10 -0.37 -17.22 6.16
CA SER A 10 -0.85 -16.58 4.94
C SER A 10 -0.91 -17.57 3.79
N GLY A 11 -1.30 -18.81 4.11
CA GLY A 11 -1.39 -19.83 3.09
C GLY A 11 -2.73 -19.81 2.36
N ARG A 12 -3.37 -18.65 2.36
CA ARG A 12 -4.67 -18.51 1.69
C ARG A 12 -4.57 -18.86 0.21
N PRO A 13 -5.71 -19.27 -0.37
CA PRO A 13 -5.77 -19.65 -1.79
C PRO A 13 -5.60 -18.45 -2.71
N GLU A 14 -5.38 -18.72 -4.00
CA GLU A 14 -5.20 -17.66 -4.99
C GLU A 14 -6.51 -17.33 -5.68
N THR A 15 -7.14 -16.23 -5.27
CA THR A 15 -8.41 -15.81 -5.85
C THR A 15 -8.32 -14.39 -6.39
N MET A 16 -7.27 -13.68 -5.99
CA MET A 16 -7.06 -12.31 -6.44
C MET A 16 -5.62 -12.09 -6.90
N GLU A 17 -5.08 -13.08 -7.59
CA GLU A 17 -3.71 -12.99 -8.09
C GLU A 17 -3.43 -11.62 -8.68
N ASN A 18 -4.47 -10.98 -9.21
CA ASN A 18 -4.33 -9.65 -9.80
C ASN A 18 -3.49 -8.74 -8.90
N LEU A 19 -3.91 -8.61 -7.65
CA LEU A 19 -3.20 -7.77 -6.69
C LEU A 19 -1.80 -8.30 -6.43
N PRO A 20 -0.85 -7.38 -6.18
CA PRO A 20 0.54 -7.75 -5.92
C PRO A 20 0.72 -8.43 -4.57
N ALA A 21 1.98 -8.67 -4.19
CA ALA A 21 2.28 -9.32 -2.92
C ALA A 21 2.56 -8.29 -1.84
N LEU A 22 2.88 -8.77 -0.64
CA LEU A 22 3.18 -7.89 0.49
C LEU A 22 4.49 -7.16 0.27
N TYR A 23 4.59 -5.94 0.78
CA TYR A 23 5.79 -5.13 0.65
C TYR A 23 6.15 -4.93 -0.83
N THR A 24 5.13 -5.00 -1.69
CA THR A 24 5.34 -4.83 -3.11
C THR A 24 5.20 -3.36 -3.52
N ILE A 25 6.02 -2.94 -4.48
CA ILE A 25 5.99 -1.56 -4.95
C ILE A 25 5.42 -1.48 -6.36
N PHE A 26 4.54 -0.51 -6.59
CA PHE A 26 3.93 -0.32 -7.90
C PHE A 26 3.44 1.12 -8.07
N GLN A 27 3.18 1.51 -9.32
CA GLN A 27 2.71 2.85 -9.61
C GLN A 27 1.19 2.90 -9.69
N GLY A 28 0.59 3.82 -8.96
CA GLY A 28 -0.86 3.95 -8.96
C GLY A 28 -1.31 5.40 -9.03
N GLU A 29 -2.54 5.60 -9.50
CA GLU A 29 -3.09 6.96 -9.61
C GLU A 29 -4.15 7.20 -8.55
N VAL A 30 -4.15 8.40 -7.98
CA VAL A 30 -5.13 8.76 -6.96
C VAL A 30 -6.53 8.85 -7.53
N ALA A 31 -7.47 8.16 -6.88
CA ALA A 31 -8.86 8.15 -7.32
C ALA A 31 -9.77 8.81 -6.29
N MET A 32 -9.32 8.79 -5.03
CA MET A 32 -10.10 9.39 -3.95
C MET A 32 -9.19 10.07 -2.94
N VAL A 33 -9.62 11.23 -2.46
CA VAL A 33 -8.84 11.98 -1.48
C VAL A 33 -9.63 12.20 -0.19
N THR A 34 -9.05 11.76 0.93
CA THR A 34 -9.70 11.90 2.22
C THR A 34 -8.82 12.67 3.20
N ASP A 35 -9.44 13.22 4.24
CA ASP A 35 -8.71 13.99 5.25
C ASP A 35 -7.86 13.06 6.13
N TYR A 36 -7.92 11.77 5.84
CA TYR A 36 -7.16 10.78 6.61
C TYR A 36 -6.34 9.90 5.68
N GLY A 37 -6.25 10.29 4.42
CA GLY A 37 -5.48 9.52 3.46
C GLY A 37 -6.02 9.65 2.05
N ALA A 38 -5.59 8.75 1.17
CA ALA A 38 -6.05 8.77 -0.21
C ALA A 38 -6.04 7.37 -0.81
N PHE A 39 -6.94 7.12 -1.76
CA PHE A 39 -7.05 5.82 -2.41
C PHE A 39 -6.22 5.79 -3.69
N ILE A 40 -5.46 4.72 -3.87
CA ILE A 40 -4.62 4.55 -5.06
C ILE A 40 -5.08 3.37 -5.90
N LYS A 41 -5.26 3.61 -7.19
CA LYS A 41 -5.69 2.57 -8.11
C LYS A 41 -4.50 1.75 -8.61
N ILE A 42 -4.59 0.44 -8.46
CA ILE A 42 -3.52 -0.45 -8.90
C ILE A 42 -3.67 -0.82 -10.37
N PRO A 43 -2.56 -0.73 -11.12
CA PRO A 43 -2.56 -1.06 -12.55
C PRO A 43 -2.74 -2.55 -12.81
N GLY A 44 -3.82 -2.90 -13.50
CA GLY A 44 -4.08 -4.29 -13.81
C GLY A 44 -4.82 -4.99 -12.69
N CYS A 45 -5.73 -4.28 -12.04
CA CYS A 45 -6.51 -4.84 -10.94
C CYS A 45 -7.90 -4.23 -10.89
N ARG A 46 -8.72 -4.71 -9.95
CA ARG A 46 -10.08 -4.21 -9.81
C ARG A 46 -10.25 -3.52 -8.46
N LYS A 47 -9.55 -4.02 -7.44
CA LYS A 47 -9.63 -3.43 -6.11
C LYS A 47 -8.58 -2.35 -5.92
N GLN A 48 -8.84 -1.44 -5.00
CA GLN A 48 -7.91 -0.34 -4.71
C GLN A 48 -7.50 -0.33 -3.24
N GLY A 49 -6.34 0.23 -2.96
CA GLY A 49 -5.86 0.29 -1.59
C GLY A 49 -5.91 1.69 -1.02
N LEU A 50 -5.88 1.79 0.30
CA LEU A 50 -5.93 3.09 0.97
C LEU A 50 -4.58 3.43 1.60
N VAL A 51 -4.18 4.69 1.47
CA VAL A 51 -2.91 5.15 2.03
C VAL A 51 -3.14 6.13 3.17
N HIS A 52 -2.73 5.74 4.38
CA HIS A 52 -2.88 6.59 5.55
C HIS A 52 -2.25 7.96 5.31
N ARG A 53 -2.90 9.00 5.85
CA ARG A 53 -2.41 10.36 5.69
C ARG A 53 -0.99 10.50 6.26
N THR A 54 -0.70 9.72 7.29
CA THR A 54 0.60 9.75 7.93
C THR A 54 1.64 9.00 7.12
N HIS A 55 1.16 8.21 6.16
CA HIS A 55 2.05 7.42 5.30
C HIS A 55 2.30 8.15 3.98
N MET A 56 1.44 9.10 3.65
CA MET A 56 1.58 9.87 2.42
C MET A 56 2.79 10.78 2.49
N SER A 57 3.05 11.33 3.66
CA SER A 57 4.18 12.24 3.85
C SER A 57 4.79 12.05 5.23
N SER A 58 6.12 12.11 5.30
CA SER A 58 6.83 11.95 6.56
C SER A 58 6.83 13.24 7.36
N CYS A 59 7.23 14.32 6.71
CA CYS A 59 7.27 15.63 7.36
C CYS A 59 5.97 15.91 8.10
N ARG A 60 5.92 17.05 8.78
CA ARG A 60 4.73 17.43 9.54
C ARG A 60 3.52 17.57 8.62
N VAL A 61 2.70 16.52 8.57
CA VAL A 61 1.51 16.51 7.74
C VAL A 61 0.37 17.30 8.38
N ASP A 62 -0.17 18.26 7.64
CA ASP A 62 -1.25 19.09 8.14
C ASP A 62 -2.57 18.74 7.45
N LYS A 63 -2.52 18.62 6.13
CA LYS A 63 -3.71 18.29 5.35
C LYS A 63 -3.35 17.38 4.18
N PRO A 64 -3.85 16.13 4.23
CA PRO A 64 -3.59 15.14 3.17
C PRO A 64 -4.31 15.48 1.87
N SER A 65 -5.29 16.36 1.95
CA SER A 65 -6.06 16.77 0.79
C SER A 65 -5.26 17.76 -0.07
N GLU A 66 -4.16 18.25 0.49
CA GLU A 66 -3.32 19.20 -0.23
C GLU A 66 -2.01 18.55 -0.67
N ILE A 67 -1.87 17.26 -0.36
CA ILE A 67 -0.67 16.51 -0.73
C ILE A 67 -0.91 15.68 -1.98
N VAL A 68 -2.14 15.22 -2.15
CA VAL A 68 -2.51 14.41 -3.31
C VAL A 68 -3.83 14.88 -3.91
N ASP A 69 -3.99 14.64 -5.21
CA ASP A 69 -5.21 15.03 -5.91
C ASP A 69 -5.55 14.02 -7.01
N VAL A 70 -6.84 13.78 -7.19
CA VAL A 70 -7.30 12.84 -8.22
C VAL A 70 -6.67 13.15 -9.57
N GLY A 71 -5.86 12.22 -10.06
CA GLY A 71 -5.20 12.39 -11.34
C GLY A 71 -3.69 12.31 -11.24
N ASP A 72 -3.17 12.53 -10.03
CA ASP A 72 -1.73 12.47 -9.80
C ASP A 72 -1.28 11.05 -9.52
N LYS A 73 -0.27 10.59 -10.26
CA LYS A 73 0.26 9.24 -10.09
C LYS A 73 1.47 9.24 -9.17
N VAL A 74 1.48 8.30 -8.22
CA VAL A 74 2.59 8.20 -7.28
C VAL A 74 2.93 6.74 -6.99
N TRP A 75 4.10 6.51 -6.41
CA TRP A 75 4.54 5.16 -6.08
C TRP A 75 4.13 4.79 -4.67
N VAL A 76 3.52 3.62 -4.52
CA VAL A 76 3.07 3.14 -3.22
C VAL A 76 3.58 1.73 -2.95
N LYS A 77 3.69 1.38 -1.67
CA LYS A 77 4.16 0.06 -1.28
C LYS A 77 3.23 -0.57 -0.25
N LEU A 78 2.78 -1.79 -0.53
CA LEU A 78 1.88 -2.50 0.37
C LEU A 78 2.56 -2.80 1.70
N ILE A 79 1.90 -2.43 2.79
CA ILE A 79 2.43 -2.65 4.13
C ILE A 79 1.63 -3.71 4.88
N GLY A 80 0.36 -3.87 4.50
CA GLY A 80 -0.50 -4.84 5.14
C GLY A 80 -1.71 -5.18 4.30
N ARG A 81 -1.89 -6.47 4.02
CA ARG A 81 -3.02 -6.94 3.22
C ARG A 81 -3.86 -7.94 4.01
N GLU A 82 -5.14 -7.64 4.15
CA GLU A 82 -6.05 -8.52 4.87
C GLU A 82 -7.32 -8.78 4.06
N MET A 83 -7.60 -10.06 3.83
CA MET A 83 -8.79 -10.45 3.07
C MET A 83 -9.79 -11.18 3.95
N LYS A 84 -10.95 -10.56 4.16
CA LYS A 84 -11.99 -11.16 4.99
C LYS A 84 -13.24 -11.44 4.17
N ASN A 85 -13.94 -12.52 4.49
CA ASN A 85 -15.15 -12.89 3.79
C ASN A 85 -16.21 -11.79 3.89
N ASP A 86 -15.98 -10.85 4.79
CA ASP A 86 -16.90 -9.73 4.99
C ASP A 86 -16.47 -8.52 4.16
N ARG A 87 -15.17 -8.38 3.96
CA ARG A 87 -14.63 -7.26 3.20
C ARG A 87 -13.12 -7.39 3.03
N ILE A 88 -12.58 -6.74 2.00
CA ILE A 88 -11.16 -6.79 1.73
C ILE A 88 -10.48 -5.49 2.17
N LYS A 89 -9.46 -5.61 3.01
CA LYS A 89 -8.72 -4.45 3.50
C LYS A 89 -7.34 -4.39 2.87
N VAL A 90 -7.00 -3.23 2.32
CA VAL A 90 -5.70 -3.03 1.69
C VAL A 90 -5.04 -1.75 2.17
N SER A 91 -3.87 -1.87 2.77
CA SER A 91 -3.14 -0.72 3.28
C SER A 91 -1.86 -0.49 2.47
N LEU A 92 -1.66 0.74 2.02
CA LEU A 92 -0.48 1.09 1.24
C LEU A 92 0.29 2.23 1.90
N SER A 93 1.55 2.39 1.53
CA SER A 93 2.39 3.44 2.08
C SER A 93 3.17 4.15 0.98
N MET A 94 3.37 5.46 1.16
CA MET A 94 4.10 6.25 0.18
C MET A 94 5.37 6.84 0.79
N LYS A 95 5.37 6.98 2.11
CA LYS A 95 6.52 7.53 2.82
C LYS A 95 7.71 6.58 2.72
N VAL A 96 7.46 5.34 2.30
CA VAL A 96 8.50 4.35 2.16
C VAL A 96 8.81 4.06 0.70
N VAL A 97 8.37 4.95 -0.17
CA VAL A 97 8.59 4.80 -1.61
C VAL A 97 8.90 6.13 -2.27
N ASN A 98 9.86 6.13 -3.18
CA ASN A 98 10.25 7.34 -3.88
C ASN A 98 9.19 7.74 -4.91
N GLN A 99 8.77 9.00 -4.85
CA GLN A 99 7.76 9.51 -5.77
C GLN A 99 8.41 10.13 -7.01
N GLY A 100 9.29 9.36 -7.65
CA GLY A 100 9.97 9.85 -8.84
C GLY A 100 10.53 8.73 -9.69
N THR A 101 11.01 7.68 -9.03
CA THR A 101 11.58 6.53 -9.74
C THR A 101 10.87 5.24 -9.35
N GLY A 102 10.30 5.22 -8.14
CA GLY A 102 9.60 4.03 -7.68
C GLY A 102 10.52 3.03 -7.02
N LYS A 103 11.60 3.53 -6.40
CA LYS A 103 12.56 2.67 -5.73
C LYS A 103 12.24 2.55 -4.24
N ASP A 104 12.28 1.32 -3.73
CA ASP A 104 11.99 1.08 -2.32
C ASP A 104 12.96 1.85 -1.43
N LEU A 105 12.41 2.67 -0.55
CA LEU A 105 13.22 3.48 0.37
C LEU A 105 13.37 2.76 1.71
N ASP A 106 12.34 2.05 2.13
CA ASP A 106 12.37 1.31 3.38
C ASP A 106 12.36 -0.19 3.14
N PRO A 107 13.53 -0.72 2.74
CA PRO A 107 13.69 -2.16 2.46
C PRO A 107 13.63 -3.00 3.73
N ASN A 108 13.68 -2.33 4.88
CA ASN A 108 13.64 -3.02 6.16
C ASN A 108 12.20 -3.31 6.58
N ASN A 109 11.31 -2.37 6.30
CA ASN A 109 9.90 -2.52 6.63
C ASN A 109 9.72 -2.69 8.14
N VAL A 110 10.36 -1.82 8.91
CA VAL A 110 10.28 -1.87 10.36
C VAL A 110 9.38 -0.75 10.89
N ILE A 111 9.32 0.35 10.16
CA ILE A 111 8.50 1.49 10.55
C ILE A 111 7.01 1.17 10.43
N ILE A 112 6.63 0.64 9.28
CA ILE A 112 5.24 0.28 9.03
C ILE A 112 4.68 -0.58 10.15
N GLU A 113 5.57 -1.29 10.84
CA GLU A 113 5.15 -2.16 11.94
C GLU A 113 5.02 -1.37 13.23
N SER A 114 4.27 -0.27 13.16
CA SER A 114 4.05 0.60 14.32
C SER A 114 2.57 0.70 14.65
N GLY A 115 2.23 0.44 15.91
CA GLY A 115 0.84 0.52 16.33
C GLY A 115 0.42 -0.71 17.11
N PRO A 116 0.09 -1.80 16.39
CA PRO A 116 -0.35 -3.06 17.00
C PRO A 116 0.78 -3.77 17.74
N SER A 117 0.49 -4.95 18.26
CA SER A 117 1.48 -5.73 19.00
C SER A 117 1.49 -7.17 18.52
N SER A 118 0.31 -7.77 18.43
CA SER A 118 0.18 -9.15 17.98
C SER A 118 -0.20 -9.22 16.51
N GLY A 119 0.73 -9.71 15.69
CA GLY A 119 0.47 -9.82 14.26
C GLY A 119 -0.93 -10.34 13.96
N GLY A 1 -15.30 -27.91 27.23
CA GLY A 1 -15.54 -28.08 25.81
C GLY A 1 -15.32 -26.78 25.04
N SER A 2 -16.24 -26.47 24.13
CA SER A 2 -16.14 -25.26 23.32
C SER A 2 -14.69 -25.03 22.87
N SER A 3 -14.03 -26.11 22.45
CA SER A 3 -12.64 -26.03 22.00
C SER A 3 -12.49 -26.61 20.60
N GLY A 4 -11.44 -26.18 19.91
CA GLY A 4 -11.21 -26.67 18.56
C GLY A 4 -9.73 -26.80 18.24
N SER A 5 -9.19 -25.82 17.53
CA SER A 5 -7.78 -25.84 17.15
C SER A 5 -7.43 -27.11 16.39
N SER A 6 -8.32 -27.50 15.48
CA SER A 6 -8.11 -28.71 14.68
C SER A 6 -8.35 -28.42 13.20
N GLY A 7 -7.29 -28.49 12.41
CA GLY A 7 -7.41 -28.23 10.99
C GLY A 7 -6.09 -27.81 10.37
N MET A 8 -5.86 -28.24 9.13
CA MET A 8 -4.63 -27.90 8.42
C MET A 8 -4.92 -27.49 6.98
N ASN A 9 -3.88 -27.08 6.27
CA ASN A 9 -4.03 -26.66 4.87
C ASN A 9 -2.77 -26.97 4.08
N SER A 10 -2.95 -27.56 2.90
CA SER A 10 -1.83 -27.90 2.04
C SER A 10 -2.05 -27.39 0.62
N GLY A 11 -1.29 -26.36 0.24
CA GLY A 11 -1.42 -25.78 -1.08
C GLY A 11 -1.27 -24.28 -1.08
N ARG A 12 -1.04 -23.71 -2.26
CA ARG A 12 -0.88 -22.27 -2.40
C ARG A 12 -2.19 -21.53 -2.10
N PRO A 13 -2.07 -20.31 -1.58
CA PRO A 13 -3.23 -19.48 -1.24
C PRO A 13 -3.96 -18.99 -2.48
N GLU A 14 -5.29 -18.98 -2.42
CA GLU A 14 -6.12 -18.53 -3.54
C GLU A 14 -6.58 -17.09 -3.33
N THR A 15 -6.37 -16.26 -4.34
CA THR A 15 -6.76 -14.85 -4.28
C THR A 15 -7.70 -14.49 -5.42
N MET A 16 -8.96 -14.21 -5.08
CA MET A 16 -9.95 -13.84 -6.08
C MET A 16 -9.32 -13.03 -7.21
N GLU A 17 -8.75 -11.88 -6.85
CA GLU A 17 -8.11 -11.02 -7.83
C GLU A 17 -6.62 -11.31 -7.94
N ASN A 18 -5.92 -10.55 -8.77
CA ASN A 18 -4.49 -10.72 -8.95
C ASN A 18 -3.70 -9.63 -8.25
N LEU A 19 -4.15 -9.25 -7.06
CA LEU A 19 -3.49 -8.21 -6.28
C LEU A 19 -2.02 -8.53 -6.07
N PRO A 20 -1.21 -7.49 -5.83
CA PRO A 20 0.23 -7.64 -5.61
C PRO A 20 0.54 -8.31 -4.28
N ALA A 21 1.82 -8.64 -4.06
CA ALA A 21 2.24 -9.28 -2.82
C ALA A 21 2.57 -8.25 -1.75
N LEU A 22 2.94 -8.72 -0.58
CA LEU A 22 3.28 -7.84 0.54
C LEU A 22 4.57 -7.07 0.24
N TYR A 23 4.70 -5.89 0.83
CA TYR A 23 5.89 -5.06 0.64
C TYR A 23 6.18 -4.88 -0.85
N THR A 24 5.13 -4.95 -1.66
CA THR A 24 5.27 -4.79 -3.10
C THR A 24 5.12 -3.32 -3.50
N ILE A 25 5.95 -2.90 -4.45
CA ILE A 25 5.91 -1.52 -4.92
C ILE A 25 5.32 -1.44 -6.33
N PHE A 26 4.37 -0.53 -6.52
CA PHE A 26 3.72 -0.35 -7.81
C PHE A 26 3.29 1.10 -8.01
N GLN A 27 2.97 1.46 -9.24
CA GLN A 27 2.55 2.82 -9.57
C GLN A 27 1.04 2.89 -9.72
N GLY A 28 0.40 3.75 -8.92
CA GLY A 28 -1.03 3.90 -8.99
C GLY A 28 -1.46 5.36 -9.01
N GLU A 29 -2.71 5.60 -9.41
CA GLU A 29 -3.24 6.95 -9.48
C GLU A 29 -4.28 7.18 -8.39
N VAL A 30 -4.29 8.39 -7.83
CA VAL A 30 -5.23 8.74 -6.77
C VAL A 30 -6.66 8.75 -7.30
N ALA A 31 -7.54 8.01 -6.64
CA ALA A 31 -8.94 7.94 -7.02
C ALA A 31 -9.83 8.62 -6.00
N MET A 32 -9.35 8.71 -4.76
CA MET A 32 -10.11 9.34 -3.69
C MET A 32 -9.17 10.03 -2.70
N VAL A 33 -9.57 11.22 -2.25
CA VAL A 33 -8.78 11.98 -1.30
C VAL A 33 -9.56 12.27 -0.02
N THR A 34 -9.00 11.85 1.11
CA THR A 34 -9.64 12.06 2.40
C THR A 34 -8.70 12.74 3.39
N ASP A 35 -9.27 13.40 4.39
CA ASP A 35 -8.47 14.09 5.40
C ASP A 35 -7.74 13.09 6.29
N TYR A 36 -8.03 11.81 6.10
CA TYR A 36 -7.41 10.76 6.88
C TYR A 36 -6.61 9.81 5.99
N GLY A 37 -6.45 10.19 4.73
CA GLY A 37 -5.71 9.37 3.79
C GLY A 37 -6.20 9.52 2.37
N ALA A 38 -5.67 8.69 1.47
CA ALA A 38 -6.07 8.73 0.07
C ALA A 38 -6.08 7.34 -0.54
N PHE A 39 -6.99 7.12 -1.50
CA PHE A 39 -7.11 5.83 -2.16
C PHE A 39 -6.36 5.83 -3.49
N ILE A 40 -5.57 4.78 -3.72
CA ILE A 40 -4.80 4.65 -4.94
C ILE A 40 -5.26 3.45 -5.76
N LYS A 41 -5.25 3.59 -7.08
CA LYS A 41 -5.65 2.51 -7.97
C LYS A 41 -4.47 1.64 -8.36
N ILE A 42 -4.64 0.32 -8.23
CA ILE A 42 -3.58 -0.62 -8.56
C ILE A 42 -3.65 -1.04 -10.03
N PRO A 43 -2.51 -0.98 -10.72
CA PRO A 43 -2.42 -1.36 -12.14
C PRO A 43 -2.59 -2.85 -12.36
N GLY A 44 -3.58 -3.23 -13.18
CA GLY A 44 -3.82 -4.63 -13.45
C GLY A 44 -4.67 -5.29 -12.38
N CYS A 45 -5.41 -4.47 -11.63
CA CYS A 45 -6.27 -4.98 -10.57
C CYS A 45 -7.57 -4.18 -10.50
N ARG A 46 -8.53 -4.70 -9.74
CA ARG A 46 -9.83 -4.05 -9.59
C ARG A 46 -9.92 -3.35 -8.23
N LYS A 47 -9.48 -4.04 -7.18
CA LYS A 47 -9.52 -3.48 -5.84
C LYS A 47 -8.52 -2.35 -5.68
N GLN A 48 -8.77 -1.47 -4.72
CA GLN A 48 -7.89 -0.33 -4.47
C GLN A 48 -7.35 -0.36 -3.04
N GLY A 49 -6.32 0.43 -2.78
CA GLY A 49 -5.73 0.48 -1.46
C GLY A 49 -5.76 1.87 -0.86
N LEU A 50 -5.90 1.93 0.47
CA LEU A 50 -5.95 3.21 1.16
C LEU A 50 -4.59 3.55 1.80
N VAL A 51 -4.23 4.82 1.75
CA VAL A 51 -2.96 5.27 2.31
C VAL A 51 -3.19 6.24 3.46
N HIS A 52 -2.97 5.76 4.69
CA HIS A 52 -3.15 6.58 5.88
C HIS A 52 -2.43 7.92 5.72
N ARG A 53 -2.99 8.97 6.35
CA ARG A 53 -2.40 10.30 6.28
C ARG A 53 -0.97 10.29 6.82
N THR A 54 -0.72 9.41 7.79
CA THR A 54 0.61 9.31 8.39
C THR A 54 1.59 8.60 7.46
N HIS A 55 1.05 7.85 6.50
CA HIS A 55 1.87 7.14 5.54
C HIS A 55 2.04 7.94 4.24
N MET A 56 1.11 8.86 4.00
CA MET A 56 1.15 9.69 2.81
C MET A 56 2.52 10.37 2.67
N SER A 57 2.95 11.04 3.74
CA SER A 57 4.24 11.72 3.73
C SER A 57 5.05 11.36 4.97
N SER A 58 6.38 11.44 4.84
CA SER A 58 7.27 11.12 5.95
C SER A 58 7.19 12.19 7.03
N CYS A 59 7.56 13.41 6.67
CA CYS A 59 7.54 14.53 7.61
C CYS A 59 6.14 14.69 8.22
N ARG A 60 5.99 15.72 9.04
CA ARG A 60 4.71 15.99 9.70
C ARG A 60 3.62 16.28 8.68
N VAL A 61 2.53 15.54 8.75
CA VAL A 61 1.42 15.72 7.83
C VAL A 61 0.34 16.61 8.43
N ASP A 62 -0.10 17.61 7.67
CA ASP A 62 -1.11 18.54 8.13
C ASP A 62 -2.40 18.38 7.32
N LYS A 63 -2.27 18.44 6.00
CA LYS A 63 -3.41 18.31 5.11
C LYS A 63 -3.08 17.41 3.92
N PRO A 64 -3.71 16.23 3.87
CA PRO A 64 -3.49 15.25 2.80
C PRO A 64 -4.07 15.72 1.47
N SER A 65 -5.09 16.57 1.54
CA SER A 65 -5.73 17.10 0.33
C SER A 65 -4.82 18.09 -0.38
N GLU A 66 -3.71 18.43 0.27
CA GLU A 66 -2.75 19.37 -0.31
C GLU A 66 -1.50 18.64 -0.81
N ILE A 67 -1.49 17.33 -0.63
CA ILE A 67 -0.35 16.51 -1.06
C ILE A 67 -0.59 15.94 -2.46
N VAL A 68 -1.76 15.36 -2.66
CA VAL A 68 -2.12 14.78 -3.94
C VAL A 68 -3.54 15.16 -4.35
N ASP A 69 -3.92 14.79 -5.57
CA ASP A 69 -5.24 15.09 -6.08
C ASP A 69 -5.65 14.09 -7.16
N VAL A 70 -6.92 13.68 -7.12
CA VAL A 70 -7.44 12.72 -8.09
C VAL A 70 -6.86 12.98 -9.47
N GLY A 71 -6.12 12.00 -9.99
CA GLY A 71 -5.52 12.14 -11.31
C GLY A 71 -4.02 12.08 -11.27
N ASP A 72 -3.45 12.35 -10.10
CA ASP A 72 -2.00 12.34 -9.93
C ASP A 72 -1.50 10.93 -9.66
N LYS A 73 -0.51 10.49 -10.44
CA LYS A 73 0.06 9.16 -10.28
C LYS A 73 1.28 9.19 -9.39
N VAL A 74 1.33 8.27 -8.42
CA VAL A 74 2.45 8.19 -7.49
C VAL A 74 2.81 6.74 -7.19
N TRP A 75 3.94 6.55 -6.52
CA TRP A 75 4.39 5.21 -6.17
C TRP A 75 4.03 4.86 -4.73
N VAL A 76 3.47 3.67 -4.55
CA VAL A 76 3.07 3.22 -3.21
C VAL A 76 3.58 1.80 -2.93
N LYS A 77 3.58 1.43 -1.67
CA LYS A 77 4.04 0.10 -1.27
C LYS A 77 3.09 -0.53 -0.26
N LEU A 78 2.73 -1.79 -0.48
CA LEU A 78 1.83 -2.50 0.41
C LEU A 78 2.48 -2.76 1.77
N ILE A 79 1.79 -2.41 2.84
CA ILE A 79 2.29 -2.61 4.18
C ILE A 79 1.47 -3.65 4.95
N GLY A 80 0.23 -3.81 4.54
CA GLY A 80 -0.65 -4.77 5.19
C GLY A 80 -1.83 -5.16 4.32
N ARG A 81 -1.84 -6.40 3.85
CA ARG A 81 -2.91 -6.90 3.00
C ARG A 81 -3.81 -7.86 3.78
N GLU A 82 -5.11 -7.59 3.76
CA GLU A 82 -6.08 -8.42 4.46
C GLU A 82 -7.32 -8.66 3.60
N MET A 83 -7.65 -9.92 3.38
CA MET A 83 -8.82 -10.27 2.57
C MET A 83 -9.84 -11.04 3.41
N LYS A 84 -11.00 -10.45 3.60
CA LYS A 84 -12.06 -11.07 4.38
C LYS A 84 -13.27 -11.36 3.50
N ASN A 85 -13.94 -12.49 3.77
CA ASN A 85 -15.12 -12.89 3.01
C ASN A 85 -16.22 -11.83 3.12
N ASP A 86 -16.06 -10.92 4.07
CA ASP A 86 -17.03 -9.84 4.28
C ASP A 86 -16.59 -8.56 3.58
N ARG A 87 -15.28 -8.39 3.46
CA ARG A 87 -14.73 -7.20 2.81
C ARG A 87 -13.21 -7.31 2.69
N ILE A 88 -12.65 -6.56 1.74
CA ILE A 88 -11.20 -6.57 1.52
C ILE A 88 -10.57 -5.26 1.95
N LYS A 89 -9.48 -5.35 2.71
CA LYS A 89 -8.79 -4.16 3.20
C LYS A 89 -7.32 -4.18 2.76
N VAL A 90 -6.91 -3.13 2.06
CA VAL A 90 -5.54 -3.02 1.58
C VAL A 90 -4.87 -1.76 2.12
N SER A 91 -3.66 -1.92 2.63
CA SER A 91 -2.90 -0.80 3.18
C SER A 91 -1.72 -0.45 2.30
N LEU A 92 -1.63 0.81 1.91
CA LEU A 92 -0.53 1.28 1.06
C LEU A 92 0.18 2.47 1.69
N SER A 93 1.45 2.64 1.34
CA SER A 93 2.25 3.74 1.87
C SER A 93 2.97 4.49 0.76
N MET A 94 3.27 5.75 0.99
CA MET A 94 3.97 6.58 0.01
C MET A 94 5.27 7.13 0.58
N LYS A 95 5.28 7.35 1.89
CA LYS A 95 6.46 7.88 2.57
C LYS A 95 7.61 6.87 2.55
N VAL A 96 7.31 5.66 2.09
CA VAL A 96 8.30 4.60 2.01
C VAL A 96 8.57 4.20 0.57
N VAL A 97 8.24 5.10 -0.37
CA VAL A 97 8.45 4.83 -1.78
C VAL A 97 8.79 6.12 -2.53
N ASN A 98 9.80 6.03 -3.39
CA ASN A 98 10.23 7.19 -4.17
C ASN A 98 9.15 7.61 -5.16
N GLN A 99 8.77 8.89 -5.10
CA GLN A 99 7.75 9.43 -5.99
C GLN A 99 8.36 9.94 -7.27
N GLY A 100 9.27 9.17 -7.85
CA GLY A 100 9.93 9.57 -9.08
C GLY A 100 10.51 8.39 -9.84
N THR A 101 11.03 7.42 -9.11
CA THR A 101 11.62 6.24 -9.72
C THR A 101 10.85 4.98 -9.34
N GLY A 102 10.30 4.97 -8.13
CA GLY A 102 9.54 3.82 -7.68
C GLY A 102 10.41 2.81 -6.95
N LYS A 103 11.51 3.27 -6.38
CA LYS A 103 12.43 2.39 -5.65
C LYS A 103 12.12 2.40 -4.15
N ASP A 104 12.11 1.22 -3.56
CA ASP A 104 11.83 1.09 -2.14
C ASP A 104 12.81 1.91 -1.31
N LEU A 105 12.28 2.73 -0.41
CA LEU A 105 13.10 3.58 0.44
C LEU A 105 13.32 2.94 1.80
N ASP A 106 12.45 2.01 2.16
CA ASP A 106 12.55 1.32 3.44
C ASP A 106 12.69 -0.19 3.23
N PRO A 107 13.90 -0.62 2.83
CA PRO A 107 14.20 -2.03 2.59
C PRO A 107 14.22 -2.85 3.88
N ASN A 108 13.95 -2.19 5.00
CA ASN A 108 13.94 -2.86 6.29
C ASN A 108 12.51 -3.03 6.80
N ASN A 109 11.65 -2.08 6.45
CA ASN A 109 10.26 -2.13 6.87
C ASN A 109 10.15 -2.10 8.39
N VAL A 110 10.78 -1.12 9.01
CA VAL A 110 10.76 -0.98 10.46
C VAL A 110 9.87 0.18 10.88
N ILE A 111 9.67 1.13 9.97
CA ILE A 111 8.83 2.29 10.25
C ILE A 111 7.35 1.91 10.26
N ILE A 112 6.89 1.32 9.16
CA ILE A 112 5.49 0.92 9.04
C ILE A 112 5.03 0.17 10.31
N GLU A 113 5.97 -0.44 11.00
CA GLU A 113 5.67 -1.18 12.22
C GLU A 113 5.42 -0.22 13.39
N SER A 114 4.19 0.26 13.49
CA SER A 114 3.81 1.19 14.55
C SER A 114 2.81 0.55 15.50
N GLY A 115 3.05 0.68 16.80
CA GLY A 115 2.16 0.11 17.79
C GLY A 115 1.44 1.18 18.60
N PRO A 116 0.33 1.70 18.06
CA PRO A 116 -0.47 2.73 18.71
C PRO A 116 -1.20 2.20 19.94
N SER A 117 -1.12 2.94 21.04
CA SER A 117 -1.78 2.55 22.28
C SER A 117 -2.98 3.45 22.58
N SER A 118 -3.83 3.00 23.48
CA SER A 118 -5.01 3.76 23.86
C SER A 118 -4.64 5.19 24.27
N GLY A 119 -5.66 5.98 24.60
CA GLY A 119 -5.41 7.36 25.00
C GLY A 119 -6.03 8.36 24.05
N GLY A 1 33.91 -17.84 11.17
CA GLY A 1 34.70 -17.27 10.09
C GLY A 1 34.17 -15.92 9.64
N SER A 2 34.69 -15.44 8.51
CA SER A 2 34.26 -14.14 7.98
C SER A 2 32.89 -14.25 7.32
N SER A 3 32.79 -15.08 6.29
CA SER A 3 31.54 -15.26 5.58
C SER A 3 30.62 -16.22 6.33
N GLY A 4 29.86 -15.68 7.29
CA GLY A 4 28.96 -16.50 8.06
C GLY A 4 27.76 -16.98 7.26
N SER A 5 27.20 -18.12 7.65
CA SER A 5 26.06 -18.68 6.95
C SER A 5 24.76 -18.01 7.39
N SER A 6 24.32 -17.02 6.62
CA SER A 6 23.10 -16.28 6.93
C SER A 6 21.87 -17.11 6.56
N GLY A 7 21.89 -17.69 5.38
CA GLY A 7 20.77 -18.49 4.91
C GLY A 7 19.66 -17.65 4.33
N MET A 8 19.64 -17.55 3.01
CA MET A 8 18.61 -16.77 2.31
C MET A 8 18.22 -17.44 1.00
N ASN A 9 16.93 -17.33 0.66
CA ASN A 9 16.43 -17.93 -0.57
C ASN A 9 15.36 -17.04 -1.20
N SER A 10 14.88 -17.44 -2.38
CA SER A 10 13.85 -16.69 -3.09
C SER A 10 12.99 -17.60 -3.93
N GLY A 11 11.67 -17.48 -3.78
CA GLY A 11 10.75 -18.30 -4.53
C GLY A 11 9.73 -17.49 -5.30
N ARG A 12 8.49 -17.49 -4.81
CA ARG A 12 7.42 -16.74 -5.46
C ARG A 12 6.15 -16.78 -4.62
N PRO A 13 5.49 -15.62 -4.49
CA PRO A 13 4.26 -15.49 -3.71
C PRO A 13 3.08 -16.19 -4.38
N GLU A 14 2.00 -16.38 -3.62
CA GLU A 14 0.81 -17.04 -4.14
C GLU A 14 -0.42 -16.16 -3.98
N THR A 15 -0.41 -15.02 -4.66
CA THR A 15 -1.52 -14.08 -4.59
C THR A 15 -2.81 -14.71 -5.09
N MET A 16 -3.93 -14.31 -4.50
CA MET A 16 -5.23 -14.84 -4.89
C MET A 16 -5.87 -13.98 -5.99
N GLU A 17 -5.56 -12.68 -5.96
CA GLU A 17 -6.10 -11.76 -6.95
C GLU A 17 -4.98 -11.03 -7.69
N ASN A 18 -5.29 -10.54 -8.88
CA ASN A 18 -4.30 -9.83 -9.69
C ASN A 18 -3.41 -8.96 -8.82
N LEU A 19 -3.94 -8.53 -7.68
CA LEU A 19 -3.19 -7.70 -6.75
C LEU A 19 -1.74 -8.15 -6.65
N PRO A 20 -0.84 -7.19 -6.38
CA PRO A 20 0.60 -7.46 -6.25
C PRO A 20 0.92 -8.27 -5.00
N ALA A 21 2.22 -8.38 -4.69
CA ALA A 21 2.66 -9.12 -3.51
C ALA A 21 2.96 -8.17 -2.36
N LEU A 22 3.37 -8.73 -1.23
CA LEU A 22 3.69 -7.95 -0.05
C LEU A 22 4.94 -7.09 -0.29
N TYR A 23 4.99 -5.93 0.36
CA TYR A 23 6.12 -5.04 0.21
C TYR A 23 6.43 -4.78 -1.26
N THR A 24 5.43 -4.94 -2.11
CA THR A 24 5.59 -4.73 -3.54
C THR A 24 5.42 -3.26 -3.91
N ILE A 25 6.26 -2.78 -4.82
CA ILE A 25 6.20 -1.39 -5.25
C ILE A 25 5.58 -1.27 -6.65
N PHE A 26 4.62 -0.37 -6.79
CA PHE A 26 3.95 -0.17 -8.08
C PHE A 26 3.48 1.28 -8.22
N GLN A 27 3.09 1.66 -9.43
CA GLN A 27 2.61 3.00 -9.69
C GLN A 27 1.10 3.02 -9.89
N GLY A 28 0.42 3.87 -9.13
CA GLY A 28 -1.02 3.96 -9.23
C GLY A 28 -1.52 5.40 -9.18
N GLU A 29 -2.74 5.62 -9.65
CA GLU A 29 -3.33 6.95 -9.64
C GLU A 29 -4.38 7.09 -8.56
N VAL A 30 -4.44 8.26 -7.94
CA VAL A 30 -5.40 8.52 -6.88
C VAL A 30 -6.84 8.49 -7.41
N ALA A 31 -7.71 7.79 -6.70
CA ALA A 31 -9.11 7.69 -7.10
C ALA A 31 -10.03 8.35 -6.07
N MET A 32 -9.55 8.43 -4.83
CA MET A 32 -10.34 9.03 -3.76
C MET A 32 -9.43 9.77 -2.77
N VAL A 33 -9.88 10.94 -2.33
CA VAL A 33 -9.11 11.74 -1.39
C VAL A 33 -9.90 11.99 -0.10
N THR A 34 -9.31 11.62 1.03
CA THR A 34 -9.96 11.81 2.32
C THR A 34 -9.01 12.47 3.31
N ASP A 35 -9.59 13.15 4.31
CA ASP A 35 -8.79 13.81 5.33
C ASP A 35 -8.05 12.81 6.21
N TYR A 36 -8.34 11.52 5.99
CA TYR A 36 -7.70 10.46 6.76
C TYR A 36 -6.83 9.58 5.86
N GLY A 37 -6.70 9.99 4.60
CA GLY A 37 -5.91 9.23 3.65
C GLY A 37 -6.41 9.35 2.23
N ALA A 38 -5.86 8.55 1.33
CA ALA A 38 -6.27 8.56 -0.07
C ALA A 38 -6.23 7.16 -0.67
N PHE A 39 -7.11 6.92 -1.64
CA PHE A 39 -7.17 5.62 -2.29
C PHE A 39 -6.40 5.64 -3.61
N ILE A 40 -5.64 4.58 -3.86
CA ILE A 40 -4.85 4.48 -5.07
C ILE A 40 -5.24 3.24 -5.88
N LYS A 41 -5.46 3.42 -7.18
CA LYS A 41 -5.84 2.32 -8.05
C LYS A 41 -4.62 1.55 -8.51
N ILE A 42 -4.69 0.22 -8.45
CA ILE A 42 -3.59 -0.64 -8.87
C ILE A 42 -3.72 -1.03 -10.33
N PRO A 43 -2.60 -0.97 -11.07
CA PRO A 43 -2.55 -1.31 -12.49
C PRO A 43 -2.75 -2.81 -12.72
N GLY A 44 -3.37 -3.15 -13.85
CA GLY A 44 -3.60 -4.54 -14.18
C GLY A 44 -4.43 -5.25 -13.12
N CYS A 45 -5.05 -4.47 -12.23
CA CYS A 45 -5.87 -5.03 -11.17
C CYS A 45 -7.23 -4.34 -11.10
N ARG A 46 -8.06 -4.79 -10.17
CA ARG A 46 -9.39 -4.20 -10.00
C ARG A 46 -9.53 -3.54 -8.64
N LYS A 47 -9.14 -4.28 -7.60
CA LYS A 47 -9.22 -3.76 -6.23
C LYS A 47 -8.27 -2.60 -6.03
N GLN A 48 -8.61 -1.71 -5.10
CA GLN A 48 -7.78 -0.55 -4.81
C GLN A 48 -7.28 -0.58 -3.37
N GLY A 49 -6.17 0.10 -3.11
CA GLY A 49 -5.62 0.14 -1.77
C GLY A 49 -5.69 1.52 -1.16
N LEU A 50 -5.93 1.56 0.15
CA LEU A 50 -6.04 2.83 0.87
C LEU A 50 -4.72 3.18 1.55
N VAL A 51 -4.35 4.46 1.50
CA VAL A 51 -3.11 4.92 2.11
C VAL A 51 -3.39 5.83 3.29
N HIS A 52 -2.99 5.39 4.49
CA HIS A 52 -3.20 6.16 5.70
C HIS A 52 -2.56 7.54 5.58
N ARG A 53 -3.18 8.54 6.22
CA ARG A 53 -2.67 9.90 6.18
C ARG A 53 -1.25 9.97 6.73
N THR A 54 -0.97 9.15 7.75
CA THR A 54 0.35 9.11 8.36
C THR A 54 1.38 8.50 7.42
N HIS A 55 0.91 7.72 6.46
CA HIS A 55 1.80 7.07 5.50
C HIS A 55 1.99 7.95 4.26
N MET A 56 1.12 8.95 4.11
CA MET A 56 1.20 9.85 2.97
C MET A 56 2.46 10.71 3.05
N SER A 57 2.73 11.27 4.22
CA SER A 57 3.90 12.11 4.43
C SER A 57 4.96 11.38 5.25
N SER A 58 6.14 11.97 5.35
CA SER A 58 7.24 11.38 6.11
C SER A 58 6.88 11.24 7.58
N CYS A 59 6.76 12.38 8.26
CA CYS A 59 6.41 12.39 9.68
C CYS A 59 5.17 13.24 9.93
N ARG A 60 5.32 14.56 9.78
CA ARG A 60 4.21 15.48 10.00
C ARG A 60 3.29 15.52 8.79
N VAL A 61 1.99 15.44 9.03
CA VAL A 61 1.00 15.46 7.97
C VAL A 61 -0.04 16.55 8.20
N ASP A 62 0.21 17.74 7.66
CA ASP A 62 -0.71 18.86 7.81
C ASP A 62 -2.07 18.52 7.23
N LYS A 63 -2.12 18.28 5.93
CA LYS A 63 -3.36 17.94 5.24
C LYS A 63 -3.10 17.00 4.06
N PRO A 64 -3.74 15.82 4.10
CA PRO A 64 -3.60 14.81 3.05
C PRO A 64 -4.26 15.24 1.74
N SER A 65 -5.24 16.13 1.85
CA SER A 65 -5.96 16.63 0.67
C SER A 65 -5.10 17.63 -0.10
N GLU A 66 -3.93 17.94 0.44
CA GLU A 66 -3.02 18.88 -0.21
C GLU A 66 -1.78 18.16 -0.73
N ILE A 67 -1.63 16.91 -0.36
CA ILE A 67 -0.49 16.11 -0.80
C ILE A 67 -0.79 15.39 -2.11
N VAL A 68 -2.02 14.91 -2.25
CA VAL A 68 -2.44 14.22 -3.46
C VAL A 68 -3.80 14.71 -3.94
N ASP A 69 -4.11 14.41 -5.19
CA ASP A 69 -5.39 14.82 -5.78
C ASP A 69 -5.80 13.88 -6.91
N VAL A 70 -7.10 13.58 -6.97
CA VAL A 70 -7.63 12.68 -7.99
C VAL A 70 -7.02 13.00 -9.35
N GLY A 71 -6.36 12.00 -9.94
CA GLY A 71 -5.74 12.19 -11.23
C GLY A 71 -4.23 12.18 -11.17
N ASP A 72 -3.69 12.35 -9.96
CA ASP A 72 -2.25 12.37 -9.77
C ASP A 72 -1.72 10.95 -9.56
N LYS A 73 -0.66 10.61 -10.30
CA LYS A 73 -0.05 9.29 -10.21
C LYS A 73 1.18 9.32 -9.30
N VAL A 74 1.25 8.38 -8.37
CA VAL A 74 2.38 8.29 -7.45
C VAL A 74 2.78 6.85 -7.20
N TRP A 75 3.93 6.66 -6.56
CA TRP A 75 4.43 5.33 -6.26
C TRP A 75 4.07 4.91 -4.84
N VAL A 76 3.54 3.70 -4.69
CA VAL A 76 3.16 3.19 -3.38
C VAL A 76 3.73 1.80 -3.14
N LYS A 77 3.78 1.39 -1.88
CA LYS A 77 4.30 0.07 -1.52
C LYS A 77 3.41 -0.59 -0.49
N LEU A 78 2.97 -1.81 -0.78
CA LEU A 78 2.11 -2.57 0.12
C LEU A 78 2.81 -2.81 1.47
N ILE A 79 2.12 -2.49 2.55
CA ILE A 79 2.67 -2.69 3.89
C ILE A 79 1.98 -3.83 4.61
N GLY A 80 0.70 -4.04 4.30
CA GLY A 80 -0.06 -5.11 4.93
C GLY A 80 -1.35 -5.41 4.21
N ARG A 81 -1.69 -6.68 4.09
CA ARG A 81 -2.91 -7.10 3.42
C ARG A 81 -3.90 -7.72 4.41
N GLU A 82 -5.10 -7.15 4.46
CA GLU A 82 -6.14 -7.65 5.36
C GLU A 82 -7.48 -7.76 4.64
N MET A 83 -8.06 -8.95 4.67
CA MET A 83 -9.35 -9.18 4.03
C MET A 83 -10.41 -9.54 5.06
N LYS A 84 -11.61 -8.99 4.88
CA LYS A 84 -12.71 -9.27 5.79
C LYS A 84 -13.88 -9.95 5.07
N ASN A 85 -14.62 -10.77 5.79
CA ASN A 85 -15.76 -11.48 5.22
C ASN A 85 -16.78 -10.49 4.64
N ASP A 86 -16.64 -9.22 5.00
CA ASP A 86 -17.54 -8.18 4.52
C ASP A 86 -16.92 -7.40 3.38
N ARG A 87 -15.59 -7.31 3.39
CA ARG A 87 -14.86 -6.58 2.36
C ARG A 87 -13.36 -6.71 2.55
N ILE A 88 -12.60 -6.52 1.47
CA ILE A 88 -11.15 -6.62 1.52
C ILE A 88 -10.51 -5.23 1.68
N LYS A 89 -9.55 -5.14 2.59
CA LYS A 89 -8.84 -3.88 2.84
C LYS A 89 -7.35 -4.04 2.62
N VAL A 90 -6.78 -3.15 1.83
CA VAL A 90 -5.35 -3.18 1.54
C VAL A 90 -4.66 -1.91 2.02
N SER A 91 -3.56 -2.08 2.74
CA SER A 91 -2.81 -0.94 3.27
C SER A 91 -1.63 -0.60 2.36
N LEU A 92 -1.51 0.66 2.00
CA LEU A 92 -0.43 1.11 1.13
C LEU A 92 0.35 2.26 1.78
N SER A 93 1.62 2.40 1.40
CA SER A 93 2.45 3.46 1.95
C SER A 93 3.01 4.35 0.83
N MET A 94 3.32 5.59 1.16
CA MET A 94 3.86 6.53 0.18
C MET A 94 5.16 7.15 0.69
N LYS A 95 5.30 7.23 2.01
CA LYS A 95 6.50 7.79 2.62
C LYS A 95 7.65 6.80 2.58
N VAL A 96 7.36 5.57 2.16
CA VAL A 96 8.37 4.53 2.07
C VAL A 96 8.70 4.20 0.63
N VAL A 97 8.38 5.13 -0.27
CA VAL A 97 8.65 4.94 -1.70
C VAL A 97 9.07 6.25 -2.35
N ASN A 98 9.99 6.17 -3.30
CA ASN A 98 10.47 7.35 -4.01
C ASN A 98 9.45 7.83 -5.04
N GLN A 99 9.04 9.08 -4.92
CA GLN A 99 8.06 9.66 -5.84
C GLN A 99 8.75 10.22 -7.08
N GLY A 100 9.77 9.51 -7.55
CA GLY A 100 10.49 9.96 -8.72
C GLY A 100 11.04 8.82 -9.55
N THR A 101 11.43 7.74 -8.86
CA THR A 101 11.97 6.56 -9.53
C THR A 101 11.22 5.30 -9.14
N GLY A 102 10.63 5.32 -7.95
CA GLY A 102 9.88 4.17 -7.47
C GLY A 102 10.76 3.14 -6.80
N LYS A 103 11.85 3.60 -6.20
CA LYS A 103 12.79 2.72 -5.52
C LYS A 103 12.43 2.61 -4.03
N ASP A 104 12.48 1.38 -3.50
CA ASP A 104 12.17 1.14 -2.10
C ASP A 104 13.08 1.98 -1.19
N LEU A 105 12.47 2.82 -0.38
CA LEU A 105 13.23 3.68 0.54
C LEU A 105 13.37 3.01 1.91
N ASP A 106 12.58 1.97 2.14
CA ASP A 106 12.62 1.24 3.40
C ASP A 106 12.80 -0.25 3.16
N PRO A 107 14.04 -0.65 2.82
CA PRO A 107 14.36 -2.06 2.56
C PRO A 107 14.33 -2.90 3.83
N ASN A 108 14.00 -2.27 4.95
CA ASN A 108 13.93 -2.97 6.23
C ASN A 108 12.49 -3.24 6.62
N ASN A 109 11.61 -2.30 6.29
CA ASN A 109 10.19 -2.43 6.62
C ASN A 109 9.99 -2.59 8.12
N VAL A 110 10.55 -1.67 8.88
CA VAL A 110 10.42 -1.69 10.34
C VAL A 110 9.59 -0.53 10.85
N ILE A 111 9.40 0.48 10.00
CA ILE A 111 8.62 1.65 10.37
C ILE A 111 7.13 1.39 10.16
N ILE A 112 6.78 0.87 8.99
CA ILE A 112 5.39 0.58 8.67
C ILE A 112 4.71 -0.21 9.78
N GLU A 113 5.53 -0.96 10.53
CA GLU A 113 5.01 -1.76 11.63
C GLU A 113 4.67 -0.89 12.84
N SER A 114 5.62 -0.05 13.24
CA SER A 114 5.42 0.84 14.38
C SER A 114 4.56 0.16 15.45
N GLY A 115 4.91 -1.07 15.78
CA GLY A 115 4.16 -1.80 16.79
C GLY A 115 2.66 -1.65 16.63
N PRO A 116 1.92 -1.85 17.72
CA PRO A 116 0.46 -1.74 17.72
C PRO A 116 -0.02 -0.29 17.54
N SER A 117 -1.19 -0.14 16.94
CA SER A 117 -1.75 1.19 16.71
C SER A 117 -2.21 1.83 18.01
N SER A 118 -3.07 1.11 18.74
CA SER A 118 -3.59 1.60 20.01
C SER A 118 -2.45 2.07 20.92
N GLY A 119 -2.27 3.38 20.99
CA GLY A 119 -1.22 3.94 21.83
C GLY A 119 -0.44 5.03 21.12
N GLY A 1 30.61 -17.87 -5.95
CA GLY A 1 30.51 -16.89 -4.89
C GLY A 1 29.42 -17.23 -3.89
N SER A 2 29.04 -16.25 -3.07
CA SER A 2 28.01 -16.45 -2.07
C SER A 2 26.98 -15.32 -2.12
N SER A 3 25.92 -15.45 -1.31
CA SER A 3 24.86 -14.45 -1.27
C SER A 3 24.60 -13.89 -2.66
N GLY A 4 24.59 -14.77 -3.66
CA GLY A 4 24.35 -14.34 -5.02
C GLY A 4 22.87 -14.12 -5.31
N SER A 5 22.51 -14.10 -6.58
CA SER A 5 21.12 -13.87 -6.99
C SER A 5 20.39 -15.21 -7.14
N SER A 6 19.07 -15.15 -7.11
CA SER A 6 18.24 -16.35 -7.24
C SER A 6 17.75 -16.51 -8.68
N GLY A 7 18.03 -17.67 -9.27
CA GLY A 7 17.60 -17.93 -10.63
C GLY A 7 16.49 -18.96 -10.71
N MET A 8 16.53 -19.79 -11.74
CA MET A 8 15.51 -20.82 -11.93
C MET A 8 14.14 -20.32 -11.48
N ASN A 9 13.76 -19.13 -11.94
CA ASN A 9 12.48 -18.55 -11.58
C ASN A 9 11.33 -19.40 -12.10
N SER A 10 10.49 -19.89 -11.18
CA SER A 10 9.36 -20.73 -11.55
C SER A 10 8.49 -21.02 -10.33
N GLY A 11 7.29 -21.53 -10.57
CA GLY A 11 6.39 -21.85 -9.49
C GLY A 11 5.62 -20.64 -8.99
N ARG A 12 4.30 -20.69 -9.12
CA ARG A 12 3.45 -19.59 -8.68
C ARG A 12 2.44 -20.05 -7.64
N PRO A 13 2.23 -19.24 -6.60
CA PRO A 13 1.30 -19.55 -5.52
C PRO A 13 -0.16 -19.47 -5.98
N GLU A 14 -1.08 -19.81 -5.08
CA GLU A 14 -2.51 -19.77 -5.39
C GLU A 14 -3.20 -18.66 -4.63
N THR A 15 -2.77 -17.42 -4.87
CA THR A 15 -3.36 -16.27 -4.21
C THR A 15 -3.87 -15.24 -5.22
N MET A 16 -4.44 -14.15 -4.71
CA MET A 16 -4.96 -13.10 -5.57
C MET A 16 -3.89 -12.62 -6.56
N GLU A 17 -3.83 -13.28 -7.71
CA GLU A 17 -2.86 -12.93 -8.74
C GLU A 17 -3.08 -11.50 -9.23
N ASN A 18 -4.34 -11.08 -9.26
CA ASN A 18 -4.68 -9.74 -9.72
C ASN A 18 -3.89 -8.69 -8.96
N LEU A 19 -3.99 -8.70 -7.64
CA LEU A 19 -3.29 -7.75 -6.80
C LEU A 19 -1.82 -8.16 -6.63
N PRO A 20 -0.97 -7.17 -6.32
CA PRO A 20 0.46 -7.41 -6.12
C PRO A 20 0.76 -8.20 -4.85
N ALA A 21 2.03 -8.44 -4.58
CA ALA A 21 2.44 -9.17 -3.38
C ALA A 21 2.78 -8.23 -2.25
N LEU A 22 3.04 -8.79 -1.08
CA LEU A 22 3.39 -8.00 0.10
C LEU A 22 4.70 -7.24 -0.12
N TYR A 23 4.80 -6.06 0.50
CA TYR A 23 6.00 -5.24 0.36
C TYR A 23 6.35 -5.02 -1.11
N THR A 24 5.34 -5.09 -1.98
CA THR A 24 5.54 -4.90 -3.41
C THR A 24 5.38 -3.43 -3.80
N ILE A 25 6.26 -2.96 -4.66
CA ILE A 25 6.21 -1.57 -5.11
C ILE A 25 5.60 -1.47 -6.50
N PHE A 26 4.73 -0.49 -6.70
CA PHE A 26 4.08 -0.29 -7.99
C PHE A 26 3.61 1.16 -8.14
N GLN A 27 3.19 1.52 -9.35
CA GLN A 27 2.73 2.87 -9.63
C GLN A 27 1.21 2.91 -9.79
N GLY A 28 0.55 3.77 -9.02
CA GLY A 28 -0.89 3.89 -9.10
C GLY A 28 -1.35 5.33 -9.16
N GLU A 29 -2.61 5.52 -9.56
CA GLU A 29 -3.17 6.86 -9.66
C GLU A 29 -4.23 7.10 -8.59
N VAL A 30 -4.16 8.25 -7.95
CA VAL A 30 -5.11 8.60 -6.90
C VAL A 30 -6.53 8.73 -7.46
N ALA A 31 -7.47 8.03 -6.83
CA ALA A 31 -8.86 8.06 -7.28
C ALA A 31 -9.75 8.74 -6.23
N MET A 32 -9.27 8.78 -5.00
CA MET A 32 -10.02 9.40 -3.91
C MET A 32 -9.08 10.01 -2.88
N VAL A 33 -9.45 11.18 -2.37
CA VAL A 33 -8.64 11.87 -1.37
C VAL A 33 -9.44 12.14 -0.10
N THR A 34 -8.93 11.68 1.03
CA THR A 34 -9.60 11.89 2.32
C THR A 34 -8.65 12.50 3.34
N ASP A 35 -9.22 13.06 4.40
CA ASP A 35 -8.43 13.68 5.45
C ASP A 35 -7.73 12.61 6.30
N TYR A 36 -7.97 11.35 5.97
CA TYR A 36 -7.38 10.24 6.71
C TYR A 36 -6.55 9.35 5.78
N GLY A 37 -6.38 9.81 4.54
CA GLY A 37 -5.61 9.05 3.58
C GLY A 37 -6.10 9.26 2.15
N ALA A 38 -5.64 8.40 1.24
CA ALA A 38 -6.04 8.50 -0.16
C ALA A 38 -6.09 7.13 -0.82
N PHE A 39 -6.99 6.97 -1.78
CA PHE A 39 -7.14 5.70 -2.48
C PHE A 39 -6.30 5.68 -3.76
N ILE A 40 -5.62 4.57 -3.99
CA ILE A 40 -4.79 4.42 -5.18
C ILE A 40 -5.21 3.21 -6.01
N LYS A 41 -5.27 3.39 -7.32
CA LYS A 41 -5.66 2.32 -8.22
C LYS A 41 -4.42 1.59 -8.77
N ILE A 42 -4.34 0.29 -8.51
CA ILE A 42 -3.23 -0.52 -8.98
C ILE A 42 -3.42 -0.94 -10.44
N PRO A 43 -2.33 -0.87 -11.22
CA PRO A 43 -2.36 -1.23 -12.64
C PRO A 43 -2.52 -2.74 -12.84
N GLY A 44 -3.60 -3.12 -13.53
CA GLY A 44 -3.85 -4.53 -13.77
C GLY A 44 -4.40 -5.25 -12.55
N CYS A 45 -5.31 -4.59 -11.85
CA CYS A 45 -5.92 -5.17 -10.65
C CYS A 45 -7.44 -5.11 -10.73
N ARG A 46 -8.10 -5.53 -9.65
CA ARG A 46 -9.56 -5.52 -9.60
C ARG A 46 -10.05 -4.63 -8.46
N LYS A 47 -9.28 -4.58 -7.38
CA LYS A 47 -9.64 -3.77 -6.22
C LYS A 47 -8.61 -2.67 -6.00
N GLN A 48 -9.01 -1.64 -5.25
CA GLN A 48 -8.13 -0.51 -4.95
C GLN A 48 -7.67 -0.55 -3.50
N GLY A 49 -6.52 0.07 -3.23
CA GLY A 49 -6.00 0.10 -1.87
C GLY A 49 -6.05 1.48 -1.26
N LEU A 50 -6.03 1.54 0.07
CA LEU A 50 -6.08 2.81 0.78
C LEU A 50 -4.74 3.11 1.46
N VAL A 51 -4.34 4.37 1.44
CA VAL A 51 -3.09 4.79 2.05
C VAL A 51 -3.33 5.73 3.23
N HIS A 52 -3.08 5.23 4.43
CA HIS A 52 -3.28 6.02 5.65
C HIS A 52 -2.57 7.36 5.53
N ARG A 53 -3.10 8.37 6.21
CA ARG A 53 -2.52 9.70 6.19
C ARG A 53 -1.09 9.68 6.75
N THR A 54 -0.85 8.79 7.69
CA THR A 54 0.47 8.67 8.30
C THR A 54 1.52 8.25 7.28
N HIS A 55 1.10 7.42 6.32
CA HIS A 55 2.01 6.95 5.28
C HIS A 55 2.03 7.92 4.09
N MET A 56 1.10 8.86 4.09
CA MET A 56 1.00 9.85 3.02
C MET A 56 2.13 10.88 3.14
N SER A 57 2.64 11.05 4.35
CA SER A 57 3.72 12.00 4.60
C SER A 57 4.83 11.37 5.43
N SER A 58 5.96 12.05 5.51
CA SER A 58 7.11 11.56 6.27
C SER A 58 6.73 11.36 7.74
N CYS A 59 6.47 12.46 8.43
CA CYS A 59 6.10 12.40 9.84
C CYS A 59 4.89 13.28 10.12
N ARG A 60 5.09 14.59 10.04
CA ARG A 60 4.02 15.55 10.29
C ARG A 60 3.08 15.64 9.09
N VAL A 61 1.78 15.50 9.34
CA VAL A 61 0.78 15.57 8.27
C VAL A 61 -0.23 16.67 8.54
N ASP A 62 0.01 17.84 7.94
CA ASP A 62 -0.89 18.98 8.12
C ASP A 62 -2.18 18.79 7.32
N LYS A 63 -2.04 18.28 6.10
CA LYS A 63 -3.18 18.05 5.24
C LYS A 63 -2.83 17.10 4.10
N PRO A 64 -3.29 15.84 4.20
CA PRO A 64 -3.04 14.81 3.20
C PRO A 64 -3.79 15.08 1.89
N SER A 65 -4.75 16.00 1.94
CA SER A 65 -5.53 16.34 0.77
C SER A 65 -4.76 17.28 -0.15
N GLU A 66 -3.81 18.01 0.42
CA GLU A 66 -2.99 18.95 -0.34
C GLU A 66 -1.72 18.26 -0.86
N ILE A 67 -1.51 17.03 -0.43
CA ILE A 67 -0.33 16.27 -0.84
C ILE A 67 -0.57 15.60 -2.20
N VAL A 68 -1.80 15.17 -2.44
CA VAL A 68 -2.15 14.52 -3.69
C VAL A 68 -3.52 14.96 -4.18
N ASP A 69 -3.87 14.57 -5.40
CA ASP A 69 -5.17 14.92 -5.98
C ASP A 69 -5.57 13.91 -7.06
N VAL A 70 -6.83 13.49 -7.03
CA VAL A 70 -7.35 12.54 -7.99
C VAL A 70 -6.79 12.82 -9.39
N GLY A 71 -6.12 11.81 -9.96
CA GLY A 71 -5.56 11.97 -11.28
C GLY A 71 -4.03 11.98 -11.26
N ASP A 72 -3.47 12.21 -10.08
CA ASP A 72 -2.01 12.24 -9.94
C ASP A 72 -1.46 10.84 -9.71
N LYS A 73 -0.45 10.48 -10.49
CA LYS A 73 0.18 9.16 -10.38
C LYS A 73 1.33 9.19 -9.38
N VAL A 74 1.34 8.21 -8.48
CA VAL A 74 2.38 8.12 -7.47
C VAL A 74 2.80 6.66 -7.23
N TRP A 75 3.88 6.49 -6.49
CA TRP A 75 4.38 5.15 -6.19
C TRP A 75 4.03 4.74 -4.76
N VAL A 76 3.47 3.56 -4.61
CA VAL A 76 3.09 3.05 -3.28
C VAL A 76 3.63 1.64 -3.06
N LYS A 77 3.77 1.27 -1.79
CA LYS A 77 4.27 -0.05 -1.43
C LYS A 77 3.37 -0.73 -0.41
N LEU A 78 2.92 -1.94 -0.72
CA LEU A 78 2.04 -2.68 0.17
C LEU A 78 2.72 -2.91 1.52
N ILE A 79 1.95 -2.76 2.60
CA ILE A 79 2.47 -2.95 3.95
C ILE A 79 1.76 -4.10 4.65
N GLY A 80 0.48 -4.28 4.33
CA GLY A 80 -0.30 -5.35 4.95
C GLY A 80 -1.58 -5.63 4.19
N ARG A 81 -1.88 -6.92 4.01
CA ARG A 81 -3.10 -7.31 3.31
C ARG A 81 -4.11 -7.92 4.27
N GLU A 82 -5.31 -7.34 4.31
CA GLU A 82 -6.37 -7.83 5.18
C GLU A 82 -7.66 -8.05 4.41
N MET A 83 -8.19 -9.26 4.49
CA MET A 83 -9.43 -9.60 3.79
C MET A 83 -10.53 -9.98 4.79
N LYS A 84 -11.57 -9.16 4.85
CA LYS A 84 -12.68 -9.40 5.76
C LYS A 84 -13.90 -9.95 5.00
N ASN A 85 -14.68 -10.78 5.68
CA ASN A 85 -15.87 -11.37 5.07
C ASN A 85 -16.84 -10.29 4.60
N ASP A 86 -16.61 -9.06 5.06
CA ASP A 86 -17.47 -7.95 4.69
C ASP A 86 -16.84 -7.14 3.55
N ARG A 87 -15.51 -7.12 3.50
CA ARG A 87 -14.80 -6.39 2.46
C ARG A 87 -13.30 -6.61 2.59
N ILE A 88 -12.58 -6.41 1.47
CA ILE A 88 -11.14 -6.59 1.45
C ILE A 88 -10.43 -5.26 1.71
N LYS A 89 -9.61 -5.23 2.75
CA LYS A 89 -8.86 -4.03 3.10
C LYS A 89 -7.40 -4.15 2.67
N VAL A 90 -6.92 -3.14 1.96
CA VAL A 90 -5.54 -3.14 1.49
C VAL A 90 -4.79 -1.90 1.99
N SER A 91 -3.74 -2.12 2.77
CA SER A 91 -2.94 -1.03 3.31
C SER A 91 -1.70 -0.78 2.45
N LEU A 92 -1.52 0.47 2.04
CA LEU A 92 -0.38 0.84 1.21
C LEU A 92 0.42 1.96 1.86
N SER A 93 1.68 2.11 1.45
CA SER A 93 2.54 3.14 2.00
C SER A 93 3.16 3.97 0.88
N MET A 94 3.35 5.26 1.15
CA MET A 94 3.94 6.16 0.16
C MET A 94 5.17 6.86 0.73
N LYS A 95 5.17 7.10 2.03
CA LYS A 95 6.28 7.75 2.71
C LYS A 95 7.54 6.89 2.64
N VAL A 96 7.37 5.63 2.23
CA VAL A 96 8.49 4.72 2.12
C VAL A 96 8.79 4.37 0.66
N VAL A 97 8.41 5.28 -0.24
CA VAL A 97 8.64 5.08 -1.67
C VAL A 97 8.75 6.42 -2.39
N ASN A 98 9.84 6.58 -3.14
CA ASN A 98 10.06 7.81 -3.89
C ASN A 98 8.92 8.06 -4.88
N GLN A 99 8.76 9.32 -5.27
CA GLN A 99 7.71 9.69 -6.22
C GLN A 99 8.30 10.07 -7.57
N GLY A 100 9.58 10.43 -7.57
CA GLY A 100 10.24 10.81 -8.81
C GLY A 100 10.79 9.62 -9.57
N THR A 101 11.04 8.52 -8.85
CA THR A 101 11.56 7.32 -9.45
C THR A 101 10.74 6.10 -9.07
N GLY A 102 10.14 6.14 -7.88
CA GLY A 102 9.32 5.03 -7.43
C GLY A 102 10.15 3.92 -6.82
N LYS A 103 11.34 4.25 -6.35
CA LYS A 103 12.24 3.27 -5.75
C LYS A 103 11.95 3.11 -4.26
N ASP A 104 12.37 1.99 -3.69
CA ASP A 104 12.16 1.72 -2.28
C ASP A 104 13.09 2.57 -1.43
N LEU A 105 12.51 3.23 -0.41
CA LEU A 105 13.30 4.08 0.48
C LEU A 105 13.51 3.40 1.83
N ASP A 106 12.65 2.44 2.14
CA ASP A 106 12.74 1.71 3.40
C ASP A 106 12.61 0.20 3.17
N PRO A 107 13.68 -0.41 2.66
CA PRO A 107 13.72 -1.84 2.38
C PRO A 107 13.72 -2.69 3.65
N ASN A 108 13.83 -2.01 4.80
CA ASN A 108 13.85 -2.70 6.08
C ASN A 108 12.44 -3.10 6.50
N ASN A 109 11.50 -2.18 6.39
CA ASN A 109 10.11 -2.43 6.76
C ASN A 109 9.95 -2.51 8.27
N VAL A 110 10.62 -1.59 8.98
CA VAL A 110 10.55 -1.54 10.43
C VAL A 110 9.70 -0.37 10.90
N ILE A 111 9.48 0.59 10.01
CA ILE A 111 8.69 1.77 10.34
C ILE A 111 7.21 1.45 10.35
N ILE A 112 6.69 1.02 9.20
CA ILE A 112 5.28 0.68 9.08
C ILE A 112 4.81 -0.17 10.26
N GLU A 113 5.74 -0.92 10.85
CA GLU A 113 5.43 -1.78 11.99
C GLU A 113 5.08 -0.94 13.21
N SER A 114 5.97 -0.03 13.58
CA SER A 114 5.75 0.83 14.73
C SER A 114 5.06 2.13 14.32
N GLY A 115 4.39 2.77 15.28
CA GLY A 115 3.69 4.01 15.00
C GLY A 115 4.29 5.19 15.73
N PRO A 116 3.68 6.38 15.56
CA PRO A 116 4.14 7.61 16.19
C PRO A 116 3.90 7.61 17.70
N SER A 117 4.84 8.16 18.45
CA SER A 117 4.72 8.21 19.90
C SER A 117 4.65 9.66 20.39
N SER A 118 3.48 10.04 20.88
CA SER A 118 3.27 11.41 21.37
C SER A 118 4.17 11.69 22.57
N GLY A 119 4.24 12.96 22.96
CA GLY A 119 5.07 13.35 24.09
C GLY A 119 6.49 13.68 23.68
N GLY A 1 18.79 -44.29 -24.64
CA GLY A 1 17.44 -44.33 -24.14
C GLY A 1 17.01 -43.02 -23.51
N SER A 2 16.03 -42.36 -24.12
CA SER A 2 15.54 -41.08 -23.63
C SER A 2 15.37 -41.12 -22.11
N SER A 3 16.02 -40.18 -21.42
CA SER A 3 15.95 -40.11 -19.97
C SER A 3 14.92 -39.07 -19.53
N GLY A 4 13.78 -39.55 -19.06
CA GLY A 4 12.73 -38.64 -18.60
C GLY A 4 13.26 -37.50 -17.77
N SER A 5 13.08 -36.28 -18.24
CA SER A 5 13.55 -35.09 -17.53
C SER A 5 12.40 -34.37 -16.85
N SER A 6 12.73 -33.35 -16.06
CA SER A 6 11.73 -32.58 -15.33
C SER A 6 11.71 -31.14 -15.81
N GLY A 7 10.61 -30.44 -15.51
CA GLY A 7 10.48 -29.06 -15.92
C GLY A 7 9.07 -28.70 -16.34
N MET A 8 8.13 -28.78 -15.41
CA MET A 8 6.74 -28.47 -15.69
C MET A 8 6.21 -27.43 -14.71
N ASN A 9 5.09 -26.79 -15.08
CA ASN A 9 4.48 -25.78 -14.23
C ASN A 9 2.96 -25.84 -14.31
N SER A 10 2.29 -25.47 -13.23
CA SER A 10 0.84 -25.48 -13.18
C SER A 10 0.31 -24.35 -12.31
N GLY A 11 -0.81 -23.75 -12.73
CA GLY A 11 -1.40 -22.66 -11.97
C GLY A 11 -2.55 -22.01 -12.70
N ARG A 12 -3.66 -21.80 -11.99
CA ARG A 12 -4.84 -21.19 -12.58
C ARG A 12 -4.80 -19.67 -12.43
N PRO A 13 -5.20 -18.95 -13.48
CA PRO A 13 -5.21 -17.49 -13.49
C PRO A 13 -6.30 -16.92 -12.58
N GLU A 14 -5.87 -16.18 -11.56
CA GLU A 14 -6.81 -15.58 -10.61
C GLU A 14 -7.23 -14.18 -11.07
N THR A 15 -8.54 -13.96 -11.12
CA THR A 15 -9.07 -12.67 -11.55
C THR A 15 -9.70 -11.93 -10.38
N MET A 16 -10.44 -12.66 -9.55
CA MET A 16 -11.11 -12.06 -8.40
C MET A 16 -10.21 -11.01 -7.74
N GLU A 17 -9.03 -11.43 -7.33
CA GLU A 17 -8.08 -10.53 -6.68
C GLU A 17 -6.68 -10.70 -7.25
N ASN A 18 -6.35 -9.91 -8.27
CA ASN A 18 -5.05 -9.98 -8.91
C ASN A 18 -4.05 -9.04 -8.22
N LEU A 19 -4.41 -8.58 -7.03
CA LEU A 19 -3.56 -7.68 -6.26
C LEU A 19 -2.15 -8.25 -6.13
N PRO A 20 -1.16 -7.36 -5.96
CA PRO A 20 0.24 -7.76 -5.82
C PRO A 20 0.52 -8.46 -4.49
N ALA A 21 1.78 -8.76 -4.24
CA ALA A 21 2.18 -9.43 -3.00
C ALA A 21 2.53 -8.40 -1.92
N LEU A 22 2.80 -8.90 -0.72
CA LEU A 22 3.15 -8.04 0.41
C LEU A 22 4.47 -7.34 0.17
N TYR A 23 4.59 -6.11 0.65
CA TYR A 23 5.81 -5.33 0.49
C TYR A 23 6.12 -5.11 -0.99
N THR A 24 5.08 -5.14 -1.82
CA THR A 24 5.25 -4.95 -3.25
C THR A 24 5.12 -3.48 -3.62
N ILE A 25 5.98 -3.03 -4.54
CA ILE A 25 5.97 -1.64 -4.97
C ILE A 25 5.37 -1.51 -6.38
N PHE A 26 4.43 -0.58 -6.53
CA PHE A 26 3.78 -0.37 -7.81
C PHE A 26 3.32 1.08 -7.94
N GLN A 27 3.03 1.50 -9.17
CA GLN A 27 2.58 2.86 -9.44
C GLN A 27 1.07 2.90 -9.62
N GLY A 28 0.42 3.80 -8.88
CA GLY A 28 -1.02 3.93 -8.97
C GLY A 28 -1.48 5.38 -8.99
N GLU A 29 -2.67 5.61 -9.53
CA GLU A 29 -3.22 6.96 -9.61
C GLU A 29 -4.23 7.20 -8.49
N VAL A 30 -4.27 8.44 -7.99
CA VAL A 30 -5.19 8.80 -6.93
C VAL A 30 -6.63 8.88 -7.45
N ALA A 31 -7.53 8.14 -6.80
CA ALA A 31 -8.93 8.13 -7.20
C ALA A 31 -9.80 8.86 -6.16
N MET A 32 -9.31 8.90 -4.93
CA MET A 32 -10.04 9.57 -3.85
C MET A 32 -9.08 10.18 -2.84
N VAL A 33 -9.39 11.39 -2.39
CA VAL A 33 -8.56 12.08 -1.41
C VAL A 33 -9.34 12.41 -0.15
N THR A 34 -8.83 11.94 0.99
CA THR A 34 -9.48 12.19 2.27
C THR A 34 -8.51 12.82 3.27
N ASP A 35 -9.06 13.45 4.30
CA ASP A 35 -8.25 14.09 5.33
C ASP A 35 -7.57 13.05 6.21
N TYR A 36 -7.79 11.78 5.90
CA TYR A 36 -7.20 10.69 6.67
C TYR A 36 -6.41 9.76 5.78
N GLY A 37 -6.29 10.13 4.50
CA GLY A 37 -5.55 9.31 3.56
C GLY A 37 -6.03 9.49 2.13
N ALA A 38 -5.55 8.64 1.24
CA ALA A 38 -5.93 8.72 -0.17
C ALA A 38 -5.99 7.32 -0.80
N PHE A 39 -6.91 7.14 -1.74
CA PHE A 39 -7.07 5.86 -2.42
C PHE A 39 -6.25 5.82 -3.70
N ILE A 40 -5.55 4.71 -3.90
CA ILE A 40 -4.71 4.54 -5.09
C ILE A 40 -5.16 3.32 -5.89
N LYS A 41 -5.38 3.52 -7.18
CA LYS A 41 -5.80 2.44 -8.07
C LYS A 41 -4.60 1.62 -8.54
N ILE A 42 -4.65 0.32 -8.28
CA ILE A 42 -3.56 -0.57 -8.68
C ILE A 42 -3.71 -0.98 -10.15
N PRO A 43 -2.61 -0.86 -10.92
CA PRO A 43 -2.59 -1.23 -12.34
C PRO A 43 -2.68 -2.73 -12.55
N GLY A 44 -3.45 -3.14 -13.56
CA GLY A 44 -3.61 -4.55 -13.84
C GLY A 44 -4.61 -5.23 -12.93
N CYS A 45 -4.91 -4.58 -11.81
CA CYS A 45 -5.86 -5.12 -10.85
C CYS A 45 -7.09 -4.23 -10.73
N ARG A 46 -8.13 -4.73 -10.07
CA ARG A 46 -9.36 -3.98 -9.89
C ARG A 46 -9.47 -3.43 -8.47
N LYS A 47 -8.98 -4.20 -7.50
CA LYS A 47 -9.01 -3.79 -6.11
C LYS A 47 -8.11 -2.58 -5.87
N GLN A 48 -8.55 -1.67 -5.00
CA GLN A 48 -7.78 -0.48 -4.70
C GLN A 48 -7.29 -0.50 -3.25
N GLY A 49 -6.32 0.35 -2.94
CA GLY A 49 -5.78 0.41 -1.59
C GLY A 49 -5.86 1.80 -1.00
N LEU A 50 -5.97 1.87 0.33
CA LEU A 50 -6.06 3.15 1.02
C LEU A 50 -4.72 3.50 1.67
N VAL A 51 -4.30 4.75 1.51
CA VAL A 51 -3.04 5.21 2.09
C VAL A 51 -3.30 6.09 3.32
N HIS A 52 -2.93 5.57 4.49
CA HIS A 52 -3.11 6.30 5.73
C HIS A 52 -2.45 7.67 5.66
N ARG A 53 -3.04 8.64 6.35
CA ARG A 53 -2.51 10.00 6.36
C ARG A 53 -1.08 10.02 6.91
N THR A 54 -0.79 9.13 7.85
CA THR A 54 0.53 9.04 8.45
C THR A 54 1.57 8.55 7.45
N HIS A 55 1.13 7.69 6.53
CA HIS A 55 2.01 7.13 5.51
C HIS A 55 2.11 8.08 4.31
N MET A 56 1.12 8.97 4.19
CA MET A 56 1.10 9.92 3.08
C MET A 56 2.31 10.85 3.14
N SER A 57 2.73 11.20 4.34
CA SER A 57 3.87 12.08 4.54
C SER A 57 4.90 11.44 5.46
N SER A 58 6.11 12.00 5.45
CA SER A 58 7.19 11.48 6.30
C SER A 58 6.73 11.32 7.74
N CYS A 59 6.48 12.45 8.41
CA CYS A 59 6.04 12.43 9.79
C CYS A 59 4.88 13.41 10.01
N ARG A 60 5.17 14.70 9.85
CA ARG A 60 4.16 15.73 10.03
C ARG A 60 3.11 15.66 8.93
N VAL A 61 1.85 15.60 9.32
CA VAL A 61 0.74 15.52 8.37
C VAL A 61 -0.21 16.70 8.54
N ASP A 62 0.15 17.84 7.95
CA ASP A 62 -0.68 19.04 8.04
C ASP A 62 -1.96 18.88 7.21
N LYS A 63 -1.80 18.55 5.93
CA LYS A 63 -2.93 18.36 5.04
C LYS A 63 -2.61 17.33 3.97
N PRO A 64 -3.19 16.13 4.12
CA PRO A 64 -2.98 15.02 3.17
C PRO A 64 -3.66 15.28 1.83
N SER A 65 -4.60 16.22 1.82
CA SER A 65 -5.32 16.55 0.60
C SER A 65 -4.52 17.53 -0.26
N GLU A 66 -3.44 18.06 0.32
CA GLU A 66 -2.58 19.01 -0.39
C GLU A 66 -1.34 18.31 -0.96
N ILE A 67 -1.09 17.09 -0.48
CA ILE A 67 0.06 16.32 -0.94
C ILE A 67 -0.22 15.67 -2.29
N VAL A 68 -1.48 15.34 -2.54
CA VAL A 68 -1.89 14.71 -3.79
C VAL A 68 -3.26 15.21 -4.24
N ASP A 69 -3.69 14.77 -5.41
CA ASP A 69 -4.97 15.16 -5.95
C ASP A 69 -5.41 14.21 -7.06
N VAL A 70 -6.71 13.90 -7.08
CA VAL A 70 -7.27 13.00 -8.08
C VAL A 70 -6.67 13.27 -9.46
N GLY A 71 -6.02 12.26 -10.03
CA GLY A 71 -5.42 12.40 -11.34
C GLY A 71 -3.92 12.29 -11.30
N ASP A 72 -3.33 12.57 -10.13
CA ASP A 72 -1.89 12.50 -9.96
C ASP A 72 -1.44 11.07 -9.70
N LYS A 73 -0.46 10.61 -10.48
CA LYS A 73 0.05 9.26 -10.32
C LYS A 73 1.29 9.24 -9.42
N VAL A 74 1.30 8.30 -8.48
CA VAL A 74 2.42 8.18 -7.55
C VAL A 74 2.75 6.72 -7.27
N TRP A 75 3.87 6.48 -6.60
CA TRP A 75 4.30 5.13 -6.27
C TRP A 75 3.98 4.80 -4.82
N VAL A 76 3.40 3.63 -4.59
CA VAL A 76 3.04 3.19 -3.25
C VAL A 76 3.52 1.76 -3.00
N LYS A 77 3.65 1.41 -1.72
CA LYS A 77 4.10 0.07 -1.33
C LYS A 77 3.12 -0.56 -0.34
N LEU A 78 2.79 -1.82 -0.58
CA LEU A 78 1.87 -2.55 0.30
C LEU A 78 2.50 -2.80 1.66
N ILE A 79 1.74 -2.54 2.72
CA ILE A 79 2.24 -2.75 4.08
C ILE A 79 1.39 -3.78 4.81
N GLY A 80 0.14 -3.93 4.37
CA GLY A 80 -0.76 -4.89 5.01
C GLY A 80 -1.94 -5.24 4.13
N ARG A 81 -2.03 -6.50 3.74
CA ARG A 81 -3.12 -6.96 2.88
C ARG A 81 -3.93 -8.05 3.58
N GLU A 82 -5.24 -7.84 3.67
CA GLU A 82 -6.12 -8.81 4.32
C GLU A 82 -7.45 -8.90 3.58
N MET A 83 -7.80 -10.11 3.17
CA MET A 83 -9.05 -10.34 2.45
C MET A 83 -9.98 -11.26 3.24
N LYS A 84 -11.10 -10.72 3.69
CA LYS A 84 -12.08 -11.49 4.45
C LYS A 84 -13.40 -11.60 3.72
N ASN A 85 -14.08 -12.73 3.88
CA ASN A 85 -15.36 -12.96 3.23
C ASN A 85 -16.38 -11.90 3.64
N ASP A 86 -16.06 -11.16 4.70
CA ASP A 86 -16.94 -10.11 5.19
C ASP A 86 -16.56 -8.76 4.60
N ARG A 87 -15.27 -8.56 4.34
CA ARG A 87 -14.79 -7.32 3.76
C ARG A 87 -13.29 -7.40 3.46
N ILE A 88 -12.83 -6.56 2.55
CA ILE A 88 -11.42 -6.55 2.17
C ILE A 88 -10.74 -5.26 2.61
N LYS A 89 -9.58 -5.39 3.24
CA LYS A 89 -8.83 -4.24 3.72
C LYS A 89 -7.44 -4.18 3.08
N VAL A 90 -7.10 -3.03 2.52
CA VAL A 90 -5.80 -2.85 1.88
C VAL A 90 -5.12 -1.57 2.36
N SER A 91 -3.88 -1.71 2.81
CA SER A 91 -3.12 -0.56 3.31
C SER A 91 -1.88 -0.31 2.44
N LEU A 92 -1.73 0.92 1.99
CA LEU A 92 -0.58 1.30 1.16
C LEU A 92 0.20 2.44 1.79
N SER A 93 1.47 2.56 1.38
CA SER A 93 2.33 3.61 1.92
C SER A 93 3.03 4.35 0.78
N MET A 94 3.29 5.64 1.00
CA MET A 94 3.96 6.47 0.00
C MET A 94 5.26 7.05 0.55
N LYS A 95 5.30 7.24 1.87
CA LYS A 95 6.48 7.79 2.52
C LYS A 95 7.68 6.86 2.36
N VAL A 96 7.40 5.57 2.18
CA VAL A 96 8.45 4.58 2.01
C VAL A 96 8.69 4.28 0.53
N VAL A 97 8.11 5.10 -0.33
CA VAL A 97 8.26 4.93 -1.77
C VAL A 97 8.55 6.27 -2.46
N ASN A 98 9.42 6.23 -3.47
CA ASN A 98 9.79 7.43 -4.21
C ASN A 98 8.77 7.73 -5.30
N GLN A 99 8.30 8.97 -5.34
CA GLN A 99 7.32 9.39 -6.34
C GLN A 99 8.01 9.88 -7.60
N GLY A 100 8.93 9.08 -8.13
CA GLY A 100 9.65 9.45 -9.34
C GLY A 100 10.28 8.26 -10.02
N THR A 101 10.81 7.33 -9.23
CA THR A 101 11.46 6.14 -9.77
C THR A 101 10.77 4.87 -9.27
N GLY A 102 10.07 4.98 -8.15
CA GLY A 102 9.38 3.84 -7.59
C GLY A 102 10.30 2.90 -6.83
N LYS A 103 11.36 3.47 -6.27
CA LYS A 103 12.33 2.69 -5.51
C LYS A 103 11.97 2.65 -4.03
N ASP A 104 12.23 1.52 -3.39
CA ASP A 104 11.93 1.36 -1.96
C ASP A 104 12.89 2.19 -1.12
N LEU A 105 12.38 3.25 -0.51
CA LEU A 105 13.18 4.13 0.33
C LEU A 105 13.43 3.49 1.69
N ASP A 106 12.43 2.80 2.21
CA ASP A 106 12.54 2.14 3.50
C ASP A 106 12.38 0.62 3.36
N PRO A 107 13.43 -0.03 2.87
CA PRO A 107 13.43 -1.48 2.67
C PRO A 107 13.45 -2.24 3.98
N ASN A 108 13.69 -1.53 5.07
CA ASN A 108 13.74 -2.15 6.40
C ASN A 108 12.35 -2.56 6.85
N ASN A 109 11.35 -1.78 6.47
CA ASN A 109 9.96 -2.07 6.84
C ASN A 109 9.81 -2.18 8.35
N VAL A 110 10.53 -1.31 9.07
CA VAL A 110 10.48 -1.31 10.52
C VAL A 110 9.61 -0.16 11.03
N ILE A 111 9.43 0.86 10.21
CA ILE A 111 8.63 2.02 10.57
C ILE A 111 7.15 1.69 10.51
N ILE A 112 6.72 1.09 9.40
CA ILE A 112 5.32 0.72 9.22
C ILE A 112 4.81 -0.13 10.39
N GLU A 113 5.74 -0.79 11.08
CA GLU A 113 5.38 -1.63 12.22
C GLU A 113 4.79 -0.80 13.34
N SER A 114 3.55 -1.12 13.71
CA SER A 114 2.85 -0.40 14.76
C SER A 114 3.04 -1.10 16.11
N GLY A 115 3.83 -0.48 16.98
CA GLY A 115 4.08 -1.06 18.29
C GLY A 115 4.75 -0.09 19.24
N PRO A 116 5.43 -0.62 20.26
CA PRO A 116 6.13 0.20 21.26
C PRO A 116 7.35 0.89 20.68
N SER A 117 7.83 0.40 19.53
CA SER A 117 8.99 0.97 18.88
C SER A 117 8.60 2.10 17.93
N SER A 118 8.45 3.30 18.49
CA SER A 118 8.07 4.47 17.70
C SER A 118 9.30 5.18 17.15
N GLY A 119 9.09 6.01 16.13
CA GLY A 119 10.19 6.74 15.52
C GLY A 119 11.47 5.93 15.50
N GLY A 1 1.16 -5.25 26.82
CA GLY A 1 1.91 -6.14 25.95
C GLY A 1 2.34 -5.47 24.66
N SER A 2 3.55 -4.94 24.64
CA SER A 2 4.09 -4.27 23.47
C SER A 2 4.27 -5.25 22.31
N SER A 3 3.20 -5.46 21.55
CA SER A 3 3.24 -6.38 20.42
C SER A 3 2.66 -5.72 19.17
N GLY A 4 3.12 -6.18 18.00
CA GLY A 4 2.63 -5.63 16.75
C GLY A 4 2.96 -6.51 15.56
N SER A 5 1.99 -6.70 14.67
CA SER A 5 2.18 -7.52 13.50
C SER A 5 1.16 -7.18 12.42
N SER A 6 1.64 -6.55 11.34
CA SER A 6 0.77 -6.15 10.24
C SER A 6 0.12 -7.37 9.60
N GLY A 7 -1.13 -7.64 9.99
CA GLY A 7 -1.85 -8.77 9.44
C GLY A 7 -1.72 -10.01 10.31
N MET A 8 -2.76 -10.83 10.33
CA MET A 8 -2.76 -12.05 11.12
C MET A 8 -3.48 -13.18 10.38
N ASN A 9 -2.86 -14.35 10.36
CA ASN A 9 -3.43 -15.51 9.69
C ASN A 9 -2.97 -16.81 10.35
N SER A 10 -3.43 -17.93 9.81
CA SER A 10 -3.06 -19.24 10.34
C SER A 10 -2.56 -20.17 9.24
N GLY A 11 -3.27 -20.19 8.12
CA GLY A 11 -2.89 -21.03 7.01
C GLY A 11 -4.07 -21.42 6.14
N ARG A 12 -4.83 -20.43 5.69
CA ARG A 12 -5.99 -20.68 4.85
C ARG A 12 -5.70 -20.31 3.40
N PRO A 13 -6.26 -21.10 2.47
CA PRO A 13 -6.07 -20.88 1.03
C PRO A 13 -6.79 -19.63 0.53
N GLU A 14 -6.47 -19.20 -0.67
CA GLU A 14 -7.09 -18.02 -1.26
C GLU A 14 -7.52 -18.28 -2.69
N THR A 15 -8.63 -17.67 -3.11
CA THR A 15 -9.15 -17.85 -4.45
C THR A 15 -8.97 -16.57 -5.27
N MET A 16 -8.56 -15.50 -4.61
CA MET A 16 -8.36 -14.22 -5.28
C MET A 16 -6.95 -13.68 -5.02
N GLU A 17 -6.10 -13.75 -6.03
CA GLU A 17 -4.73 -13.28 -5.91
C GLU A 17 -4.49 -12.08 -6.83
N ASN A 18 -5.56 -11.54 -7.38
CA ASN A 18 -5.46 -10.39 -8.28
C ASN A 18 -4.49 -9.35 -7.72
N LEU A 19 -4.73 -8.94 -6.48
CA LEU A 19 -3.87 -7.95 -5.84
C LEU A 19 -2.43 -8.44 -5.74
N PRO A 20 -1.49 -7.49 -5.64
CA PRO A 20 -0.06 -7.82 -5.54
C PRO A 20 0.31 -8.45 -4.21
N ALA A 21 1.59 -8.73 -4.02
CA ALA A 21 2.07 -9.34 -2.79
C ALA A 21 2.41 -8.27 -1.75
N LEU A 22 2.72 -8.72 -0.54
CA LEU A 22 3.07 -7.81 0.56
C LEU A 22 4.39 -7.11 0.26
N TYR A 23 4.48 -5.84 0.63
CA TYR A 23 5.69 -5.06 0.42
C TYR A 23 5.97 -4.88 -1.07
N THR A 24 4.92 -4.93 -1.87
CA THR A 24 5.05 -4.80 -3.31
C THR A 24 4.98 -3.32 -3.73
N ILE A 25 5.86 -2.92 -4.63
CA ILE A 25 5.90 -1.55 -5.10
C ILE A 25 5.29 -1.44 -6.50
N PHE A 26 4.34 -0.52 -6.66
CA PHE A 26 3.68 -0.31 -7.94
C PHE A 26 3.21 1.13 -8.08
N GLN A 27 3.00 1.55 -9.33
CA GLN A 27 2.54 2.92 -9.60
C GLN A 27 1.02 2.97 -9.73
N GLY A 28 0.38 3.81 -8.92
CA GLY A 28 -1.05 3.94 -8.97
C GLY A 28 -1.50 5.38 -9.06
N GLU A 29 -2.77 5.58 -9.44
CA GLU A 29 -3.32 6.92 -9.58
C GLU A 29 -4.36 7.19 -8.50
N VAL A 30 -4.37 8.42 -7.98
CA VAL A 30 -5.32 8.81 -6.95
C VAL A 30 -6.75 8.80 -7.48
N ALA A 31 -7.65 8.17 -6.73
CA ALA A 31 -9.04 8.10 -7.12
C ALA A 31 -9.95 8.76 -6.09
N MET A 32 -9.45 8.88 -4.86
CA MET A 32 -10.21 9.49 -3.78
C MET A 32 -9.28 10.21 -2.79
N VAL A 33 -9.69 11.38 -2.34
CA VAL A 33 -8.90 12.16 -1.40
C VAL A 33 -9.69 12.45 -0.13
N THR A 34 -9.12 12.07 1.02
CA THR A 34 -9.77 12.28 2.30
C THR A 34 -8.82 12.94 3.30
N ASP A 35 -9.37 13.53 4.35
CA ASP A 35 -8.57 14.20 5.36
C ASP A 35 -7.83 13.18 6.21
N TYR A 36 -8.06 11.90 5.94
CA TYR A 36 -7.41 10.82 6.69
C TYR A 36 -6.58 9.94 5.76
N GLY A 37 -6.41 10.40 4.52
CA GLY A 37 -5.63 9.65 3.55
C GLY A 37 -6.20 9.74 2.15
N ALA A 38 -5.63 8.98 1.23
CA ALA A 38 -6.08 8.98 -0.15
C ALA A 38 -6.09 7.57 -0.74
N PHE A 39 -6.98 7.34 -1.70
CA PHE A 39 -7.09 6.03 -2.34
C PHE A 39 -6.23 5.97 -3.60
N ILE A 40 -5.49 4.88 -3.76
CA ILE A 40 -4.64 4.70 -4.92
C ILE A 40 -5.06 3.48 -5.74
N LYS A 41 -5.35 3.70 -7.02
CA LYS A 41 -5.78 2.62 -7.91
C LYS A 41 -4.58 1.75 -8.30
N ILE A 42 -4.77 0.45 -8.22
CA ILE A 42 -3.71 -0.50 -8.57
C ILE A 42 -3.78 -0.87 -10.05
N PRO A 43 -2.62 -0.82 -10.72
CA PRO A 43 -2.53 -1.15 -12.15
C PRO A 43 -2.71 -2.64 -12.41
N GLY A 44 -3.61 -2.96 -13.33
CA GLY A 44 -3.88 -4.35 -13.66
C GLY A 44 -4.86 -5.00 -12.71
N CYS A 45 -4.76 -4.64 -11.43
CA CYS A 45 -5.64 -5.19 -10.42
C CYS A 45 -7.02 -4.52 -10.46
N ARG A 46 -7.90 -4.93 -9.56
CA ARG A 46 -9.24 -4.37 -9.50
C ARG A 46 -9.46 -3.61 -8.20
N LYS A 47 -9.07 -4.23 -7.08
CA LYS A 47 -9.22 -3.61 -5.77
C LYS A 47 -8.20 -2.49 -5.58
N GLN A 48 -8.55 -1.51 -4.74
CA GLN A 48 -7.65 -0.39 -4.47
C GLN A 48 -7.23 -0.38 -3.01
N GLY A 49 -6.22 0.43 -2.69
CA GLY A 49 -5.74 0.52 -1.34
C GLY A 49 -5.80 1.94 -0.79
N LEU A 50 -5.89 2.06 0.53
CA LEU A 50 -5.96 3.37 1.17
C LEU A 50 -4.62 3.75 1.78
N VAL A 51 -4.23 5.00 1.61
CA VAL A 51 -2.96 5.49 2.14
C VAL A 51 -3.19 6.49 3.28
N HIS A 52 -3.01 6.03 4.51
CA HIS A 52 -3.19 6.87 5.68
C HIS A 52 -2.40 8.16 5.55
N ARG A 53 -2.87 9.21 6.21
CA ARG A 53 -2.20 10.51 6.18
C ARG A 53 -0.77 10.40 6.70
N THR A 54 -0.56 9.49 7.65
CA THR A 54 0.76 9.29 8.24
C THR A 54 1.75 8.77 7.20
N HIS A 55 1.24 8.04 6.22
CA HIS A 55 2.07 7.47 5.16
C HIS A 55 2.17 8.43 3.99
N MET A 56 1.11 9.19 3.75
CA MET A 56 1.08 10.15 2.66
C MET A 56 2.38 10.94 2.58
N SER A 57 2.99 11.17 3.73
CA SER A 57 4.25 11.91 3.80
C SER A 57 5.00 11.59 5.08
N SER A 58 6.33 11.60 5.00
CA SER A 58 7.17 11.30 6.14
C SER A 58 6.96 12.33 7.25
N CYS A 59 7.35 13.57 6.98
CA CYS A 59 7.21 14.64 7.95
C CYS A 59 5.78 14.75 8.45
N ARG A 60 5.51 15.76 9.27
CA ARG A 60 4.17 15.96 9.82
C ARG A 60 3.15 16.17 8.70
N VAL A 61 1.87 16.16 9.06
CA VAL A 61 0.81 16.35 8.10
C VAL A 61 -0.36 17.13 8.70
N ASP A 62 -0.85 18.12 7.97
CA ASP A 62 -1.96 18.94 8.44
C ASP A 62 -3.16 18.82 7.52
N LYS A 63 -2.88 18.70 6.21
CA LYS A 63 -3.94 18.58 5.22
C LYS A 63 -3.46 17.74 4.04
N PRO A 64 -3.95 16.49 3.96
CA PRO A 64 -3.59 15.57 2.88
C PRO A 64 -4.19 15.98 1.54
N SER A 65 -5.22 16.82 1.59
CA SER A 65 -5.89 17.29 0.39
C SER A 65 -5.03 18.30 -0.35
N GLU A 66 -3.90 18.66 0.24
CA GLU A 66 -2.98 19.62 -0.35
C GLU A 66 -1.72 18.94 -0.87
N ILE A 67 -1.61 17.64 -0.61
CA ILE A 67 -0.46 16.87 -1.04
C ILE A 67 -0.73 16.19 -2.38
N VAL A 68 -1.88 15.54 -2.49
CA VAL A 68 -2.26 14.85 -3.72
C VAL A 68 -3.62 15.32 -4.20
N ASP A 69 -3.99 14.92 -5.42
CA ASP A 69 -5.26 15.28 -6.01
C ASP A 69 -5.66 14.30 -7.10
N VAL A 70 -6.94 13.90 -7.10
CA VAL A 70 -7.44 12.96 -8.09
C VAL A 70 -6.83 13.23 -9.46
N GLY A 71 -6.13 12.23 -10.00
CA GLY A 71 -5.50 12.38 -11.29
C GLY A 71 -3.99 12.24 -11.23
N ASP A 72 -3.42 12.59 -10.08
CA ASP A 72 -1.98 12.50 -9.88
C ASP A 72 -1.55 11.07 -9.61
N LYS A 73 -0.58 10.58 -10.38
CA LYS A 73 -0.08 9.22 -10.23
C LYS A 73 1.24 9.22 -9.44
N VAL A 74 1.32 8.34 -8.45
CA VAL A 74 2.52 8.23 -7.63
C VAL A 74 2.83 6.77 -7.30
N TRP A 75 4.01 6.54 -6.73
CA TRP A 75 4.43 5.19 -6.37
C TRP A 75 4.05 4.86 -4.93
N VAL A 76 3.61 3.63 -4.69
CA VAL A 76 3.22 3.21 -3.35
C VAL A 76 3.74 1.80 -3.05
N LYS A 77 3.77 1.45 -1.78
CA LYS A 77 4.23 0.13 -1.36
C LYS A 77 3.29 -0.47 -0.32
N LEU A 78 2.82 -1.69 -0.60
CA LEU A 78 1.91 -2.38 0.30
C LEU A 78 2.56 -2.61 1.67
N ILE A 79 1.85 -2.24 2.71
CA ILE A 79 2.35 -2.40 4.08
C ILE A 79 1.52 -3.42 4.86
N GLY A 80 0.26 -3.57 4.47
CA GLY A 80 -0.61 -4.50 5.13
C GLY A 80 -1.86 -4.81 4.33
N ARG A 81 -1.92 -6.03 3.79
CA ARG A 81 -3.06 -6.45 2.99
C ARG A 81 -3.79 -7.63 3.65
N GLU A 82 -5.11 -7.57 3.66
CA GLU A 82 -5.92 -8.63 4.26
C GLU A 82 -7.24 -8.78 3.51
N MET A 83 -7.50 -10.00 3.03
CA MET A 83 -8.73 -10.28 2.31
C MET A 83 -9.58 -11.30 3.06
N LYS A 84 -10.75 -10.86 3.52
CA LYS A 84 -11.66 -11.72 4.26
C LYS A 84 -12.97 -11.90 3.50
N ASN A 85 -13.54 -13.11 3.58
CA ASN A 85 -14.79 -13.41 2.90
C ASN A 85 -15.90 -12.48 3.37
N ASP A 86 -15.65 -11.79 4.47
CA ASP A 86 -16.64 -10.86 5.04
C ASP A 86 -16.28 -9.42 4.68
N ARG A 87 -14.99 -9.15 4.51
CA ARG A 87 -14.52 -7.82 4.17
C ARG A 87 -13.06 -7.84 3.73
N ILE A 88 -12.66 -6.82 2.98
CA ILE A 88 -11.29 -6.74 2.49
C ILE A 88 -10.65 -5.40 2.88
N LYS A 89 -9.45 -5.47 3.44
CA LYS A 89 -8.74 -4.27 3.85
C LYS A 89 -7.36 -4.21 3.21
N VAL A 90 -7.05 -3.07 2.59
CA VAL A 90 -5.77 -2.89 1.93
C VAL A 90 -5.12 -1.56 2.35
N SER A 91 -3.87 -1.63 2.79
CA SER A 91 -3.15 -0.44 3.22
C SER A 91 -1.88 -0.24 2.39
N LEU A 92 -1.68 0.97 1.91
CA LEU A 92 -0.50 1.29 1.10
C LEU A 92 0.29 2.45 1.72
N SER A 93 1.56 2.55 1.35
CA SER A 93 2.41 3.61 1.87
C SER A 93 2.99 4.45 0.73
N MET A 94 3.28 5.72 1.02
CA MET A 94 3.82 6.63 0.02
C MET A 94 5.14 7.22 0.50
N LYS A 95 5.33 7.25 1.81
CA LYS A 95 6.55 7.80 2.40
C LYS A 95 7.70 6.79 2.31
N VAL A 96 7.35 5.52 2.17
CA VAL A 96 8.34 4.46 2.06
C VAL A 96 8.57 4.06 0.62
N VAL A 97 8.36 5.01 -0.30
CA VAL A 97 8.55 4.75 -1.72
C VAL A 97 8.96 6.01 -2.46
N ASN A 98 10.04 5.91 -3.23
CA ASN A 98 10.54 7.05 -4.00
C ASN A 98 9.50 7.54 -4.99
N GLN A 99 9.34 8.86 -5.08
CA GLN A 99 8.37 9.45 -6.00
C GLN A 99 9.05 9.96 -7.26
N GLY A 100 9.89 9.13 -7.85
CA GLY A 100 10.60 9.51 -9.06
C GLY A 100 11.11 8.32 -9.85
N THR A 101 11.62 7.31 -9.13
CA THR A 101 12.15 6.12 -9.76
C THR A 101 11.36 4.88 -9.33
N GLY A 102 10.75 4.96 -8.16
CA GLY A 102 9.99 3.83 -7.65
C GLY A 102 10.85 2.79 -6.97
N LYS A 103 11.95 3.24 -6.37
CA LYS A 103 12.87 2.34 -5.69
C LYS A 103 12.49 2.21 -4.21
N ASP A 104 12.49 0.98 -3.71
CA ASP A 104 12.14 0.71 -2.32
C ASP A 104 13.07 1.48 -1.38
N LEU A 105 12.48 2.19 -0.43
CA LEU A 105 13.25 2.98 0.53
C LEU A 105 13.36 2.25 1.88
N ASP A 106 12.37 1.40 2.15
CA ASP A 106 12.36 0.65 3.40
C ASP A 106 12.37 -0.86 3.12
N PRO A 107 13.55 -1.38 2.75
CA PRO A 107 13.72 -2.81 2.45
C PRO A 107 13.62 -3.68 3.69
N ASN A 108 13.38 -3.04 4.84
CA ASN A 108 13.25 -3.77 6.10
C ASN A 108 11.79 -3.88 6.51
N ASN A 109 11.02 -2.82 6.28
CA ASN A 109 9.61 -2.80 6.62
C ASN A 109 9.42 -2.78 8.14
N VAL A 110 10.11 -1.87 8.80
CA VAL A 110 10.02 -1.75 10.26
C VAL A 110 9.19 -0.54 10.66
N ILE A 111 9.25 0.51 9.85
CA ILE A 111 8.50 1.74 10.11
C ILE A 111 7.00 1.49 10.03
N ILE A 112 6.56 0.90 8.93
CA ILE A 112 5.14 0.60 8.72
C ILE A 112 4.57 -0.17 9.90
N GLU A 113 5.44 -0.86 10.64
CA GLU A 113 5.02 -1.64 11.80
C GLU A 113 4.93 -0.75 13.03
N SER A 114 6.03 -0.11 13.39
CA SER A 114 6.06 0.76 14.55
C SER A 114 4.80 1.60 14.65
N GLY A 115 3.97 1.30 15.66
CA GLY A 115 2.74 2.04 15.83
C GLY A 115 1.51 1.17 15.66
N PRO A 116 1.17 0.40 16.70
CA PRO A 116 0.01 -0.49 16.68
C PRO A 116 -1.31 0.26 16.68
N SER A 117 -2.40 -0.44 16.34
CA SER A 117 -3.72 0.17 16.31
C SER A 117 -4.58 -0.31 17.46
N SER A 118 -5.10 0.62 18.24
CA SER A 118 -5.95 0.28 19.39
C SER A 118 -7.08 -0.65 18.97
N GLY A 119 -7.49 -1.52 19.89
CA GLY A 119 -8.56 -2.46 19.59
C GLY A 119 -8.14 -3.53 18.61
#